data_3WCE
#
_entry.id   3WCE
#
_cell.length_a   78.812
_cell.length_b   131.421
_cell.length_c   142.228
_cell.angle_alpha   90.00
_cell.angle_beta   90.00
_cell.angle_gamma   90.00
#
_symmetry.space_group_name_H-M   'P 21 21 21'
#
loop_
_entity.id
_entity.type
_entity.pdbx_description
1 polymer 'Farnesyltransferase, putative'
2 non-polymer (3R)-3-{[2-benzyl-6-(3-methoxypropoxy)pyridin-3-yl]ethynyl}-1-azabicyclo[2.2.2]octan-3-ol
3 water water
#
_entity_poly.entity_id   1
_entity_poly.type   'polypeptide(L)'
_entity_poly.pdbx_seq_one_letter_code
;MGSSHHHHHHSSGLVPRGSHMACNDEDLRFCYDILQAVSRSFAVVIMELDEEMRDAVCIFYLVLRALDTVEDDMSIPVEF
KLRELPKFHEHLHDTTWCMSGVGVGRERELLERYTHVTRAYSRLGKAYQDVISGICERMANGMCDFLTRKVETKADYDLY
CHYVAGLVGHGLTLLYVSSGLEDVRLADDLTNANHMGLFLQKTNIIRDFYEDICEVPPRVFWPREIWEKYTDDLHAFKDE
LHEAKAVECLNAMVADALVHVPHVVEYLASLRDPSVFAFSAIPQVMAMATLSLVFNNKDVFHTKVKTTRGATARIFHYST
ELQATLQMLKTYTLRLAARMNAQDACYDRIEHLVNDAIRAMESHQ
;
_entity_poly.pdbx_strand_id   A,B,C,D
#
# COMPACT_ATOMS: atom_id res chain seq x y z
N ASP A 25 -5.84 53.04 2.44
CA ASP A 25 -5.20 51.99 1.61
C ASP A 25 -6.14 51.57 0.48
N GLU A 26 -5.56 51.05 -0.60
CA GLU A 26 -6.34 50.62 -1.76
C GLU A 26 -5.41 50.04 -2.82
N ASP A 27 -4.21 50.61 -2.92
CA ASP A 27 -3.23 50.16 -3.88
C ASP A 27 -2.98 48.66 -3.75
N LEU A 28 -2.65 48.22 -2.55
CA LEU A 28 -2.39 46.80 -2.30
C LEU A 28 -3.58 45.97 -2.73
N ARG A 29 -4.78 46.38 -2.32
CA ARG A 29 -6.00 45.67 -2.65
C ARG A 29 -6.17 45.51 -4.16
N PHE A 30 -5.58 46.42 -4.93
CA PHE A 30 -5.66 46.32 -6.38
C PHE A 30 -4.67 45.25 -6.83
N CYS A 31 -3.43 45.37 -6.37
CA CYS A 31 -2.37 44.41 -6.70
C CYS A 31 -2.84 42.98 -6.44
N TYR A 32 -3.48 42.77 -5.30
CA TYR A 32 -3.97 41.46 -4.93
C TYR A 32 -5.20 41.08 -5.75
N ASP A 33 -5.94 42.07 -6.21
CA ASP A 33 -7.14 41.84 -7.02
C ASP A 33 -6.73 41.51 -8.45
N ILE A 34 -5.68 42.18 -8.93
CA ILE A 34 -5.19 41.96 -10.29
C ILE A 34 -4.42 40.63 -10.32
N LEU A 35 -3.84 40.28 -9.18
CA LEU A 35 -3.06 39.05 -9.05
C LEU A 35 -3.91 37.81 -9.33
N GLN A 36 -4.90 37.57 -8.49
CA GLN A 36 -5.78 36.42 -8.65
C GLN A 36 -6.44 36.41 -10.02
N ALA A 37 -6.46 37.56 -10.67
CA ALA A 37 -7.07 37.70 -11.99
C ALA A 37 -6.12 37.20 -13.08
N VAL A 38 -4.86 37.58 -12.98
CA VAL A 38 -3.85 37.19 -13.96
C VAL A 38 -3.31 35.77 -13.72
N SER A 39 -3.32 35.34 -12.46
CA SER A 39 -2.83 34.00 -12.13
C SER A 39 -3.43 33.50 -10.81
N ARG A 40 -4.59 32.84 -10.92
CA ARG A 40 -5.28 32.29 -9.76
C ARG A 40 -4.40 31.43 -8.86
N SER A 41 -3.92 30.32 -9.42
CA SER A 41 -3.06 29.40 -8.70
C SER A 41 -2.04 30.08 -7.81
N PHE A 42 -1.14 30.84 -8.41
CA PHE A 42 -0.11 31.54 -7.65
C PHE A 42 -0.75 32.44 -6.59
N ALA A 43 -1.89 33.02 -6.92
CA ALA A 43 -2.60 33.91 -6.00
C ALA A 43 -3.12 33.15 -4.79
N VAL A 44 -3.11 31.82 -4.87
CA VAL A 44 -3.57 30.99 -3.76
C VAL A 44 -2.34 30.58 -2.95
N VAL A 45 -1.28 30.22 -3.66
CA VAL A 45 -0.04 29.80 -3.02
C VAL A 45 0.59 30.94 -2.24
N ILE A 46 0.60 32.13 -2.84
CA ILE A 46 1.18 33.30 -2.20
C ILE A 46 0.56 33.58 -0.83
N MET A 47 -0.63 33.05 -0.60
CA MET A 47 -1.31 33.24 0.67
C MET A 47 -0.65 32.45 1.79
N GLU A 48 0.31 31.61 1.44
CA GLU A 48 1.02 30.82 2.43
C GLU A 48 2.04 31.69 3.16
N LEU A 49 2.33 32.86 2.59
CA LEU A 49 3.27 33.79 3.19
C LEU A 49 2.56 34.79 4.08
N ASP A 50 3.28 35.32 5.06
CA ASP A 50 2.72 36.31 5.99
C ASP A 50 2.56 37.65 5.31
N GLU A 51 1.62 38.45 5.80
CA GLU A 51 1.34 39.77 5.23
C GLU A 51 2.63 40.51 4.88
N GLU A 52 3.63 40.40 5.74
CA GLU A 52 4.93 41.03 5.53
C GLU A 52 5.53 40.63 4.20
N MET A 53 5.98 39.38 4.12
CA MET A 53 6.61 38.84 2.92
C MET A 53 5.66 38.80 1.73
N ARG A 54 4.37 38.58 2.00
CA ARG A 54 3.37 38.51 0.94
C ARG A 54 3.24 39.80 0.15
N ASP A 55 3.17 40.93 0.84
CA ASP A 55 3.04 42.22 0.17
C ASP A 55 4.18 42.45 -0.81
N ALA A 56 5.37 42.01 -0.44
CA ALA A 56 6.55 42.18 -1.28
C ALA A 56 6.51 41.29 -2.52
N VAL A 57 6.26 40.00 -2.32
CA VAL A 57 6.21 39.05 -3.42
C VAL A 57 5.10 39.37 -4.41
N CYS A 58 3.96 39.84 -3.90
CA CYS A 58 2.83 40.18 -4.75
C CYS A 58 3.21 41.29 -5.73
N ILE A 59 3.92 42.30 -5.23
CA ILE A 59 4.35 43.42 -6.06
C ILE A 59 5.50 42.96 -6.96
N PHE A 60 6.32 42.06 -6.42
CA PHE A 60 7.46 41.53 -7.17
C PHE A 60 6.94 40.76 -8.38
N TYR A 61 5.84 40.05 -8.20
CA TYR A 61 5.23 39.26 -9.26
C TYR A 61 4.62 40.17 -10.32
N LEU A 62 3.88 41.18 -9.88
CA LEU A 62 3.24 42.12 -10.80
C LEU A 62 4.25 42.88 -11.65
N VAL A 63 5.39 43.21 -11.07
CA VAL A 63 6.43 43.93 -11.81
C VAL A 63 6.94 43.04 -12.93
N LEU A 64 7.36 41.83 -12.58
CA LEU A 64 7.85 40.88 -13.57
C LEU A 64 6.72 40.54 -14.53
N ARG A 65 5.49 40.59 -14.02
CA ARG A 65 4.33 40.28 -14.83
C ARG A 65 4.15 41.33 -15.93
N ALA A 66 3.98 42.58 -15.51
CA ALA A 66 3.82 43.68 -16.46
C ALA A 66 4.96 43.66 -17.46
N LEU A 67 6.13 43.23 -17.00
CA LEU A 67 7.31 43.15 -17.84
C LEU A 67 7.12 42.11 -18.93
N ASP A 68 6.57 40.96 -18.56
CA ASP A 68 6.33 39.88 -19.51
C ASP A 68 5.20 40.26 -20.45
N THR A 69 4.26 41.04 -19.94
CA THR A 69 3.11 41.49 -20.74
C THR A 69 3.61 42.24 -21.97
N VAL A 70 4.80 42.81 -21.86
CA VAL A 70 5.40 43.56 -22.96
C VAL A 70 6.12 42.63 -23.93
N GLU A 71 6.89 41.69 -23.39
CA GLU A 71 7.64 40.74 -24.19
C GLU A 71 6.76 39.81 -25.01
N ASP A 72 5.82 39.15 -24.34
CA ASP A 72 4.93 38.20 -24.99
C ASP A 72 3.89 38.81 -25.95
N ASP A 73 3.80 40.14 -25.97
CA ASP A 73 2.84 40.80 -26.86
C ASP A 73 3.43 41.02 -28.25
N MET A 74 3.06 40.16 -29.19
CA MET A 74 3.55 40.23 -30.56
C MET A 74 2.80 41.28 -31.39
N SER A 75 1.85 41.97 -30.77
CA SER A 75 1.07 42.98 -31.46
C SER A 75 1.87 44.27 -31.67
N ILE A 76 2.97 44.42 -30.94
CA ILE A 76 3.79 45.61 -31.04
C ILE A 76 5.19 45.32 -31.59
N PRO A 77 5.88 46.35 -32.10
CA PRO A 77 7.22 46.25 -32.67
C PRO A 77 8.29 45.90 -31.64
N VAL A 78 9.41 45.38 -32.12
CA VAL A 78 10.51 44.99 -31.26
C VAL A 78 11.30 46.21 -30.77
N GLU A 79 11.41 47.24 -31.61
CA GLU A 79 12.14 48.44 -31.24
C GLU A 79 11.43 49.19 -30.12
N PHE A 80 10.16 48.85 -29.89
CA PHE A 80 9.40 49.47 -28.82
C PHE A 80 9.79 48.80 -27.51
N LYS A 81 9.93 47.48 -27.57
CA LYS A 81 10.29 46.68 -26.40
C LYS A 81 11.72 46.93 -25.96
N LEU A 82 12.67 46.83 -26.89
CA LEU A 82 14.08 47.05 -26.57
C LEU A 82 14.31 48.47 -26.08
N ARG A 83 13.29 49.30 -26.23
CA ARG A 83 13.35 50.71 -25.82
C ARG A 83 12.72 50.90 -24.44
N GLU A 84 11.66 50.15 -24.17
CA GLU A 84 10.95 50.26 -22.90
C GLU A 84 11.44 49.33 -21.80
N LEU A 85 11.58 48.04 -22.12
CA LEU A 85 12.03 47.05 -21.14
C LEU A 85 13.30 47.42 -20.38
N PRO A 86 14.41 47.68 -21.11
CA PRO A 86 15.68 48.04 -20.47
C PRO A 86 15.57 49.05 -19.34
N LYS A 87 14.56 49.92 -19.41
CA LYS A 87 14.37 50.94 -18.39
C LYS A 87 13.01 50.80 -17.71
N PHE A 88 12.61 49.56 -17.45
CA PHE A 88 11.34 49.30 -16.80
C PHE A 88 11.43 49.57 -15.30
N HIS A 89 12.48 49.04 -14.67
CA HIS A 89 12.69 49.22 -13.24
C HIS A 89 12.70 50.69 -12.83
N GLU A 90 13.30 51.53 -13.66
CA GLU A 90 13.38 52.96 -13.37
C GLU A 90 12.01 53.55 -13.09
N HIS A 91 10.98 53.00 -13.74
CA HIS A 91 9.62 53.48 -13.57
C HIS A 91 9.06 53.20 -12.18
N LEU A 92 9.72 52.31 -11.45
CA LEU A 92 9.27 51.95 -10.10
C LEU A 92 9.26 53.15 -9.16
N HIS A 93 10.12 54.13 -9.43
CA HIS A 93 10.20 55.32 -8.59
C HIS A 93 9.32 56.44 -9.11
N ASP A 94 8.59 56.17 -10.19
CA ASP A 94 7.70 57.15 -10.78
C ASP A 94 6.26 56.67 -10.64
N THR A 95 5.69 56.94 -9.47
CA THR A 95 4.32 56.54 -9.16
C THR A 95 3.26 57.12 -10.10
N THR A 96 3.71 57.87 -11.11
CA THR A 96 2.77 58.48 -12.06
C THR A 96 2.71 57.64 -13.33
N TRP A 97 3.85 57.10 -13.73
CA TRP A 97 3.98 56.29 -14.93
C TRP A 97 2.89 55.23 -15.15
N CYS A 98 2.76 54.82 -16.41
CA CYS A 98 1.80 53.80 -16.81
C CYS A 98 1.82 53.66 -18.33
N MET A 99 1.55 52.44 -18.81
CA MET A 99 1.55 52.16 -20.25
C MET A 99 0.12 51.86 -20.65
N SER A 100 -0.32 52.41 -21.78
CA SER A 100 -1.69 52.19 -22.23
C SER A 100 -1.84 51.69 -23.67
N GLY A 101 -1.01 50.74 -24.07
CA GLY A 101 -1.11 50.22 -25.42
C GLY A 101 -0.48 48.86 -25.61
N VAL A 102 -0.41 48.07 -24.54
CA VAL A 102 0.19 46.75 -24.62
C VAL A 102 -0.57 45.71 -23.81
N GLY A 103 -0.51 44.46 -24.26
CA GLY A 103 -1.17 43.37 -23.56
C GLY A 103 -2.64 43.16 -23.85
N VAL A 104 -3.20 42.10 -23.25
CA VAL A 104 -4.60 41.74 -23.41
C VAL A 104 -5.32 41.69 -22.07
N GLY A 105 -6.58 42.10 -22.07
CA GLY A 105 -7.39 42.09 -20.87
C GLY A 105 -6.71 42.54 -19.60
N ARG A 106 -6.78 41.70 -18.57
CA ARG A 106 -6.19 41.99 -17.27
C ARG A 106 -4.78 42.56 -17.33
N GLU A 107 -3.86 41.78 -17.88
CA GLU A 107 -2.47 42.19 -18.00
C GLU A 107 -2.39 43.61 -18.57
N ARG A 108 -3.21 43.85 -19.59
CA ARG A 108 -3.27 45.16 -20.23
C ARG A 108 -3.65 46.20 -19.17
N GLU A 109 -4.62 45.85 -18.33
CA GLU A 109 -5.09 46.73 -17.27
C GLU A 109 -3.99 46.97 -16.25
N LEU A 110 -3.19 45.93 -16.01
CA LEU A 110 -2.09 46.00 -15.05
C LEU A 110 -1.13 47.13 -15.40
N LEU A 111 -0.93 47.34 -16.71
CA LEU A 111 -0.03 48.40 -17.17
C LEU A 111 -0.69 49.76 -17.15
N GLU A 112 -1.91 49.85 -17.66
CA GLU A 112 -2.64 51.11 -17.70
C GLU A 112 -2.80 51.69 -16.30
N ARG A 113 -2.68 50.83 -15.29
CA ARG A 113 -2.82 51.24 -13.90
C ARG A 113 -1.62 50.79 -13.08
N TYR A 114 -0.46 50.73 -13.73
CA TYR A 114 0.77 50.31 -13.09
C TYR A 114 1.06 51.17 -11.85
N THR A 115 0.39 52.31 -11.77
CA THR A 115 0.57 53.23 -10.65
C THR A 115 0.43 52.53 -9.31
N HIS A 116 -0.63 51.76 -9.14
CA HIS A 116 -0.85 51.04 -7.88
C HIS A 116 0.35 50.19 -7.49
N VAL A 117 0.95 49.54 -8.48
CA VAL A 117 2.12 48.69 -8.22
C VAL A 117 3.25 49.54 -7.63
N THR A 118 3.59 50.62 -8.33
CA THR A 118 4.63 51.52 -7.88
C THR A 118 4.27 52.17 -6.55
N ARG A 119 2.99 52.47 -6.37
CA ARG A 119 2.53 53.07 -5.12
C ARG A 119 2.96 52.17 -3.97
N ALA A 120 2.36 50.99 -3.92
CA ALA A 120 2.68 50.01 -2.89
C ALA A 120 4.18 49.76 -2.84
N TYR A 121 4.82 49.82 -4.01
CA TYR A 121 6.25 49.60 -4.09
C TYR A 121 7.01 50.55 -3.17
N SER A 122 6.65 51.83 -3.24
CA SER A 122 7.29 52.85 -2.42
C SER A 122 7.03 52.62 -0.93
N ARG A 123 6.05 51.78 -0.63
CA ARG A 123 5.70 51.48 0.76
C ARG A 123 6.41 50.23 1.27
N LEU A 124 7.29 49.66 0.45
CA LEU A 124 8.03 48.46 0.84
C LEU A 124 9.38 48.86 1.41
N GLY A 125 9.99 47.96 2.17
CA GLY A 125 11.29 48.25 2.75
C GLY A 125 12.31 48.40 1.65
N LYS A 126 13.27 49.32 1.82
CA LYS A 126 14.30 49.54 0.82
C LYS A 126 14.91 48.23 0.34
N ALA A 127 15.25 47.36 1.29
CA ALA A 127 15.84 46.07 0.96
C ALA A 127 15.01 45.33 -0.08
N TYR A 128 13.69 45.29 0.12
CA TYR A 128 12.80 44.62 -0.82
C TYR A 128 12.78 45.36 -2.16
N GLN A 129 12.54 46.66 -2.10
CA GLN A 129 12.49 47.50 -3.30
C GLN A 129 13.67 47.23 -4.22
N ASP A 130 14.88 47.30 -3.67
CA ASP A 130 16.08 47.09 -4.46
C ASP A 130 16.15 45.71 -5.10
N VAL A 131 15.81 44.68 -4.34
CA VAL A 131 15.84 43.32 -4.87
C VAL A 131 14.85 43.19 -6.03
N ILE A 132 13.69 43.83 -5.89
CA ILE A 132 12.66 43.79 -6.92
C ILE A 132 13.12 44.52 -8.17
N SER A 133 13.95 45.55 -7.98
CA SER A 133 14.46 46.34 -9.11
C SER A 133 15.61 45.63 -9.79
N GLY A 134 16.53 45.10 -9.00
CA GLY A 134 17.67 44.40 -9.56
C GLY A 134 17.24 43.26 -10.47
N ILE A 135 16.27 42.49 -10.02
CA ILE A 135 15.75 41.37 -10.80
C ILE A 135 14.98 41.86 -12.02
N CYS A 136 14.17 42.90 -11.83
CA CYS A 136 13.38 43.46 -12.92
C CYS A 136 14.27 43.92 -14.07
N GLU A 137 15.37 44.57 -13.74
CA GLU A 137 16.30 45.07 -14.75
C GLU A 137 17.04 43.90 -15.40
N ARG A 138 17.67 43.07 -14.59
CA ARG A 138 18.42 41.94 -15.10
C ARG A 138 17.53 41.05 -15.98
N MET A 139 16.25 40.97 -15.63
CA MET A 139 15.31 40.16 -16.41
C MET A 139 14.94 40.92 -17.68
N ALA A 140 14.68 42.21 -17.53
CA ALA A 140 14.32 43.05 -18.67
C ALA A 140 15.37 42.92 -19.76
N ASN A 141 16.64 43.01 -19.36
CA ASN A 141 17.74 42.89 -20.31
C ASN A 141 17.71 41.51 -20.96
N GLY A 142 17.68 40.47 -20.14
CA GLY A 142 17.65 39.12 -20.65
C GLY A 142 16.56 38.92 -21.70
N MET A 143 15.38 39.47 -21.44
CA MET A 143 14.26 39.34 -22.37
C MET A 143 14.62 39.98 -23.71
N CYS A 144 15.33 41.10 -23.66
CA CYS A 144 15.75 41.80 -24.87
C CYS A 144 16.72 40.97 -25.69
N ASP A 145 17.63 40.28 -25.03
CA ASP A 145 18.61 39.44 -25.71
C ASP A 145 17.93 38.39 -26.56
N PHE A 146 16.99 37.66 -25.96
CA PHE A 146 16.25 36.62 -26.65
C PHE A 146 15.06 37.17 -27.42
N LEU A 147 14.96 38.49 -27.49
CA LEU A 147 13.86 39.13 -28.20
C LEU A 147 14.31 39.38 -29.64
N THR A 148 15.63 39.30 -29.86
CA THR A 148 16.20 39.50 -31.19
C THR A 148 16.98 38.27 -31.66
N ARG A 149 16.57 37.10 -31.17
CA ARG A 149 17.18 35.83 -31.52
C ARG A 149 16.39 34.68 -30.89
N LYS A 150 16.52 33.49 -31.47
CA LYS A 150 15.80 32.32 -30.97
C LYS A 150 16.62 31.43 -30.05
N VAL A 151 15.99 30.35 -29.61
CA VAL A 151 16.62 29.37 -28.72
C VAL A 151 17.06 28.17 -29.56
N GLU A 152 18.36 28.07 -29.80
CA GLU A 152 18.89 26.97 -30.60
C GLU A 152 19.60 25.91 -29.77
N THR A 153 20.53 26.36 -28.93
CA THR A 153 21.30 25.45 -28.08
C THR A 153 20.64 25.19 -26.73
N LYS A 154 21.18 24.24 -25.98
CA LYS A 154 20.65 23.92 -24.66
C LYS A 154 21.04 25.07 -23.74
N ALA A 155 22.24 25.61 -23.96
CA ALA A 155 22.73 26.72 -23.17
C ALA A 155 21.74 27.86 -23.33
N ASP A 156 21.24 28.03 -24.54
CA ASP A 156 20.26 29.08 -24.83
C ASP A 156 19.04 28.79 -23.96
N TYR A 157 18.59 27.53 -24.01
CA TYR A 157 17.44 27.07 -23.25
C TYR A 157 17.61 27.42 -21.78
N ASP A 158 18.67 26.91 -21.17
CA ASP A 158 18.96 27.17 -19.76
C ASP A 158 19.08 28.66 -19.45
N LEU A 159 19.86 29.36 -20.27
CA LEU A 159 20.07 30.79 -20.07
C LEU A 159 18.75 31.57 -20.11
N TYR A 160 17.86 31.16 -21.01
CA TYR A 160 16.58 31.84 -21.13
C TYR A 160 15.73 31.63 -19.88
N CYS A 161 15.53 30.35 -19.53
CA CYS A 161 14.75 30.01 -18.36
C CYS A 161 15.31 30.75 -17.14
N HIS A 162 16.62 31.00 -17.17
CA HIS A 162 17.28 31.71 -16.10
C HIS A 162 16.76 33.15 -16.03
N TYR A 163 16.77 33.82 -17.17
CA TYR A 163 16.32 35.21 -17.24
C TYR A 163 14.86 35.39 -16.82
N VAL A 164 14.02 34.41 -17.13
CA VAL A 164 12.61 34.50 -16.80
C VAL A 164 12.15 33.70 -15.58
N ALA A 165 12.98 32.77 -15.11
CA ALA A 165 12.63 31.95 -13.96
C ALA A 165 13.73 31.89 -12.91
N GLY A 166 14.90 31.43 -13.34
CA GLY A 166 16.03 31.33 -12.42
C GLY A 166 16.20 32.57 -11.58
N LEU A 167 16.10 33.73 -12.21
CA LEU A 167 16.25 35.00 -11.48
C LEU A 167 15.17 35.16 -10.42
N VAL A 168 13.97 34.66 -10.70
CA VAL A 168 12.88 34.75 -9.73
C VAL A 168 13.31 33.98 -8.49
N GLY A 169 14.02 32.87 -8.72
CA GLY A 169 14.51 32.06 -7.61
C GLY A 169 15.50 32.87 -6.81
N HIS A 170 16.38 33.59 -7.51
CA HIS A 170 17.37 34.42 -6.85
C HIS A 170 16.66 35.48 -6.03
N GLY A 171 15.78 36.23 -6.69
CA GLY A 171 15.03 37.27 -6.02
C GLY A 171 14.34 36.80 -4.76
N LEU A 172 13.50 35.78 -4.89
CA LEU A 172 12.78 35.25 -3.74
C LEU A 172 13.72 34.87 -2.61
N THR A 173 14.79 34.14 -2.95
CA THR A 173 15.77 33.72 -1.95
C THR A 173 16.35 34.95 -1.24
N LEU A 174 16.61 36.01 -2.01
CA LEU A 174 17.15 37.24 -1.44
C LEU A 174 16.13 37.89 -0.53
N LEU A 175 14.86 37.79 -0.89
CA LEU A 175 13.78 38.35 -0.09
C LEU A 175 13.66 37.57 1.21
N TYR A 176 13.81 36.25 1.12
CA TYR A 176 13.72 35.40 2.30
C TYR A 176 14.81 35.79 3.30
N VAL A 177 16.04 35.93 2.80
CA VAL A 177 17.16 36.31 3.63
C VAL A 177 16.98 37.72 4.19
N SER A 178 16.63 38.66 3.31
CA SER A 178 16.43 40.04 3.71
C SER A 178 15.39 40.15 4.82
N SER A 179 14.27 39.46 4.66
CA SER A 179 13.19 39.49 5.63
C SER A 179 13.63 38.98 7.00
N GLY A 180 14.57 38.04 7.01
CA GLY A 180 15.05 37.50 8.26
C GLY A 180 14.46 36.14 8.60
N LEU A 181 13.40 35.75 7.90
CA LEU A 181 12.77 34.46 8.15
C LEU A 181 13.72 33.33 7.82
N GLU A 182 14.61 33.56 6.86
CA GLU A 182 15.59 32.56 6.47
C GLU A 182 17.00 33.04 6.80
N ASP A 183 17.90 32.11 7.04
CA ASP A 183 19.28 32.43 7.39
C ASP A 183 20.04 33.06 6.21
N VAL A 184 21.03 33.87 6.52
CA VAL A 184 21.83 34.55 5.51
C VAL A 184 22.66 33.57 4.67
N ARG A 185 22.95 32.40 5.23
CA ARG A 185 23.74 31.39 4.53
C ARG A 185 23.03 30.92 3.27
N LEU A 186 21.74 31.21 3.18
CA LEU A 186 20.95 30.78 2.03
C LEU A 186 21.35 31.48 0.74
N ALA A 187 21.67 32.76 0.82
CA ALA A 187 22.06 33.53 -0.35
C ALA A 187 23.53 33.41 -0.72
N ASP A 188 24.22 32.42 -0.17
CA ASP A 188 25.64 32.24 -0.47
C ASP A 188 25.83 31.73 -1.89
N ASP A 189 25.08 30.69 -2.27
CA ASP A 189 25.18 30.12 -3.60
C ASP A 189 23.78 29.99 -4.19
N LEU A 190 23.38 30.95 -5.02
CA LEU A 190 22.05 30.96 -5.62
C LEU A 190 21.90 29.92 -6.73
N THR A 191 22.78 28.93 -6.77
CA THR A 191 22.71 27.89 -7.79
C THR A 191 21.41 27.09 -7.69
N ASN A 192 21.16 26.50 -6.53
CA ASN A 192 19.95 25.71 -6.34
C ASN A 192 18.70 26.58 -6.45
N ALA A 193 18.86 27.87 -6.16
CA ALA A 193 17.73 28.79 -6.26
C ALA A 193 17.36 28.92 -7.73
N ASN A 194 18.38 28.94 -8.58
CA ASN A 194 18.18 29.04 -10.02
C ASN A 194 17.52 27.75 -10.51
N HIS A 195 17.93 26.62 -9.96
CA HIS A 195 17.37 25.33 -10.33
C HIS A 195 15.86 25.30 -10.07
N MET A 196 15.46 25.82 -8.91
CA MET A 196 14.05 25.87 -8.53
C MET A 196 13.22 26.46 -9.67
N GLY A 197 13.61 27.65 -10.11
CA GLY A 197 12.89 28.32 -11.19
C GLY A 197 12.95 27.60 -12.51
N LEU A 198 14.05 26.91 -12.77
CA LEU A 198 14.22 26.19 -14.03
C LEU A 198 13.30 24.97 -14.10
N PHE A 199 13.20 24.24 -12.99
CA PHE A 199 12.36 23.06 -12.95
C PHE A 199 10.91 23.43 -13.24
N LEU A 200 10.45 24.55 -12.70
CA LEU A 200 9.08 25.00 -12.92
C LEU A 200 8.88 25.45 -14.35
N GLN A 201 9.77 26.30 -14.85
CA GLN A 201 9.66 26.79 -16.21
C GLN A 201 9.74 25.70 -17.26
N LYS A 202 10.75 24.84 -17.15
CA LYS A 202 10.90 23.75 -18.10
C LYS A 202 9.66 22.86 -18.13
N THR A 203 9.09 22.62 -16.95
CA THR A 203 7.90 21.79 -16.88
C THR A 203 6.75 22.46 -17.63
N ASN A 204 6.61 23.77 -17.48
CA ASN A 204 5.56 24.51 -18.17
C ASN A 204 5.81 24.51 -19.66
N ILE A 205 7.06 24.80 -20.04
CA ILE A 205 7.44 24.83 -21.45
C ILE A 205 7.12 23.48 -22.10
N ILE A 206 7.33 22.41 -21.34
CA ILE A 206 7.07 21.06 -21.84
C ILE A 206 5.58 20.77 -22.00
N ARG A 207 4.78 21.26 -21.06
CA ARG A 207 3.34 21.01 -21.11
C ARG A 207 2.59 21.88 -22.12
N ASP A 208 2.88 23.18 -22.13
CA ASP A 208 2.20 24.09 -23.04
C ASP A 208 2.75 24.10 -24.46
N PHE A 209 3.41 23.01 -24.86
CA PHE A 209 3.96 22.91 -26.19
C PHE A 209 2.94 23.22 -27.28
N TYR A 210 1.88 22.41 -27.33
CA TYR A 210 0.84 22.59 -28.34
C TYR A 210 0.22 23.97 -28.33
N GLU A 211 -0.09 24.48 -27.14
CA GLU A 211 -0.68 25.80 -27.02
C GLU A 211 0.26 26.88 -27.54
N ASP A 212 1.53 26.79 -27.16
CA ASP A 212 2.52 27.78 -27.57
C ASP A 212 2.84 27.72 -29.06
N ILE A 213 2.63 26.56 -29.68
CA ILE A 213 2.92 26.43 -31.10
C ILE A 213 1.69 26.80 -31.95
N CYS A 214 0.53 26.76 -31.33
CA CYS A 214 -0.72 27.12 -32.01
C CYS A 214 -0.90 28.62 -31.83
N GLU A 215 0.15 29.26 -31.32
CA GLU A 215 0.15 30.70 -31.09
C GLU A 215 0.35 31.41 -32.42
N VAL A 216 -0.07 32.67 -32.50
CA VAL A 216 0.08 33.45 -33.72
C VAL A 216 0.85 34.73 -33.45
N PRO A 217 2.13 34.77 -33.82
CA PRO A 217 2.88 33.68 -34.47
C PRO A 217 3.28 32.58 -33.50
N PRO A 218 3.70 31.42 -34.03
CA PRO A 218 4.11 30.28 -33.20
C PRO A 218 5.25 30.60 -32.23
N ARG A 219 5.10 30.16 -30.99
CA ARG A 219 6.11 30.38 -29.96
C ARG A 219 6.83 29.06 -29.70
N VAL A 220 8.15 29.07 -29.79
CA VAL A 220 8.93 27.87 -29.56
C VAL A 220 9.99 28.08 -28.49
N PHE A 221 10.14 27.09 -27.61
CA PHE A 221 11.12 27.16 -26.54
C PHE A 221 11.96 25.89 -26.52
N TRP A 222 11.38 24.78 -26.94
CA TRP A 222 12.11 23.52 -27.00
C TRP A 222 13.35 23.78 -27.85
N PRO A 223 14.54 23.70 -27.25
CA PRO A 223 15.81 23.93 -27.93
C PRO A 223 16.06 23.07 -29.17
N ARG A 224 16.42 23.72 -30.27
CA ARG A 224 16.71 23.03 -31.52
C ARG A 224 17.71 21.91 -31.28
N GLU A 225 18.73 22.19 -30.47
CA GLU A 225 19.75 21.22 -30.15
C GLU A 225 19.14 19.91 -29.67
N ILE A 226 17.83 19.92 -29.39
CA ILE A 226 17.16 18.72 -28.92
C ILE A 226 16.17 18.12 -29.91
N TRP A 227 15.19 18.90 -30.37
CA TRP A 227 14.21 18.37 -31.32
C TRP A 227 14.85 18.08 -32.67
N GLU A 228 16.02 18.68 -32.90
CA GLU A 228 16.76 18.51 -34.15
C GLU A 228 17.10 17.04 -34.42
N LYS A 229 17.01 16.21 -33.39
CA LYS A 229 17.32 14.80 -33.50
C LYS A 229 16.07 13.95 -33.71
N TYR A 230 14.91 14.60 -33.77
CA TYR A 230 13.66 13.87 -33.95
C TYR A 230 12.83 14.42 -35.10
N THR A 231 13.23 15.57 -35.63
CA THR A 231 12.50 16.18 -36.73
C THR A 231 13.20 17.42 -37.24
N ASP A 232 12.93 17.78 -38.50
CA ASP A 232 13.52 18.96 -39.11
C ASP A 232 12.54 20.11 -38.96
N ASP A 233 11.28 19.76 -38.70
CA ASP A 233 10.22 20.74 -38.51
C ASP A 233 9.41 20.38 -37.28
N LEU A 234 9.57 21.18 -36.23
CA LEU A 234 8.90 20.97 -34.95
C LEU A 234 7.38 20.83 -35.10
N HIS A 235 6.82 21.46 -36.11
CA HIS A 235 5.37 21.41 -36.34
C HIS A 235 4.87 20.03 -36.75
N ALA A 236 5.79 19.08 -36.89
CA ALA A 236 5.42 17.73 -37.28
C ALA A 236 4.82 16.96 -36.11
N PHE A 237 5.13 17.40 -34.89
CA PHE A 237 4.62 16.74 -33.69
C PHE A 237 3.12 16.92 -33.52
N LYS A 238 2.51 17.78 -34.33
CA LYS A 238 1.08 18.01 -34.24
C LYS A 238 0.33 16.93 -35.02
N ASP A 239 0.99 16.35 -36.03
CA ASP A 239 0.40 15.31 -36.84
C ASP A 239 0.71 13.93 -36.23
N GLU A 240 -0.32 13.10 -36.08
CA GLU A 240 -0.15 11.77 -35.51
C GLU A 240 0.92 10.95 -36.23
N LEU A 241 1.08 11.20 -37.52
CA LEU A 241 2.06 10.49 -38.33
C LEU A 241 3.41 10.37 -37.63
N HIS A 242 3.84 11.45 -36.97
CA HIS A 242 5.12 11.46 -36.27
C HIS A 242 4.94 11.35 -34.76
N GLU A 243 3.94 10.58 -34.34
CA GLU A 243 3.64 10.40 -32.93
C GLU A 243 4.84 9.79 -32.20
N ALA A 244 5.55 8.90 -32.88
CA ALA A 244 6.72 8.23 -32.30
C ALA A 244 7.84 9.23 -32.02
N LYS A 245 8.24 9.97 -33.05
CA LYS A 245 9.30 10.95 -32.92
C LYS A 245 8.94 12.01 -31.89
N ALA A 246 7.67 12.41 -31.89
CA ALA A 246 7.18 13.43 -30.96
C ALA A 246 7.38 13.01 -29.51
N VAL A 247 6.71 11.92 -29.11
CA VAL A 247 6.82 11.42 -27.75
C VAL A 247 8.27 11.08 -27.41
N GLU A 248 9.06 10.81 -28.44
CA GLU A 248 10.46 10.47 -28.25
C GLU A 248 11.26 11.72 -27.92
N CYS A 249 10.78 12.88 -28.37
CA CYS A 249 11.43 14.14 -28.10
C CYS A 249 10.89 14.69 -26.78
N LEU A 250 9.64 14.37 -26.49
CA LEU A 250 9.01 14.80 -25.25
C LEU A 250 9.75 14.21 -24.07
N ASN A 251 10.05 12.92 -24.15
CA ASN A 251 10.76 12.23 -23.07
C ASN A 251 12.17 12.79 -22.92
N ALA A 252 12.75 13.23 -24.03
CA ALA A 252 14.10 13.80 -24.00
C ALA A 252 14.04 15.10 -23.19
N MET A 253 12.99 15.88 -23.43
CA MET A 253 12.80 17.14 -22.73
C MET A 253 12.61 16.91 -21.24
N VAL A 254 11.71 16.00 -20.89
CA VAL A 254 11.44 15.67 -19.50
C VAL A 254 12.73 15.26 -18.82
N ALA A 255 13.55 14.49 -19.53
CA ALA A 255 14.82 14.02 -18.99
C ALA A 255 15.71 15.22 -18.66
N ASP A 256 15.63 16.25 -19.48
CA ASP A 256 16.42 17.46 -19.27
C ASP A 256 16.02 18.19 -18.00
N ALA A 257 14.73 18.12 -17.66
CA ALA A 257 14.22 18.79 -16.47
C ALA A 257 14.54 18.02 -15.19
N LEU A 258 14.58 16.70 -15.28
CA LEU A 258 14.86 15.88 -14.12
C LEU A 258 16.24 16.19 -13.52
N VAL A 259 17.08 16.82 -14.32
CA VAL A 259 18.42 17.19 -13.87
C VAL A 259 18.36 18.12 -12.67
N HIS A 260 17.33 18.95 -12.64
CA HIS A 260 17.15 19.93 -11.57
C HIS A 260 16.51 19.40 -10.29
N VAL A 261 15.79 18.29 -10.39
CA VAL A 261 15.11 17.70 -9.25
C VAL A 261 15.99 17.55 -8.00
N PRO A 262 17.17 16.92 -8.14
CA PRO A 262 18.06 16.74 -7.00
C PRO A 262 18.41 18.05 -6.29
N HIS A 263 18.45 19.14 -7.07
CA HIS A 263 18.78 20.44 -6.52
C HIS A 263 17.58 21.09 -5.85
N VAL A 264 16.40 20.92 -6.44
CA VAL A 264 15.17 21.47 -5.88
C VAL A 264 15.01 20.93 -4.46
N VAL A 265 15.27 19.64 -4.31
CA VAL A 265 15.17 18.99 -3.01
C VAL A 265 16.07 19.69 -2.01
N GLU A 266 17.36 19.79 -2.36
CA GLU A 266 18.33 20.43 -1.48
C GLU A 266 17.85 21.81 -1.01
N TYR A 267 17.36 22.61 -1.94
CA TYR A 267 16.89 23.94 -1.58
C TYR A 267 15.71 23.88 -0.62
N LEU A 268 14.77 22.98 -0.89
CA LEU A 268 13.60 22.83 -0.02
C LEU A 268 13.99 22.32 1.36
N ALA A 269 15.10 21.60 1.44
CA ALA A 269 15.57 21.06 2.70
C ALA A 269 16.42 22.05 3.49
N SER A 270 16.77 23.17 2.87
CA SER A 270 17.58 24.18 3.54
C SER A 270 16.71 25.29 4.10
N LEU A 271 15.40 25.19 3.87
CA LEU A 271 14.46 26.19 4.35
C LEU A 271 14.03 25.83 5.77
N ARG A 272 14.07 26.82 6.66
CA ARG A 272 13.69 26.60 8.06
C ARG A 272 12.28 27.08 8.37
N ASP A 273 11.92 28.27 7.87
CA ASP A 273 10.61 28.83 8.13
C ASP A 273 9.49 28.00 7.48
N PRO A 274 8.42 27.72 8.25
CA PRO A 274 7.27 26.94 7.80
C PRO A 274 6.48 27.64 6.69
N SER A 275 6.42 28.95 6.77
CA SER A 275 5.68 29.75 5.79
C SER A 275 6.41 29.82 4.45
N VAL A 276 7.69 30.16 4.48
CA VAL A 276 8.47 30.24 3.24
C VAL A 276 8.54 28.87 2.57
N PHE A 277 8.70 27.83 3.37
CA PHE A 277 8.79 26.47 2.83
C PHE A 277 7.57 26.09 2.00
N ALA A 278 6.38 26.20 2.60
CA ALA A 278 5.15 25.85 1.90
C ALA A 278 5.03 26.57 0.56
N PHE A 279 5.32 27.87 0.57
CA PHE A 279 5.24 28.69 -0.63
C PHE A 279 6.25 28.27 -1.70
N SER A 280 7.31 27.60 -1.26
CA SER A 280 8.35 27.15 -2.18
C SER A 280 8.17 25.69 -2.59
N ALA A 281 7.54 24.91 -1.72
CA ALA A 281 7.32 23.49 -1.97
C ALA A 281 6.18 23.21 -2.93
N ILE A 282 4.98 23.70 -2.58
CA ILE A 282 3.80 23.48 -3.41
C ILE A 282 4.05 23.53 -4.92
N PRO A 283 4.62 24.64 -5.42
CA PRO A 283 4.90 24.74 -6.86
C PRO A 283 5.77 23.60 -7.38
N GLN A 284 6.84 23.29 -6.65
CA GLN A 284 7.75 22.22 -7.04
C GLN A 284 7.02 20.89 -7.10
N VAL A 285 6.22 20.60 -6.08
CA VAL A 285 5.47 19.35 -6.03
C VAL A 285 4.44 19.32 -7.16
N MET A 286 3.91 20.48 -7.51
CA MET A 286 2.93 20.59 -8.58
C MET A 286 3.60 20.33 -9.93
N ALA A 287 4.85 20.73 -10.05
CA ALA A 287 5.61 20.55 -11.28
C ALA A 287 5.95 19.07 -11.47
N MET A 288 6.38 18.42 -10.40
CA MET A 288 6.74 17.01 -10.46
C MET A 288 5.52 16.18 -10.86
N ALA A 289 4.38 16.45 -10.23
CA ALA A 289 3.16 15.74 -10.54
C ALA A 289 2.82 15.94 -12.01
N THR A 290 2.96 17.16 -12.49
CA THR A 290 2.68 17.50 -13.87
C THR A 290 3.69 16.82 -14.80
N LEU A 291 4.93 16.75 -14.35
CA LEU A 291 5.98 16.14 -15.15
C LEU A 291 5.80 14.63 -15.27
N SER A 292 5.20 14.03 -14.25
CA SER A 292 4.96 12.60 -14.27
C SER A 292 3.78 12.23 -15.18
N LEU A 293 2.93 13.22 -15.48
CA LEU A 293 1.75 13.04 -16.31
C LEU A 293 2.04 13.22 -17.81
N VAL A 294 2.80 14.26 -18.13
CA VAL A 294 3.16 14.54 -19.52
C VAL A 294 4.28 13.63 -20.02
N PHE A 295 4.95 12.95 -19.07
CA PHE A 295 6.05 12.04 -19.41
C PHE A 295 5.51 10.95 -20.32
N ASN A 296 6.18 10.68 -21.43
CA ASN A 296 5.73 9.65 -22.35
C ASN A 296 4.21 9.79 -22.66
N ASN A 297 3.68 11.01 -22.53
CA ASN A 297 2.25 11.24 -22.83
C ASN A 297 2.23 11.96 -24.18
N LYS A 298 1.43 11.46 -25.13
CA LYS A 298 1.33 12.06 -26.46
C LYS A 298 0.18 13.07 -26.51
N ASP A 299 -0.71 12.98 -25.52
CA ASP A 299 -1.82 13.90 -25.45
C ASP A 299 -1.24 15.30 -25.36
N VAL A 300 -0.01 15.39 -24.89
CA VAL A 300 0.70 16.66 -24.75
C VAL A 300 0.76 17.39 -26.08
N PHE A 301 0.70 16.64 -27.17
CA PHE A 301 0.78 17.23 -28.50
C PHE A 301 -0.55 17.64 -29.13
N HIS A 302 -1.66 17.44 -28.42
CA HIS A 302 -2.96 17.82 -28.97
C HIS A 302 -3.88 18.44 -27.92
N THR A 303 -3.37 18.62 -26.71
CA THR A 303 -4.14 19.21 -25.63
C THR A 303 -3.28 19.48 -24.41
N LYS A 304 -3.85 20.15 -23.42
CA LYS A 304 -3.14 20.48 -22.19
C LYS A 304 -3.40 19.44 -21.10
N VAL A 305 -2.34 18.79 -20.64
CA VAL A 305 -2.45 17.77 -19.61
C VAL A 305 -2.36 18.43 -18.23
N LYS A 306 -3.30 18.11 -17.35
CA LYS A 306 -3.31 18.69 -16.02
C LYS A 306 -3.67 17.68 -14.94
N THR A 307 -3.40 18.03 -13.70
CA THR A 307 -3.71 17.17 -12.56
C THR A 307 -5.16 17.40 -12.15
N THR A 308 -5.72 16.48 -11.39
CA THR A 308 -7.10 16.59 -10.95
C THR A 308 -7.19 17.63 -9.83
N ARG A 309 -8.23 18.45 -9.86
CA ARG A 309 -8.42 19.49 -8.85
C ARG A 309 -8.27 18.89 -7.46
N GLY A 310 -8.64 17.62 -7.32
CA GLY A 310 -8.53 16.95 -6.05
C GLY A 310 -7.09 16.65 -5.67
N ALA A 311 -6.28 16.30 -6.67
CA ALA A 311 -4.88 15.98 -6.45
C ALA A 311 -4.11 17.25 -6.12
N THR A 312 -4.39 18.33 -6.85
CA THR A 312 -3.72 19.59 -6.60
C THR A 312 -4.15 20.11 -5.24
N ALA A 313 -5.29 19.61 -4.77
CA ALA A 313 -5.81 20.00 -3.46
C ALA A 313 -5.04 19.24 -2.38
N ARG A 314 -4.73 17.97 -2.68
CA ARG A 314 -4.00 17.13 -1.75
C ARG A 314 -2.58 17.65 -1.61
N ILE A 315 -2.07 18.27 -2.67
CA ILE A 315 -0.72 18.82 -2.68
C ILE A 315 -0.60 20.06 -1.81
N PHE A 316 -1.55 20.99 -1.96
CA PHE A 316 -1.54 22.21 -1.18
C PHE A 316 -1.63 21.89 0.31
N HIS A 317 -2.30 20.81 0.64
CA HIS A 317 -2.49 20.40 2.03
C HIS A 317 -1.27 19.82 2.74
N TYR A 318 -0.51 18.99 2.03
CA TYR A 318 0.66 18.35 2.65
C TYR A 318 2.02 18.97 2.38
N SER A 319 2.09 19.91 1.44
CA SER A 319 3.35 20.56 1.12
C SER A 319 3.69 21.61 2.19
N THR A 320 3.42 21.26 3.45
CA THR A 320 3.66 22.16 4.57
C THR A 320 4.95 21.82 5.31
N GLU A 321 5.31 20.54 5.30
CA GLU A 321 6.51 20.07 5.99
C GLU A 321 7.38 19.25 5.04
N LEU A 322 8.70 19.33 5.23
CA LEU A 322 9.66 18.63 4.38
C LEU A 322 9.36 17.16 4.10
N GLN A 323 9.30 16.35 5.15
CA GLN A 323 9.03 14.92 5.00
C GLN A 323 7.82 14.64 4.12
N ALA A 324 6.65 15.16 4.53
CA ALA A 324 5.43 14.95 3.76
C ALA A 324 5.65 15.38 2.32
N THR A 325 6.46 16.41 2.13
CA THR A 325 6.78 16.92 0.80
C THR A 325 7.66 15.96 0.02
N LEU A 326 8.67 15.42 0.70
CA LEU A 326 9.59 14.49 0.05
C LEU A 326 8.95 13.19 -0.39
N GLN A 327 7.97 12.70 0.36
CA GLN A 327 7.32 11.45 -0.02
C GLN A 327 6.32 11.67 -1.16
N MET A 328 5.90 12.91 -1.37
CA MET A 328 4.98 13.20 -2.46
C MET A 328 5.79 13.31 -3.73
N LEU A 329 6.95 13.96 -3.62
CA LEU A 329 7.84 14.11 -4.77
C LEU A 329 8.36 12.72 -5.12
N LYS A 330 8.48 11.89 -4.09
CA LYS A 330 8.95 10.52 -4.26
C LYS A 330 7.91 9.76 -5.09
N THR A 331 6.69 9.73 -4.57
CA THR A 331 5.58 9.04 -5.23
C THR A 331 5.48 9.44 -6.69
N TYR A 332 5.37 10.74 -6.96
CA TYR A 332 5.25 11.22 -8.33
C TYR A 332 6.47 10.85 -9.16
N THR A 333 7.64 10.80 -8.53
CA THR A 333 8.85 10.44 -9.23
C THR A 333 8.75 8.98 -9.67
N LEU A 334 8.32 8.12 -8.74
CA LEU A 334 8.15 6.70 -9.04
C LEU A 334 7.07 6.52 -10.10
N ARG A 335 6.11 7.44 -10.12
CA ARG A 335 5.03 7.39 -11.09
C ARG A 335 5.57 7.66 -12.49
N LEU A 336 6.56 8.55 -12.57
CA LEU A 336 7.17 8.92 -13.84
C LEU A 336 7.96 7.74 -14.40
N ALA A 337 8.74 7.09 -13.55
CA ALA A 337 9.55 5.95 -13.96
C ALA A 337 8.70 4.73 -14.27
N ALA A 338 7.49 4.70 -13.72
CA ALA A 338 6.58 3.58 -13.94
C ALA A 338 5.95 3.65 -15.32
N ARG A 339 5.44 4.82 -15.69
CA ARG A 339 4.81 5.01 -16.99
C ARG A 339 5.81 4.80 -18.12
N MET A 340 7.04 4.47 -17.75
CA MET A 340 8.12 4.27 -18.70
C MET A 340 8.19 2.83 -19.21
N ASN A 341 8.58 2.69 -20.47
CA ASN A 341 8.71 1.39 -21.11
C ASN A 341 10.20 1.09 -21.30
N ALA A 342 10.56 -0.18 -21.31
CA ALA A 342 11.96 -0.57 -21.51
C ALA A 342 12.22 -0.65 -23.01
N GLN A 343 11.17 -0.94 -23.76
CA GLN A 343 11.22 -1.05 -25.21
C GLN A 343 11.91 0.14 -25.89
N ASP A 344 11.45 1.34 -25.56
CA ASP A 344 12.02 2.57 -26.15
C ASP A 344 13.38 2.98 -25.56
N ALA A 345 14.18 3.69 -26.33
CA ALA A 345 15.53 4.10 -25.94
C ALA A 345 15.69 5.27 -24.98
N CYS A 346 14.65 5.68 -24.25
CA CYS A 346 14.75 6.79 -23.33
C CYS A 346 14.75 6.21 -21.93
N TYR A 347 14.33 4.97 -21.82
CA TYR A 347 14.29 4.29 -20.54
C TYR A 347 15.62 4.40 -19.81
N ASP A 348 16.73 4.41 -20.53
CA ASP A 348 18.05 4.50 -19.91
C ASP A 348 18.45 5.86 -19.35
N ARG A 349 18.43 6.90 -20.18
CA ARG A 349 18.75 8.26 -19.77
C ARG A 349 18.01 8.54 -18.46
N ILE A 350 16.75 8.14 -18.42
CA ILE A 350 15.89 8.37 -17.25
C ILE A 350 16.15 7.52 -16.01
N GLU A 351 16.09 6.19 -16.14
CA GLU A 351 16.34 5.30 -15.01
C GLU A 351 17.44 5.89 -14.12
N HIS A 352 18.48 6.41 -14.77
CA HIS A 352 19.62 7.00 -14.09
C HIS A 352 19.27 8.30 -13.37
N LEU A 353 18.41 9.10 -13.97
CA LEU A 353 18.00 10.37 -13.39
C LEU A 353 17.01 10.22 -12.23
N VAL A 354 16.12 9.23 -12.33
CA VAL A 354 15.15 8.99 -11.28
C VAL A 354 15.85 8.60 -9.99
N ASN A 355 16.92 7.82 -10.13
CA ASN A 355 17.69 7.37 -8.97
C ASN A 355 18.36 8.53 -8.26
N ASP A 356 18.91 9.47 -9.03
CA ASP A 356 19.57 10.63 -8.43
C ASP A 356 18.54 11.49 -7.71
N ALA A 357 17.31 11.46 -8.20
CA ALA A 357 16.22 12.23 -7.62
C ALA A 357 15.74 11.56 -6.34
N ILE A 358 15.43 10.28 -6.43
CA ILE A 358 14.97 9.52 -5.27
C ILE A 358 16.09 9.43 -4.23
N ARG A 359 17.32 9.34 -4.70
CA ARG A 359 18.47 9.27 -3.80
C ARG A 359 18.50 10.52 -2.94
N ALA A 360 18.55 11.68 -3.59
CA ALA A 360 18.58 12.95 -2.87
C ALA A 360 17.38 13.04 -1.93
N MET A 361 16.25 12.48 -2.36
CA MET A 361 15.04 12.49 -1.55
C MET A 361 15.23 11.67 -0.29
N GLU A 362 15.57 10.39 -0.44
CA GLU A 362 15.78 9.51 0.70
C GLU A 362 16.94 10.07 1.52
N SER A 363 17.84 10.78 0.83
CA SER A 363 19.01 11.37 1.45
C SER A 363 18.65 12.46 2.46
N HIS A 364 17.35 12.62 2.73
CA HIS A 364 16.88 13.61 3.69
C HIS A 364 15.78 13.03 4.56
N GLN A 365 15.59 11.72 4.46
CA GLN A 365 14.57 11.04 5.25
C GLN A 365 15.22 10.20 6.35
N ASP B 25 1.43 1.58 -23.12
CA ASP B 25 0.54 2.72 -22.95
C ASP B 25 -0.75 2.48 -23.74
N GLU B 26 -0.66 1.61 -24.74
CA GLU B 26 -1.80 1.30 -25.59
C GLU B 26 -2.90 0.57 -24.84
N ASP B 27 -2.54 -0.20 -23.82
CA ASP B 27 -3.51 -0.95 -23.04
C ASP B 27 -4.44 -0.07 -22.22
N LEU B 28 -3.86 0.78 -21.38
CA LEU B 28 -4.68 1.67 -20.54
C LEU B 28 -5.55 2.61 -21.37
N ARG B 29 -5.04 3.02 -22.53
CA ARG B 29 -5.80 3.93 -23.38
C ARG B 29 -7.05 3.23 -23.92
N PHE B 30 -6.91 1.95 -24.27
CA PHE B 30 -8.03 1.18 -24.78
C PHE B 30 -9.10 1.09 -23.69
N CYS B 31 -8.65 0.93 -22.45
CA CYS B 31 -9.55 0.83 -21.31
C CYS B 31 -10.37 2.11 -21.16
N TYR B 32 -9.69 3.24 -21.06
CA TYR B 32 -10.34 4.53 -20.91
C TYR B 32 -11.19 4.91 -22.12
N ASP B 33 -10.75 4.51 -23.31
CA ASP B 33 -11.48 4.83 -24.53
C ASP B 33 -12.80 4.07 -24.59
N ILE B 34 -12.79 2.81 -24.17
CA ILE B 34 -14.02 2.01 -24.18
C ILE B 34 -14.88 2.34 -22.97
N LEU B 35 -14.24 2.78 -21.89
CA LEU B 35 -14.96 3.16 -20.67
C LEU B 35 -15.87 4.34 -21.00
N GLN B 36 -15.26 5.39 -21.53
CA GLN B 36 -15.98 6.60 -21.91
C GLN B 36 -17.02 6.32 -22.99
N ALA B 37 -16.78 5.27 -23.77
CA ALA B 37 -17.68 4.90 -24.86
C ALA B 37 -18.81 4.00 -24.40
N VAL B 38 -18.65 3.36 -23.25
CA VAL B 38 -19.67 2.46 -22.73
C VAL B 38 -20.34 2.99 -21.47
N SER B 39 -19.80 4.07 -20.93
CA SER B 39 -20.34 4.67 -19.71
C SER B 39 -19.83 6.10 -19.56
N ARG B 40 -20.12 6.94 -20.55
CA ARG B 40 -19.68 8.33 -20.54
C ARG B 40 -19.99 9.05 -19.22
N SER B 41 -21.18 8.84 -18.69
CA SER B 41 -21.59 9.47 -17.43
C SER B 41 -20.53 9.20 -16.36
N PHE B 42 -20.41 7.93 -16.00
CA PHE B 42 -19.44 7.50 -14.99
C PHE B 42 -18.02 7.84 -15.42
N ALA B 43 -17.79 7.84 -16.73
CA ALA B 43 -16.48 8.13 -17.28
C ALA B 43 -16.00 9.53 -16.90
N VAL B 44 -16.94 10.40 -16.56
CA VAL B 44 -16.59 11.76 -16.17
C VAL B 44 -16.21 11.80 -14.70
N VAL B 45 -17.06 11.19 -13.86
CA VAL B 45 -16.81 11.16 -12.42
C VAL B 45 -15.47 10.51 -12.10
N ILE B 46 -15.17 9.40 -12.79
CA ILE B 46 -13.93 8.67 -12.56
C ILE B 46 -12.69 9.53 -12.77
N MET B 47 -12.81 10.58 -13.58
CA MET B 47 -11.67 11.45 -13.84
C MET B 47 -11.36 12.34 -12.64
N GLU B 48 -12.09 12.15 -11.55
CA GLU B 48 -11.86 12.91 -10.33
C GLU B 48 -10.66 12.29 -9.62
N LEU B 49 -10.54 10.97 -9.76
CA LEU B 49 -9.43 10.25 -9.16
C LEU B 49 -8.20 10.50 -10.03
N ASP B 50 -7.03 10.12 -9.55
CA ASP B 50 -5.81 10.33 -10.31
C ASP B 50 -4.81 9.20 -10.14
N GLU B 51 -3.69 9.32 -10.83
CA GLU B 51 -2.61 8.33 -10.77
C GLU B 51 -3.11 6.88 -10.89
N GLU B 52 -2.64 6.03 -9.98
CA GLU B 52 -3.00 4.63 -10.00
C GLU B 52 -4.42 4.33 -9.49
N MET B 53 -4.95 5.23 -8.68
CA MET B 53 -6.30 5.05 -8.15
C MET B 53 -7.30 4.90 -9.29
N ARG B 54 -7.35 5.91 -10.14
CA ARG B 54 -8.25 5.92 -11.29
C ARG B 54 -7.97 4.74 -12.21
N ASP B 55 -6.71 4.38 -12.33
CA ASP B 55 -6.29 3.25 -13.15
C ASP B 55 -6.97 1.96 -12.69
N ALA B 56 -6.85 1.67 -11.40
CA ALA B 56 -7.45 0.48 -10.83
C ALA B 56 -8.97 0.50 -10.91
N VAL B 57 -9.56 1.63 -10.54
CA VAL B 57 -11.01 1.79 -10.58
C VAL B 57 -11.54 1.60 -11.99
N CYS B 58 -10.81 2.15 -12.96
CA CYS B 58 -11.19 2.03 -14.36
C CYS B 58 -11.25 0.56 -14.76
N ILE B 59 -10.16 -0.15 -14.49
CA ILE B 59 -10.08 -1.57 -14.81
C ILE B 59 -11.14 -2.34 -14.02
N PHE B 60 -11.31 -1.96 -12.75
CA PHE B 60 -12.28 -2.61 -11.89
C PHE B 60 -13.67 -2.49 -12.50
N TYR B 61 -13.99 -1.29 -13.01
CA TYR B 61 -15.29 -1.05 -13.64
C TYR B 61 -15.48 -1.93 -14.88
N LEU B 62 -14.51 -1.88 -15.79
CA LEU B 62 -14.56 -2.65 -17.02
C LEU B 62 -14.76 -4.14 -16.79
N VAL B 63 -14.04 -4.69 -15.81
CA VAL B 63 -14.15 -6.11 -15.50
C VAL B 63 -15.60 -6.43 -15.12
N LEU B 64 -16.14 -5.66 -14.19
CA LEU B 64 -17.52 -5.86 -13.74
C LEU B 64 -18.48 -5.61 -14.89
N ARG B 65 -18.08 -4.73 -15.80
CA ARG B 65 -18.92 -4.41 -16.95
C ARG B 65 -18.94 -5.61 -17.89
N ALA B 66 -17.77 -6.21 -18.08
CA ALA B 66 -17.64 -7.38 -18.93
C ALA B 66 -18.45 -8.52 -18.33
N LEU B 67 -18.30 -8.69 -17.01
CA LEU B 67 -19.02 -9.73 -16.29
C LEU B 67 -20.52 -9.59 -16.50
N ASP B 68 -21.03 -8.40 -16.24
CA ASP B 68 -22.45 -8.12 -16.39
C ASP B 68 -22.90 -8.28 -17.84
N THR B 69 -22.01 -7.98 -18.79
CA THR B 69 -22.33 -8.10 -20.20
C THR B 69 -22.74 -9.53 -20.54
N VAL B 70 -21.95 -10.50 -20.07
CA VAL B 70 -22.23 -11.91 -20.33
C VAL B 70 -23.50 -12.35 -19.61
N GLU B 71 -23.62 -11.93 -18.36
CA GLU B 71 -24.77 -12.28 -17.51
C GLU B 71 -26.07 -11.66 -18.03
N ASP B 72 -25.97 -10.60 -18.81
CA ASP B 72 -27.15 -9.92 -19.34
C ASP B 72 -27.61 -10.46 -20.68
N ASP B 73 -26.71 -11.09 -21.43
CA ASP B 73 -27.06 -11.65 -22.72
C ASP B 73 -27.96 -12.87 -22.52
N MET B 74 -29.20 -12.78 -22.98
CA MET B 74 -30.15 -13.87 -22.83
C MET B 74 -30.02 -14.97 -23.88
N SER B 75 -29.24 -14.72 -24.93
CA SER B 75 -29.05 -15.72 -25.98
C SER B 75 -28.01 -16.76 -25.55
N ILE B 76 -27.45 -16.55 -24.35
CA ILE B 76 -26.45 -17.45 -23.80
C ILE B 76 -27.10 -18.44 -22.85
N PRO B 77 -26.83 -19.75 -23.03
CA PRO B 77 -27.40 -20.79 -22.18
C PRO B 77 -27.18 -20.49 -20.70
N VAL B 78 -28.18 -20.81 -19.88
CA VAL B 78 -28.10 -20.58 -18.45
C VAL B 78 -26.94 -21.35 -17.80
N GLU B 79 -26.81 -22.62 -18.17
CA GLU B 79 -25.75 -23.45 -17.61
C GLU B 79 -24.37 -22.86 -17.88
N PHE B 80 -24.13 -22.48 -19.13
CA PHE B 80 -22.86 -21.88 -19.50
C PHE B 80 -22.53 -20.76 -18.52
N LYS B 81 -23.54 -19.94 -18.22
CA LYS B 81 -23.38 -18.83 -17.29
C LYS B 81 -23.13 -19.33 -15.88
N LEU B 82 -23.89 -20.34 -15.49
CA LEU B 82 -23.78 -20.92 -14.15
C LEU B 82 -22.42 -21.51 -13.82
N ARG B 83 -21.63 -21.80 -14.84
CA ARG B 83 -20.30 -22.37 -14.62
C ARG B 83 -19.16 -21.50 -15.13
N GLU B 84 -19.48 -20.50 -15.95
CA GLU B 84 -18.47 -19.61 -16.49
C GLU B 84 -18.30 -18.35 -15.65
N LEU B 85 -19.42 -17.73 -15.28
CA LEU B 85 -19.39 -16.51 -14.49
C LEU B 85 -18.62 -16.71 -13.18
N PRO B 86 -18.91 -17.80 -12.45
CA PRO B 86 -18.23 -18.08 -11.17
C PRO B 86 -16.70 -18.13 -11.27
N LYS B 87 -16.18 -18.36 -12.47
CA LYS B 87 -14.74 -18.44 -12.67
C LYS B 87 -14.26 -17.34 -13.60
N PHE B 88 -15.14 -16.37 -13.86
CA PHE B 88 -14.83 -15.25 -14.74
C PHE B 88 -13.56 -14.53 -14.31
N HIS B 89 -13.44 -14.26 -13.02
CA HIS B 89 -12.27 -13.56 -12.48
C HIS B 89 -10.96 -14.28 -12.75
N GLU B 90 -11.02 -15.59 -13.00
CA GLU B 90 -9.81 -16.34 -13.28
C GLU B 90 -9.15 -15.86 -14.56
N HIS B 91 -9.96 -15.39 -15.51
CA HIS B 91 -9.45 -14.89 -16.77
C HIS B 91 -8.61 -13.63 -16.58
N LEU B 92 -8.67 -13.06 -15.38
CA LEU B 92 -7.91 -11.86 -15.08
C LEU B 92 -6.41 -12.09 -15.08
N HIS B 93 -6.01 -13.37 -15.04
CA HIS B 93 -4.60 -13.72 -15.05
C HIS B 93 -4.20 -14.35 -16.37
N ASP B 94 -5.20 -14.59 -17.22
CA ASP B 94 -4.95 -15.17 -18.54
C ASP B 94 -4.95 -14.02 -19.54
N THR B 95 -3.76 -13.54 -19.89
CA THR B 95 -3.63 -12.43 -20.82
C THR B 95 -3.87 -12.81 -22.28
N THR B 96 -4.63 -13.90 -22.48
CA THR B 96 -4.92 -14.36 -23.83
C THR B 96 -6.43 -14.53 -24.02
N TRP B 97 -7.14 -14.61 -22.90
CA TRP B 97 -8.59 -14.79 -22.91
C TRP B 97 -9.37 -13.63 -23.53
N CYS B 98 -10.55 -13.94 -24.07
CA CYS B 98 -11.42 -12.97 -24.68
C CYS B 98 -12.65 -13.66 -25.27
N MET B 99 -13.63 -12.87 -25.70
CA MET B 99 -14.84 -13.40 -26.32
C MET B 99 -14.99 -12.80 -27.71
N SER B 100 -15.91 -13.34 -28.51
CA SER B 100 -16.09 -12.83 -29.87
C SER B 100 -17.53 -12.58 -30.30
N GLY B 101 -18.44 -13.46 -29.91
CA GLY B 101 -19.83 -13.30 -30.31
C GLY B 101 -20.77 -12.71 -29.27
N VAL B 102 -20.21 -12.10 -28.23
CA VAL B 102 -21.03 -11.51 -27.19
C VAL B 102 -20.76 -10.02 -27.07
N GLY B 103 -21.73 -9.29 -26.52
CA GLY B 103 -21.56 -7.86 -26.35
C GLY B 103 -22.47 -7.00 -27.22
N VAL B 104 -23.07 -5.99 -26.61
CA VAL B 104 -23.96 -5.07 -27.32
C VAL B 104 -23.21 -3.80 -27.67
N GLY B 105 -23.08 -3.54 -28.97
CA GLY B 105 -22.38 -2.35 -29.42
C GLY B 105 -20.93 -2.34 -29.01
N ARG B 106 -20.49 -1.26 -28.37
CA ARG B 106 -19.12 -1.12 -27.94
C ARG B 106 -18.77 -2.13 -26.85
N GLU B 107 -19.79 -2.66 -26.18
CA GLU B 107 -19.58 -3.67 -25.13
C GLU B 107 -18.94 -4.90 -25.73
N ARG B 108 -19.02 -5.01 -27.05
CA ARG B 108 -18.47 -6.14 -27.79
C ARG B 108 -16.95 -6.01 -27.82
N GLU B 109 -16.47 -4.88 -28.32
CA GLU B 109 -15.03 -4.62 -28.42
C GLU B 109 -14.30 -4.85 -27.10
N LEU B 110 -15.01 -4.66 -25.99
CA LEU B 110 -14.42 -4.84 -24.66
C LEU B 110 -14.07 -6.30 -24.43
N LEU B 111 -15.00 -7.21 -24.76
CA LEU B 111 -14.78 -8.63 -24.58
C LEU B 111 -13.85 -9.20 -25.64
N GLU B 112 -13.92 -8.66 -26.85
CA GLU B 112 -13.09 -9.14 -27.95
C GLU B 112 -11.63 -8.73 -27.80
N ARG B 113 -11.38 -7.65 -27.05
CA ARG B 113 -10.03 -7.15 -26.84
C ARG B 113 -9.72 -7.07 -25.35
N TYR B 114 -10.36 -7.95 -24.59
CA TYR B 114 -10.19 -8.01 -23.14
C TYR B 114 -8.72 -8.09 -22.75
N THR B 115 -7.90 -8.59 -23.67
CA THR B 115 -6.46 -8.73 -23.43
C THR B 115 -5.86 -7.45 -22.86
N HIS B 116 -6.28 -6.31 -23.39
CA HIS B 116 -5.80 -5.02 -22.93
C HIS B 116 -6.15 -4.81 -21.46
N VAL B 117 -7.35 -5.23 -21.09
CA VAL B 117 -7.83 -5.09 -19.72
C VAL B 117 -7.01 -5.94 -18.75
N THR B 118 -6.87 -7.22 -19.07
CA THR B 118 -6.11 -8.14 -18.21
C THR B 118 -4.64 -7.76 -18.13
N ARG B 119 -4.06 -7.32 -19.25
CA ARG B 119 -2.65 -6.93 -19.26
C ARG B 119 -2.44 -5.69 -18.40
N ALA B 120 -3.42 -4.80 -18.40
CA ALA B 120 -3.33 -3.57 -17.60
C ALA B 120 -3.50 -3.99 -16.14
N TYR B 121 -4.38 -4.95 -15.94
CA TYR B 121 -4.68 -5.48 -14.61
C TYR B 121 -3.42 -6.01 -13.92
N SER B 122 -2.59 -6.71 -14.68
CA SER B 122 -1.36 -7.28 -14.15
C SER B 122 -0.28 -6.25 -13.85
N ARG B 123 -0.57 -4.98 -14.13
CA ARG B 123 0.40 -3.92 -13.85
C ARG B 123 0.04 -3.18 -12.58
N LEU B 124 -1.20 -3.33 -12.14
CA LEU B 124 -1.67 -2.69 -10.93
C LEU B 124 -1.03 -3.39 -9.74
N GLY B 125 -1.01 -2.71 -8.59
CA GLY B 125 -0.43 -3.30 -7.40
C GLY B 125 -1.12 -4.61 -7.09
N LYS B 126 -0.40 -5.53 -6.46
CA LYS B 126 -0.95 -6.83 -6.11
C LYS B 126 -2.15 -6.63 -5.18
N ALA B 127 -2.18 -5.48 -4.50
CA ALA B 127 -3.26 -5.16 -3.58
C ALA B 127 -4.55 -4.88 -4.34
N TYR B 128 -4.45 -4.16 -5.45
CA TYR B 128 -5.62 -3.83 -6.27
C TYR B 128 -6.16 -5.05 -6.99
N GLN B 129 -5.26 -5.90 -7.47
CA GLN B 129 -5.66 -7.10 -8.20
C GLN B 129 -6.61 -7.98 -7.37
N ASP B 130 -6.27 -8.16 -6.09
CA ASP B 130 -7.08 -8.98 -5.20
C ASP B 130 -8.50 -8.46 -5.01
N VAL B 131 -8.64 -7.20 -4.59
CA VAL B 131 -9.96 -6.63 -4.39
C VAL B 131 -10.84 -6.83 -5.62
N ILE B 132 -10.27 -6.52 -6.78
CA ILE B 132 -11.00 -6.65 -8.04
C ILE B 132 -11.39 -8.11 -8.30
N SER B 133 -10.40 -8.99 -8.28
CA SER B 133 -10.65 -10.41 -8.51
C SER B 133 -11.63 -10.96 -7.47
N GLY B 134 -11.46 -10.54 -6.23
CA GLY B 134 -12.34 -11.01 -5.16
C GLY B 134 -13.78 -10.61 -5.38
N ILE B 135 -14.02 -9.32 -5.58
CA ILE B 135 -15.36 -8.81 -5.79
C ILE B 135 -15.98 -9.39 -7.06
N CYS B 136 -15.17 -9.51 -8.10
CA CYS B 136 -15.63 -10.04 -9.37
C CYS B 136 -16.29 -11.41 -9.18
N GLU B 137 -15.65 -12.28 -8.40
CA GLU B 137 -16.19 -13.61 -8.14
C GLU B 137 -17.42 -13.55 -7.24
N ARG B 138 -17.31 -12.82 -6.14
CA ARG B 138 -18.42 -12.69 -5.21
C ARG B 138 -19.67 -12.17 -5.93
N MET B 139 -19.49 -11.17 -6.78
CA MET B 139 -20.60 -10.60 -7.53
C MET B 139 -21.10 -11.64 -8.53
N ALA B 140 -20.17 -12.24 -9.27
CA ALA B 140 -20.51 -13.25 -10.27
C ALA B 140 -21.36 -14.35 -9.65
N ASN B 141 -20.92 -14.86 -8.50
CA ASN B 141 -21.65 -15.91 -7.80
C ASN B 141 -23.03 -15.43 -7.39
N GLY B 142 -23.11 -14.17 -6.96
CA GLY B 142 -24.39 -13.61 -6.56
C GLY B 142 -25.34 -13.54 -7.73
N MET B 143 -24.79 -13.24 -8.91
CA MET B 143 -25.60 -13.14 -10.11
C MET B 143 -26.17 -14.50 -10.47
N CYS B 144 -25.34 -15.53 -10.38
CA CYS B 144 -25.76 -16.89 -10.69
C CYS B 144 -26.92 -17.31 -9.79
N ASP B 145 -26.93 -16.80 -8.57
CA ASP B 145 -27.98 -17.11 -7.62
C ASP B 145 -29.32 -16.60 -8.13
N PHE B 146 -29.29 -15.42 -8.75
CA PHE B 146 -30.51 -14.80 -9.27
C PHE B 146 -30.81 -15.15 -10.73
N LEU B 147 -29.99 -16.00 -11.32
CA LEU B 147 -30.20 -16.44 -12.70
C LEU B 147 -31.17 -17.61 -12.69
N THR B 148 -31.43 -18.13 -11.49
CA THR B 148 -32.33 -19.27 -11.33
C THR B 148 -33.53 -18.97 -10.45
N ARG B 149 -33.55 -17.80 -9.81
CA ARG B 149 -34.67 -17.43 -8.96
C ARG B 149 -35.08 -15.97 -9.11
N LYS B 150 -36.37 -15.72 -8.91
CA LYS B 150 -36.94 -14.38 -9.03
C LYS B 150 -36.67 -13.54 -7.78
N VAL B 151 -37.02 -12.26 -7.84
CA VAL B 151 -36.85 -11.36 -6.70
C VAL B 151 -38.22 -11.11 -6.09
N GLU B 152 -38.54 -11.90 -5.06
CA GLU B 152 -39.84 -11.79 -4.39
C GLU B 152 -39.87 -10.84 -3.20
N THR B 153 -39.08 -11.14 -2.17
CA THR B 153 -39.05 -10.32 -0.97
C THR B 153 -38.04 -9.17 -1.03
N LYS B 154 -38.12 -8.29 -0.04
CA LYS B 154 -37.22 -7.15 0.05
C LYS B 154 -35.82 -7.67 0.31
N ALA B 155 -35.73 -8.71 1.12
CA ALA B 155 -34.45 -9.32 1.44
C ALA B 155 -33.76 -9.69 0.13
N ASP B 156 -34.55 -10.20 -0.81
CA ASP B 156 -34.05 -10.58 -2.12
C ASP B 156 -33.55 -9.32 -2.81
N TYR B 157 -34.38 -8.29 -2.75
CA TYR B 157 -34.08 -6.99 -3.35
C TYR B 157 -32.80 -6.38 -2.78
N ASP B 158 -32.63 -6.51 -1.47
CA ASP B 158 -31.45 -5.97 -0.79
C ASP B 158 -30.23 -6.84 -1.08
N LEU B 159 -30.45 -8.14 -1.26
CA LEU B 159 -29.36 -9.06 -1.54
C LEU B 159 -28.92 -8.90 -2.98
N TYR B 160 -29.90 -8.76 -3.88
CA TYR B 160 -29.60 -8.59 -5.30
C TYR B 160 -28.79 -7.30 -5.47
N CYS B 161 -29.30 -6.22 -4.89
CA CYS B 161 -28.61 -4.93 -4.99
C CYS B 161 -27.22 -5.04 -4.38
N HIS B 162 -27.10 -5.83 -3.33
CA HIS B 162 -25.81 -6.03 -2.67
C HIS B 162 -24.80 -6.65 -3.62
N TYR B 163 -25.27 -7.57 -4.46
CA TYR B 163 -24.39 -8.23 -5.41
C TYR B 163 -23.95 -7.35 -6.57
N VAL B 164 -24.86 -6.55 -7.11
CA VAL B 164 -24.54 -5.68 -8.24
C VAL B 164 -24.17 -4.25 -7.85
N ALA B 165 -24.44 -3.87 -6.60
CA ALA B 165 -24.12 -2.53 -6.15
C ALA B 165 -23.38 -2.53 -4.82
N GLY B 166 -23.98 -3.16 -3.81
CA GLY B 166 -23.36 -3.22 -2.49
C GLY B 166 -21.89 -3.61 -2.54
N LEU B 167 -21.61 -4.77 -3.12
CA LEU B 167 -20.24 -5.26 -3.23
C LEU B 167 -19.36 -4.23 -3.92
N VAL B 168 -19.90 -3.53 -4.90
CA VAL B 168 -19.14 -2.51 -5.60
C VAL B 168 -18.70 -1.52 -4.54
N GLY B 169 -19.59 -1.25 -3.59
CA GLY B 169 -19.28 -0.34 -2.50
C GLY B 169 -18.13 -0.88 -1.68
N HIS B 170 -18.13 -2.18 -1.43
CA HIS B 170 -17.06 -2.81 -0.66
C HIS B 170 -15.74 -2.66 -1.39
N GLY B 171 -15.72 -3.11 -2.64
CA GLY B 171 -14.50 -3.04 -3.44
C GLY B 171 -13.82 -1.69 -3.43
N LEU B 172 -14.56 -0.64 -3.78
CA LEU B 172 -14.00 0.70 -3.81
C LEU B 172 -13.42 1.10 -2.46
N THR B 173 -14.16 0.83 -1.39
CA THR B 173 -13.70 1.16 -0.05
C THR B 173 -12.37 0.47 0.24
N LEU B 174 -12.27 -0.80 -0.14
CA LEU B 174 -11.05 -1.57 0.06
C LEU B 174 -9.91 -0.97 -0.76
N LEU B 175 -10.27 -0.25 -1.82
CA LEU B 175 -9.29 0.38 -2.69
C LEU B 175 -8.74 1.67 -2.09
N TYR B 176 -9.62 2.49 -1.52
CA TYR B 176 -9.18 3.74 -0.92
C TYR B 176 -8.18 3.46 0.20
N VAL B 177 -8.31 2.28 0.80
CA VAL B 177 -7.43 1.87 1.87
C VAL B 177 -6.10 1.35 1.32
N SER B 178 -6.20 0.42 0.37
CA SER B 178 -5.00 -0.15 -0.26
C SER B 178 -4.18 0.92 -0.97
N SER B 179 -4.81 2.06 -1.24
CA SER B 179 -4.14 3.16 -1.91
C SER B 179 -3.38 4.00 -0.91
N GLY B 180 -3.84 4.00 0.33
CA GLY B 180 -3.19 4.77 1.38
C GLY B 180 -3.71 6.19 1.44
N LEU B 181 -4.68 6.51 0.58
CA LEU B 181 -5.27 7.84 0.55
C LEU B 181 -6.31 8.04 1.65
N GLU B 182 -6.82 6.93 2.19
CA GLU B 182 -7.81 6.97 3.25
C GLU B 182 -7.34 6.14 4.45
N ASP B 183 -7.92 6.43 5.61
CA ASP B 183 -7.57 5.72 6.84
C ASP B 183 -7.93 4.23 6.78
N VAL B 184 -6.97 3.41 7.17
CA VAL B 184 -7.14 1.95 7.17
C VAL B 184 -8.39 1.51 7.91
N ARG B 185 -8.82 2.32 8.87
CA ARG B 185 -9.99 2.01 9.68
C ARG B 185 -11.30 2.07 8.87
N LEU B 186 -11.29 2.79 7.76
CA LEU B 186 -12.46 2.93 6.91
C LEU B 186 -13.00 1.60 6.37
N ALA B 187 -12.24 0.53 6.55
CA ALA B 187 -12.65 -0.78 6.04
C ALA B 187 -13.04 -1.82 7.08
N ASP B 188 -13.19 -1.43 8.34
CA ASP B 188 -13.56 -2.38 9.38
C ASP B 188 -14.99 -2.86 9.13
N ASP B 189 -15.92 -1.92 9.13
CA ASP B 189 -17.32 -2.22 8.90
C ASP B 189 -17.70 -1.63 7.54
N LEU B 190 -18.20 -2.48 6.64
CA LEU B 190 -18.58 -2.04 5.31
C LEU B 190 -20.08 -1.84 5.14
N THR B 191 -20.81 -1.81 6.25
CA THR B 191 -22.26 -1.63 6.20
C THR B 191 -22.64 -0.39 5.40
N ASN B 192 -22.06 0.75 5.74
CA ASN B 192 -22.35 2.00 5.03
C ASN B 192 -21.89 1.93 3.58
N ALA B 193 -20.74 1.32 3.34
CA ALA B 193 -20.22 1.19 1.99
C ALA B 193 -21.29 0.51 1.15
N ASN B 194 -21.89 -0.53 1.72
CA ASN B 194 -22.95 -1.29 1.06
C ASN B 194 -24.11 -0.34 0.80
N HIS B 195 -24.36 0.55 1.77
CA HIS B 195 -25.44 1.53 1.66
C HIS B 195 -25.17 2.49 0.50
N MET B 196 -23.90 2.86 0.33
CA MET B 196 -23.51 3.75 -0.75
C MET B 196 -23.95 3.16 -2.08
N GLY B 197 -23.71 1.86 -2.25
CA GLY B 197 -24.07 1.18 -3.49
C GLY B 197 -25.56 0.98 -3.66
N LEU B 198 -26.27 0.68 -2.57
CA LEU B 198 -27.71 0.46 -2.64
C LEU B 198 -28.46 1.71 -3.03
N PHE B 199 -28.05 2.85 -2.49
CA PHE B 199 -28.72 4.11 -2.78
C PHE B 199 -28.68 4.43 -4.27
N LEU B 200 -27.57 4.11 -4.92
CA LEU B 200 -27.42 4.35 -6.34
C LEU B 200 -28.23 3.37 -7.17
N GLN B 201 -27.99 2.08 -6.94
CA GLN B 201 -28.70 1.03 -7.67
C GLN B 201 -30.21 1.16 -7.57
N LYS B 202 -30.70 1.40 -6.36
CA LYS B 202 -32.14 1.54 -6.14
C LYS B 202 -32.69 2.78 -6.84
N THR B 203 -32.00 3.91 -6.68
CA THR B 203 -32.43 5.15 -7.32
C THR B 203 -32.50 4.90 -8.82
N ASN B 204 -31.60 4.06 -9.31
CA ASN B 204 -31.55 3.74 -10.73
C ASN B 204 -32.70 2.81 -11.09
N ILE B 205 -32.79 1.67 -10.41
CA ILE B 205 -33.85 0.70 -10.65
C ILE B 205 -35.21 1.38 -10.74
N ILE B 206 -35.42 2.39 -9.90
CA ILE B 206 -36.68 3.12 -9.89
C ILE B 206 -36.88 3.87 -11.21
N ARG B 207 -35.99 4.82 -11.47
CA ARG B 207 -36.07 5.63 -12.69
C ARG B 207 -36.14 4.78 -13.96
N ASP B 208 -35.20 3.85 -14.10
CA ASP B 208 -35.14 2.97 -15.27
C ASP B 208 -36.23 1.91 -15.29
N PHE B 209 -37.32 2.15 -14.56
CA PHE B 209 -38.42 1.19 -14.51
C PHE B 209 -39.09 0.94 -15.86
N TYR B 210 -39.31 2.01 -16.61
CA TYR B 210 -39.98 1.87 -17.91
C TYR B 210 -39.13 1.17 -18.97
N GLU B 211 -37.86 1.54 -19.07
CA GLU B 211 -36.98 0.91 -20.05
C GLU B 211 -36.86 -0.58 -19.78
N ASP B 212 -36.72 -0.93 -18.51
CA ASP B 212 -36.57 -2.32 -18.08
C ASP B 212 -37.85 -3.15 -18.14
N ILE B 213 -39.00 -2.48 -17.99
CA ILE B 213 -40.28 -3.17 -18.01
C ILE B 213 -40.72 -3.66 -19.39
N CYS B 214 -40.47 -2.86 -20.42
CA CYS B 214 -40.87 -3.20 -21.78
C CYS B 214 -39.91 -4.14 -22.51
N GLU B 215 -38.63 -4.08 -22.16
CA GLU B 215 -37.64 -4.94 -22.81
C GLU B 215 -38.11 -6.38 -22.84
N VAL B 216 -37.73 -7.12 -23.88
CA VAL B 216 -38.14 -8.51 -24.00
C VAL B 216 -36.91 -9.43 -24.02
N PRO B 217 -36.81 -10.35 -23.05
CA PRO B 217 -37.79 -10.56 -21.97
C PRO B 217 -37.76 -9.44 -20.93
N PRO B 218 -38.87 -9.24 -20.22
CA PRO B 218 -39.00 -8.20 -19.19
C PRO B 218 -38.12 -8.43 -17.96
N ARG B 219 -37.28 -7.44 -17.65
CA ARG B 219 -36.40 -7.53 -16.48
C ARG B 219 -37.07 -6.75 -15.36
N VAL B 220 -37.45 -7.45 -14.30
CA VAL B 220 -38.11 -6.79 -13.17
C VAL B 220 -37.24 -6.84 -11.92
N PHE B 221 -37.18 -5.72 -11.21
CA PHE B 221 -36.38 -5.64 -9.99
C PHE B 221 -37.23 -5.25 -8.78
N TRP B 222 -38.35 -4.58 -9.04
CA TRP B 222 -39.25 -4.16 -7.97
C TRP B 222 -39.79 -5.43 -7.30
N PRO B 223 -39.49 -5.64 -6.01
CA PRO B 223 -39.94 -6.80 -5.25
C PRO B 223 -41.45 -6.95 -5.11
N ARG B 224 -41.95 -8.16 -5.35
CA ARG B 224 -43.38 -8.43 -5.25
C ARG B 224 -43.87 -8.07 -3.85
N GLU B 225 -42.98 -8.18 -2.86
CA GLU B 225 -43.33 -7.86 -1.49
C GLU B 225 -43.74 -6.39 -1.34
N ILE B 226 -43.48 -5.61 -2.37
CA ILE B 226 -43.83 -4.19 -2.34
C ILE B 226 -44.94 -3.81 -3.33
N TRP B 227 -44.83 -4.28 -4.58
CA TRP B 227 -45.85 -3.93 -5.57
C TRP B 227 -47.12 -4.77 -5.51
N GLU B 228 -47.05 -5.96 -4.91
CA GLU B 228 -48.24 -6.80 -4.82
C GLU B 228 -49.29 -6.10 -3.96
N LYS B 229 -48.83 -5.27 -3.03
CA LYS B 229 -49.74 -4.52 -2.16
C LYS B 229 -50.42 -3.44 -2.99
N TYR B 230 -50.22 -3.49 -4.30
CA TYR B 230 -50.80 -2.48 -5.18
C TYR B 230 -51.45 -3.04 -6.45
N THR B 231 -50.92 -4.13 -6.98
CA THR B 231 -51.48 -4.72 -8.19
C THR B 231 -51.24 -6.22 -8.35
N ASP B 232 -51.84 -6.77 -9.39
CA ASP B 232 -51.73 -8.19 -9.71
C ASP B 232 -50.60 -8.38 -10.73
N ASP B 233 -50.51 -7.46 -11.69
CA ASP B 233 -49.48 -7.51 -12.71
C ASP B 233 -48.75 -6.18 -12.73
N LEU B 234 -47.41 -6.23 -12.79
CA LEU B 234 -46.60 -5.02 -12.79
C LEU B 234 -46.60 -4.28 -14.13
N HIS B 235 -46.60 -5.03 -15.23
CA HIS B 235 -46.59 -4.42 -16.56
C HIS B 235 -47.95 -3.82 -16.90
N ALA B 236 -48.75 -3.57 -15.87
CA ALA B 236 -50.07 -2.98 -16.05
C ALA B 236 -50.03 -1.53 -15.61
N PHE B 237 -48.83 -1.06 -15.27
CA PHE B 237 -48.65 0.31 -14.81
C PHE B 237 -48.49 1.31 -15.96
N LYS B 238 -48.02 0.84 -17.11
CA LYS B 238 -47.86 1.74 -18.25
C LYS B 238 -49.19 2.42 -18.50
N ASP B 239 -50.25 1.62 -18.48
CA ASP B 239 -51.60 2.13 -18.69
C ASP B 239 -51.81 3.38 -17.84
N GLU B 240 -52.24 4.46 -18.49
CA GLU B 240 -52.48 5.72 -17.82
C GLU B 240 -53.32 5.56 -16.57
N LEU B 241 -54.09 4.47 -16.50
CA LEU B 241 -54.92 4.20 -15.33
C LEU B 241 -54.10 3.38 -14.34
N HIS B 242 -54.65 3.16 -13.15
CA HIS B 242 -53.93 2.43 -12.10
C HIS B 242 -52.80 3.37 -11.67
N GLU B 243 -52.77 4.53 -12.31
CA GLU B 243 -51.78 5.57 -12.08
C GLU B 243 -51.81 6.07 -10.64
N ALA B 244 -52.92 5.83 -9.95
CA ALA B 244 -53.07 6.25 -8.56
C ALA B 244 -52.20 5.41 -7.64
N LYS B 245 -52.17 4.10 -7.90
CA LYS B 245 -51.35 3.20 -7.10
C LYS B 245 -49.92 3.18 -7.59
N ALA B 246 -49.74 3.43 -8.89
CA ALA B 246 -48.40 3.46 -9.47
C ALA B 246 -47.56 4.45 -8.68
N VAL B 247 -48.18 5.56 -8.33
CA VAL B 247 -47.51 6.60 -7.55
C VAL B 247 -47.24 6.08 -6.14
N GLU B 248 -48.27 5.57 -5.49
CA GLU B 248 -48.15 5.03 -4.15
C GLU B 248 -47.09 3.94 -4.09
N CYS B 249 -47.05 3.11 -5.14
CA CYS B 249 -46.06 2.04 -5.21
C CYS B 249 -44.68 2.64 -5.41
N LEU B 250 -44.61 3.67 -6.26
CA LEU B 250 -43.36 4.34 -6.54
C LEU B 250 -42.82 4.95 -5.26
N ASN B 251 -43.68 5.65 -4.53
CA ASN B 251 -43.29 6.29 -3.28
C ASN B 251 -42.77 5.24 -2.30
N ALA B 252 -43.39 4.08 -2.31
CA ALA B 252 -42.97 2.99 -1.43
C ALA B 252 -41.55 2.61 -1.79
N MET B 253 -41.24 2.68 -3.09
CA MET B 253 -39.91 2.36 -3.59
C MET B 253 -38.92 3.45 -3.17
N VAL B 254 -39.39 4.70 -3.22
CA VAL B 254 -38.56 5.83 -2.83
C VAL B 254 -38.23 5.75 -1.35
N ALA B 255 -39.27 5.63 -0.53
CA ALA B 255 -39.10 5.53 0.91
C ALA B 255 -38.06 4.47 1.22
N ASP B 256 -38.24 3.29 0.61
CA ASP B 256 -37.32 2.18 0.80
C ASP B 256 -35.89 2.60 0.50
N ALA B 257 -35.73 3.57 -0.38
CA ALA B 257 -34.42 4.06 -0.77
C ALA B 257 -33.89 5.13 0.17
N LEU B 258 -34.78 6.01 0.65
CA LEU B 258 -34.39 7.08 1.56
C LEU B 258 -33.79 6.54 2.84
N VAL B 259 -33.87 5.22 3.02
CA VAL B 259 -33.34 4.56 4.20
C VAL B 259 -31.82 4.59 4.26
N HIS B 260 -31.19 4.53 3.09
CA HIS B 260 -29.73 4.52 3.00
C HIS B 260 -29.06 5.88 3.13
N VAL B 261 -29.81 6.96 2.88
CA VAL B 261 -29.25 8.30 2.97
C VAL B 261 -28.44 8.57 4.23
N PRO B 262 -29.03 8.35 5.41
CA PRO B 262 -28.29 8.59 6.67
C PRO B 262 -26.92 7.96 6.67
N HIS B 263 -26.84 6.73 6.16
CA HIS B 263 -25.58 5.99 6.10
C HIS B 263 -24.67 6.56 5.02
N VAL B 264 -25.28 7.10 3.96
CA VAL B 264 -24.51 7.71 2.88
C VAL B 264 -23.76 8.90 3.45
N VAL B 265 -24.46 9.67 4.27
CA VAL B 265 -23.87 10.84 4.90
C VAL B 265 -22.69 10.42 5.77
N GLU B 266 -22.91 9.40 6.60
CA GLU B 266 -21.86 8.88 7.48
C GLU B 266 -20.62 8.49 6.71
N TYR B 267 -20.80 7.75 5.61
CA TYR B 267 -19.68 7.31 4.80
C TYR B 267 -18.91 8.45 4.15
N LEU B 268 -19.63 9.49 3.72
CA LEU B 268 -18.98 10.63 3.09
C LEU B 268 -18.15 11.39 4.11
N ALA B 269 -18.76 11.68 5.25
CA ALA B 269 -18.10 12.43 6.32
C ALA B 269 -16.88 11.69 6.88
N SER B 270 -16.68 10.46 6.46
CA SER B 270 -15.54 9.68 6.94
C SER B 270 -14.38 9.73 5.94
N LEU B 271 -14.64 10.34 4.79
CA LEU B 271 -13.62 10.47 3.75
C LEU B 271 -12.77 11.72 4.00
N ARG B 272 -11.46 11.58 3.82
CA ARG B 272 -10.56 12.71 4.04
C ARG B 272 -9.90 13.19 2.76
N ASP B 273 -9.54 12.25 1.89
CA ASP B 273 -8.88 12.59 0.62
C ASP B 273 -9.86 13.28 -0.33
N PRO B 274 -9.48 14.46 -0.84
CA PRO B 274 -10.31 15.24 -1.76
C PRO B 274 -10.72 14.50 -3.03
N SER B 275 -9.77 13.78 -3.63
CA SER B 275 -10.06 13.03 -4.84
C SER B 275 -11.12 11.96 -4.57
N VAL B 276 -10.85 11.12 -3.59
CA VAL B 276 -11.77 10.05 -3.22
C VAL B 276 -13.14 10.57 -2.81
N PHE B 277 -13.18 11.77 -2.25
CA PHE B 277 -14.45 12.35 -1.82
C PHE B 277 -15.34 12.77 -2.99
N ALA B 278 -14.76 13.53 -3.92
CA ALA B 278 -15.51 13.98 -5.09
C ALA B 278 -16.08 12.80 -5.87
N PHE B 279 -15.26 11.77 -6.03
CA PHE B 279 -15.66 10.57 -6.76
C PHE B 279 -16.76 9.79 -6.04
N SER B 280 -16.85 9.95 -4.73
CA SER B 280 -17.84 9.25 -3.93
C SER B 280 -19.10 10.09 -3.69
N ALA B 281 -18.92 11.40 -3.56
CA ALA B 281 -20.04 12.30 -3.31
C ALA B 281 -20.88 12.66 -4.53
N ILE B 282 -20.22 12.97 -5.65
CA ILE B 282 -20.93 13.33 -6.86
C ILE B 282 -22.07 12.36 -7.21
N PRO B 283 -21.77 11.04 -7.27
CA PRO B 283 -22.83 10.08 -7.60
C PRO B 283 -23.99 10.12 -6.62
N GLN B 284 -23.67 10.23 -5.32
CA GLN B 284 -24.68 10.28 -4.28
C GLN B 284 -25.59 11.49 -4.42
N VAL B 285 -24.99 12.68 -4.45
CA VAL B 285 -25.76 13.90 -4.59
C VAL B 285 -26.58 13.87 -5.87
N MET B 286 -26.02 13.25 -6.90
CA MET B 286 -26.68 13.14 -8.18
C MET B 286 -27.90 12.22 -8.05
N ALA B 287 -27.80 11.24 -7.16
CA ALA B 287 -28.88 10.29 -6.92
C ALA B 287 -30.01 10.94 -6.13
N MET B 288 -29.65 11.66 -5.07
CA MET B 288 -30.64 12.32 -4.23
C MET B 288 -31.44 13.33 -5.05
N ALA B 289 -30.77 14.02 -5.97
CA ALA B 289 -31.43 15.01 -6.82
C ALA B 289 -32.36 14.27 -7.76
N THR B 290 -31.93 13.10 -8.20
CA THR B 290 -32.73 12.28 -9.11
C THR B 290 -33.99 11.79 -8.41
N LEU B 291 -33.84 11.37 -7.16
CA LEU B 291 -34.98 10.89 -6.38
C LEU B 291 -35.99 12.00 -6.15
N SER B 292 -35.50 13.15 -5.70
CA SER B 292 -36.36 14.29 -5.43
C SER B 292 -37.20 14.65 -6.66
N LEU B 293 -36.81 14.14 -7.82
CA LEU B 293 -37.53 14.40 -9.06
C LEU B 293 -38.55 13.31 -9.37
N VAL B 294 -38.08 12.06 -9.41
CA VAL B 294 -38.93 10.92 -9.70
C VAL B 294 -39.97 10.64 -8.62
N PHE B 295 -39.76 11.15 -7.42
CA PHE B 295 -40.68 10.94 -6.31
C PHE B 295 -42.05 11.58 -6.51
N ASN B 296 -43.10 10.79 -6.29
CA ASN B 296 -44.48 11.25 -6.42
C ASN B 296 -44.75 11.87 -7.79
N ASN B 297 -44.21 11.23 -8.83
CA ASN B 297 -44.40 11.69 -10.20
C ASN B 297 -44.69 10.53 -11.15
N LYS B 298 -45.85 10.57 -11.79
CA LYS B 298 -46.27 9.52 -12.71
C LYS B 298 -45.39 9.41 -13.95
N ASP B 299 -44.90 10.54 -14.43
CA ASP B 299 -44.06 10.59 -15.62
C ASP B 299 -42.92 9.57 -15.63
N VAL B 300 -42.72 8.90 -14.49
CA VAL B 300 -41.67 7.90 -14.36
C VAL B 300 -42.05 6.60 -15.06
N PHE B 301 -43.35 6.37 -15.19
CA PHE B 301 -43.85 5.15 -15.83
C PHE B 301 -44.00 5.29 -17.34
N HIS B 302 -43.71 6.46 -17.88
CA HIS B 302 -43.84 6.68 -19.32
C HIS B 302 -42.54 7.16 -19.97
N THR B 303 -41.76 7.94 -19.25
CA THR B 303 -40.51 8.46 -19.81
C THR B 303 -39.33 8.46 -18.84
N LYS B 304 -38.26 9.14 -19.26
CA LYS B 304 -37.03 9.25 -18.49
C LYS B 304 -37.01 10.51 -17.63
N VAL B 305 -36.87 10.35 -16.32
CA VAL B 305 -36.82 11.49 -15.42
C VAL B 305 -35.36 11.83 -15.14
N LYS B 306 -34.90 12.94 -15.71
CA LYS B 306 -33.52 13.37 -15.55
C LYS B 306 -33.44 14.78 -14.96
N THR B 307 -32.29 15.09 -14.36
CA THR B 307 -32.07 16.41 -13.77
C THR B 307 -31.61 17.37 -14.87
N THR B 308 -31.77 18.67 -14.61
CA THR B 308 -31.38 19.68 -15.59
C THR B 308 -29.85 19.74 -15.69
N ARG B 309 -29.34 20.06 -16.87
CA ARG B 309 -27.89 20.15 -17.07
C ARG B 309 -27.26 21.14 -16.09
N GLY B 310 -28.04 22.12 -15.67
CA GLY B 310 -27.53 23.11 -14.74
C GLY B 310 -27.28 22.49 -13.37
N ALA B 311 -28.20 21.63 -12.94
CA ALA B 311 -28.08 20.96 -11.66
C ALA B 311 -26.96 19.93 -11.72
N THR B 312 -26.81 19.29 -12.87
CA THR B 312 -25.76 18.29 -13.06
C THR B 312 -24.39 18.96 -12.96
N ALA B 313 -24.23 20.08 -13.65
CA ALA B 313 -22.98 20.81 -13.66
C ALA B 313 -22.56 21.25 -12.26
N ARG B 314 -23.46 21.94 -11.57
CA ARG B 314 -23.18 22.43 -10.23
C ARG B 314 -22.78 21.31 -9.27
N ILE B 315 -23.52 20.21 -9.28
CA ILE B 315 -23.20 19.08 -8.42
C ILE B 315 -21.76 18.66 -8.65
N PHE B 316 -21.41 18.45 -9.92
CA PHE B 316 -20.06 18.05 -10.30
C PHE B 316 -19.05 19.12 -9.93
N HIS B 317 -19.53 20.30 -9.55
CA HIS B 317 -18.65 21.41 -9.22
C HIS B 317 -18.48 21.75 -7.75
N TYR B 318 -19.52 21.59 -6.95
CA TYR B 318 -19.44 21.92 -5.54
C TYR B 318 -19.27 20.72 -4.60
N SER B 319 -19.53 19.53 -5.12
CA SER B 319 -19.40 18.31 -4.32
C SER B 319 -17.94 17.92 -4.10
N THR B 320 -17.08 18.91 -3.89
CA THR B 320 -15.66 18.65 -3.67
C THR B 320 -15.30 18.57 -2.20
N GLU B 321 -16.18 19.06 -1.34
CA GLU B 321 -15.94 19.03 0.10
C GLU B 321 -17.23 18.79 0.87
N LEU B 322 -17.12 18.04 1.96
CA LEU B 322 -18.25 17.68 2.80
C LEU B 322 -19.32 18.75 3.02
N GLN B 323 -18.96 19.83 3.70
CA GLN B 323 -19.90 20.91 3.98
C GLN B 323 -20.82 21.24 2.81
N ALA B 324 -20.24 21.70 1.71
CA ALA B 324 -21.03 22.05 0.53
C ALA B 324 -21.83 20.84 0.03
N THR B 325 -21.25 19.66 0.18
CA THR B 325 -21.90 18.43 -0.26
C THR B 325 -23.14 18.14 0.57
N LEU B 326 -22.99 18.18 1.89
CA LEU B 326 -24.13 17.93 2.78
C LEU B 326 -25.16 19.02 2.57
N GLN B 327 -24.67 20.22 2.25
CA GLN B 327 -25.52 21.38 2.03
C GLN B 327 -26.48 21.18 0.87
N MET B 328 -26.06 20.41 -0.13
CA MET B 328 -26.91 20.14 -1.29
C MET B 328 -27.86 18.98 -1.05
N LEU B 329 -27.33 17.88 -0.52
CA LEU B 329 -28.17 16.71 -0.23
C LEU B 329 -29.33 17.18 0.63
N LYS B 330 -29.01 18.06 1.58
CA LYS B 330 -29.98 18.62 2.50
C LYS B 330 -31.07 19.37 1.74
N THR B 331 -30.68 20.06 0.69
CA THR B 331 -31.62 20.83 -0.13
C THR B 331 -32.56 19.91 -0.91
N TYR B 332 -31.97 19.02 -1.71
CA TYR B 332 -32.75 18.09 -2.52
C TYR B 332 -33.73 17.28 -1.68
N THR B 333 -33.30 16.88 -0.49
CA THR B 333 -34.14 16.09 0.41
C THR B 333 -35.43 16.83 0.74
N LEU B 334 -35.32 18.12 1.04
CA LEU B 334 -36.49 18.93 1.36
C LEU B 334 -37.35 19.09 0.12
N ARG B 335 -36.72 19.24 -1.04
CA ARG B 335 -37.43 19.39 -2.29
C ARG B 335 -38.11 18.07 -2.65
N LEU B 336 -37.84 17.04 -1.86
CA LEU B 336 -38.42 15.72 -2.07
C LEU B 336 -39.62 15.61 -1.14
N ALA B 337 -39.43 16.04 0.10
CA ALA B 337 -40.49 16.00 1.10
C ALA B 337 -41.56 17.04 0.81
N ALA B 338 -41.11 18.25 0.47
CA ALA B 338 -42.03 19.34 0.17
C ALA B 338 -42.65 19.19 -1.21
N ARG B 339 -43.23 18.03 -1.48
CA ARG B 339 -43.88 17.76 -2.76
C ARG B 339 -45.04 16.79 -2.62
N MET B 340 -45.41 16.48 -1.38
CA MET B 340 -46.51 15.56 -1.13
C MET B 340 -47.51 16.15 -0.14
N ASN B 341 -48.73 15.64 -0.19
CA ASN B 341 -49.79 16.12 0.69
C ASN B 341 -49.92 15.19 1.89
N ALA B 342 -50.49 15.70 2.98
CA ALA B 342 -50.68 14.89 4.18
C ALA B 342 -51.76 13.87 3.82
N GLN B 343 -52.26 13.99 2.59
CA GLN B 343 -53.30 13.11 2.08
C GLN B 343 -52.63 11.92 1.39
N ASP B 344 -51.39 12.14 0.93
CA ASP B 344 -50.63 11.07 0.29
C ASP B 344 -50.26 10.07 1.36
N ALA B 345 -50.54 8.80 1.11
CA ALA B 345 -50.27 7.72 2.04
C ALA B 345 -49.02 7.85 2.92
N CYS B 346 -47.86 8.02 2.29
CA CYS B 346 -46.60 8.09 3.03
C CYS B 346 -46.17 9.43 3.63
N TYR B 347 -47.11 10.34 3.89
CA TYR B 347 -46.72 11.62 4.48
C TYR B 347 -45.98 11.38 5.79
N ASP B 348 -46.24 10.25 6.41
CA ASP B 348 -45.63 9.89 7.68
C ASP B 348 -44.27 9.20 7.53
N ARG B 349 -44.25 8.07 6.83
CA ARG B 349 -43.01 7.33 6.65
C ARG B 349 -41.93 8.19 6.02
N ILE B 350 -42.34 9.15 5.19
CA ILE B 350 -41.40 10.04 4.53
C ILE B 350 -40.97 11.15 5.49
N GLU B 351 -41.95 11.78 6.14
CA GLU B 351 -41.66 12.85 7.09
C GLU B 351 -40.58 12.44 8.08
N HIS B 352 -40.45 11.15 8.31
CA HIS B 352 -39.44 10.63 9.21
C HIS B 352 -38.16 10.29 8.46
N LEU B 353 -38.32 9.66 7.30
CA LEU B 353 -37.17 9.30 6.47
C LEU B 353 -36.43 10.57 6.10
N VAL B 354 -37.15 11.69 6.14
CA VAL B 354 -36.57 12.99 5.82
C VAL B 354 -35.83 13.54 7.04
N ASN B 355 -36.47 13.51 8.19
CA ASN B 355 -35.84 14.01 9.41
C ASN B 355 -34.59 13.18 9.72
N ASP B 356 -34.72 11.86 9.62
CA ASP B 356 -33.62 10.96 9.87
C ASP B 356 -32.45 11.34 8.98
N ALA B 357 -32.75 11.68 7.74
CA ALA B 357 -31.73 12.07 6.77
C ALA B 357 -31.14 13.42 7.17
N ILE B 358 -31.97 14.45 7.19
CA ILE B 358 -31.54 15.80 7.55
C ILE B 358 -30.74 15.79 8.85
N ARG B 359 -31.18 14.98 9.81
CA ARG B 359 -30.49 14.87 11.08
C ARG B 359 -29.03 14.52 10.87
N ALA B 360 -28.80 13.37 10.24
CA ALA B 360 -27.45 12.89 9.96
C ALA B 360 -26.64 14.00 9.31
N MET B 361 -27.27 14.74 8.43
CA MET B 361 -26.61 15.85 7.73
C MET B 361 -26.27 16.95 8.74
N GLU B 362 -27.27 17.38 9.51
CA GLU B 362 -27.09 18.42 10.50
C GLU B 362 -26.07 18.05 11.58
N SER B 363 -25.83 16.76 11.76
CA SER B 363 -24.90 16.29 12.78
C SER B 363 -23.44 16.29 12.31
N HIS B 364 -23.19 16.86 11.14
CA HIS B 364 -21.84 16.92 10.60
C HIS B 364 -21.48 18.35 10.20
N GLN B 365 -22.42 19.26 10.42
CA GLN B 365 -22.22 20.66 10.09
C GLN B 365 -21.78 21.44 11.31
N ASP C 25 14.84 -40.07 -22.98
CA ASP C 25 14.55 -41.37 -22.39
C ASP C 25 15.21 -41.50 -21.02
N GLU C 26 16.50 -41.20 -20.96
CA GLU C 26 17.26 -41.26 -19.72
C GLU C 26 16.69 -40.31 -18.67
N ASP C 27 16.09 -39.22 -19.13
CA ASP C 27 15.52 -38.23 -18.22
C ASP C 27 14.24 -38.68 -17.53
N LEU C 28 13.34 -39.31 -18.28
CA LEU C 28 12.11 -39.80 -17.69
C LEU C 28 12.50 -40.74 -16.55
N ARG C 29 13.68 -41.35 -16.68
CA ARG C 29 14.20 -42.26 -15.66
C ARG C 29 14.37 -41.47 -14.37
N PHE C 30 15.10 -40.36 -14.45
CA PHE C 30 15.34 -39.52 -13.30
C PHE C 30 14.00 -39.07 -12.71
N CYS C 31 13.10 -38.66 -13.59
CA CYS C 31 11.77 -38.22 -13.18
C CYS C 31 11.05 -39.26 -12.33
N TYR C 32 10.92 -40.47 -12.87
CA TYR C 32 10.25 -41.55 -12.17
C TYR C 32 11.04 -41.97 -10.94
N ASP C 33 12.36 -41.87 -11.01
CA ASP C 33 13.21 -42.23 -9.89
C ASP C 33 12.92 -41.30 -8.73
N ILE C 34 13.12 -40.01 -8.94
CA ILE C 34 12.85 -39.00 -7.92
C ILE C 34 11.42 -39.15 -7.42
N LEU C 35 10.49 -39.29 -8.36
CA LEU C 35 9.08 -39.43 -8.04
C LEU C 35 8.82 -40.51 -6.99
N GLN C 36 9.47 -41.66 -7.17
CA GLN C 36 9.30 -42.78 -6.25
C GLN C 36 9.99 -42.55 -4.91
N ALA C 37 10.93 -41.60 -4.88
CA ALA C 37 11.66 -41.30 -3.65
C ALA C 37 10.94 -40.24 -2.82
N VAL C 38 10.45 -39.20 -3.49
CA VAL C 38 9.76 -38.12 -2.82
C VAL C 38 8.35 -38.50 -2.39
N SER C 39 7.51 -38.87 -3.36
CA SER C 39 6.13 -39.26 -3.08
C SER C 39 6.03 -40.77 -3.04
N ARG C 40 5.73 -41.32 -1.87
CA ARG C 40 5.61 -42.76 -1.72
C ARG C 40 4.13 -43.14 -1.75
N SER C 41 3.28 -42.13 -1.65
CA SER C 41 1.83 -42.34 -1.66
C SER C 41 1.28 -42.37 -3.08
N PHE C 42 1.54 -41.31 -3.83
CA PHE C 42 1.07 -41.20 -5.21
C PHE C 42 1.92 -41.91 -6.24
N ALA C 43 3.19 -42.17 -5.90
CA ALA C 43 4.11 -42.84 -6.82
C ALA C 43 3.53 -44.12 -7.40
N VAL C 44 2.81 -44.89 -6.59
CA VAL C 44 2.23 -46.14 -7.04
C VAL C 44 1.07 -45.95 -8.02
N VAL C 45 0.06 -45.19 -7.63
CA VAL C 45 -1.09 -44.94 -8.49
C VAL C 45 -0.69 -44.30 -9.81
N ILE C 46 0.40 -43.53 -9.78
CA ILE C 46 0.88 -42.86 -10.99
C ILE C 46 1.53 -43.87 -11.94
N MET C 47 2.37 -44.73 -11.38
CA MET C 47 3.05 -45.75 -12.16
C MET C 47 2.08 -46.66 -12.90
N GLU C 48 0.91 -46.89 -12.32
CA GLU C 48 -0.09 -47.76 -12.93
C GLU C 48 -0.86 -47.10 -14.06
N LEU C 49 -0.59 -45.83 -14.33
CA LEU C 49 -1.27 -45.09 -15.40
C LEU C 49 -0.80 -45.55 -16.77
N ASP C 50 -1.49 -45.09 -17.81
CA ASP C 50 -1.13 -45.44 -19.18
C ASP C 50 0.03 -44.55 -19.64
N GLU C 51 1.18 -45.17 -19.84
CA GLU C 51 2.41 -44.51 -20.29
C GLU C 51 2.29 -43.07 -20.80
N GLU C 52 1.52 -42.86 -21.87
CA GLU C 52 1.37 -41.51 -22.44
C GLU C 52 0.94 -40.49 -21.38
N MET C 53 -0.27 -40.67 -20.88
CA MET C 53 -0.85 -39.81 -19.85
C MET C 53 0.03 -39.75 -18.61
N ARG C 54 0.61 -40.90 -18.24
CA ARG C 54 1.47 -40.98 -17.06
C ARG C 54 2.66 -40.02 -17.04
N ASP C 55 3.43 -39.99 -18.12
CA ASP C 55 4.59 -39.11 -18.19
C ASP C 55 4.23 -37.67 -17.81
N ALA C 56 3.13 -37.17 -18.38
CA ALA C 56 2.67 -35.81 -18.10
C ALA C 56 2.29 -35.66 -16.63
N VAL C 57 1.65 -36.68 -16.07
CA VAL C 57 1.24 -36.65 -14.68
C VAL C 57 2.48 -36.74 -13.78
N CYS C 58 3.50 -37.43 -14.27
CA CYS C 58 4.74 -37.58 -13.52
C CYS C 58 5.46 -36.25 -13.45
N ILE C 59 5.65 -35.62 -14.61
CA ILE C 59 6.33 -34.34 -14.68
C ILE C 59 5.50 -33.27 -13.99
N PHE C 60 4.18 -33.34 -14.15
CA PHE C 60 3.29 -32.38 -13.52
C PHE C 60 3.51 -32.41 -12.01
N TYR C 61 3.70 -33.62 -11.47
CA TYR C 61 3.93 -33.77 -10.04
C TYR C 61 5.29 -33.19 -9.67
N LEU C 62 6.32 -33.64 -10.38
CA LEU C 62 7.68 -33.19 -10.13
C LEU C 62 7.83 -31.68 -10.19
N VAL C 63 7.02 -31.03 -11.03
CA VAL C 63 7.07 -29.58 -11.14
C VAL C 63 6.56 -28.95 -9.86
N LEU C 64 5.32 -29.26 -9.49
CA LEU C 64 4.72 -28.73 -8.27
C LEU C 64 5.58 -29.08 -7.06
N ARG C 65 6.25 -30.22 -7.15
CA ARG C 65 7.11 -30.69 -6.07
C ARG C 65 8.28 -29.73 -5.86
N ALA C 66 8.86 -29.28 -6.97
CA ALA C 66 9.98 -28.35 -6.92
C ALA C 66 9.51 -27.03 -6.33
N LEU C 67 8.36 -26.56 -6.82
CA LEU C 67 7.76 -25.31 -6.35
C LEU C 67 7.55 -25.37 -4.84
N ASP C 68 6.89 -26.43 -4.37
CA ASP C 68 6.61 -26.60 -2.95
C ASP C 68 7.87 -26.54 -2.11
N THR C 69 8.91 -27.25 -2.54
CA THR C 69 10.17 -27.29 -1.83
C THR C 69 10.64 -25.88 -1.48
N VAL C 70 10.30 -24.92 -2.33
CA VAL C 70 10.68 -23.53 -2.12
C VAL C 70 9.84 -22.92 -1.00
N GLU C 71 8.52 -23.03 -1.13
CA GLU C 71 7.60 -22.49 -0.13
C GLU C 71 7.83 -23.11 1.25
N ASP C 72 8.01 -24.43 1.27
CA ASP C 72 8.21 -25.18 2.50
C ASP C 72 9.60 -25.08 3.14
N ASP C 73 10.50 -24.31 2.55
CA ASP C 73 11.83 -24.18 3.10
C ASP C 73 11.97 -22.92 3.95
N MET C 74 12.50 -23.07 5.15
CA MET C 74 12.66 -21.95 6.06
C MET C 74 14.13 -21.56 6.20
N SER C 75 14.74 -21.21 5.08
CA SER C 75 16.14 -20.80 5.02
C SER C 75 16.21 -19.85 3.84
N ILE C 76 15.04 -19.54 3.31
CA ILE C 76 14.93 -18.66 2.16
C ILE C 76 14.27 -17.34 2.55
N PRO C 77 14.71 -16.24 1.94
CA PRO C 77 14.04 -15.02 2.34
C PRO C 77 12.65 -15.10 1.68
N VAL C 78 11.60 -14.77 2.43
CA VAL C 78 10.25 -14.80 1.88
C VAL C 78 10.03 -13.57 0.99
N GLU C 79 11.01 -12.67 1.05
CA GLU C 79 11.00 -11.42 0.30
C GLU C 79 11.45 -11.65 -1.14
N PHE C 80 12.07 -12.80 -1.39
CA PHE C 80 12.54 -13.12 -2.73
C PHE C 80 11.65 -14.18 -3.39
N LYS C 81 10.86 -14.86 -2.57
CA LYS C 81 9.95 -15.88 -3.05
C LYS C 81 8.82 -15.13 -3.76
N LEU C 82 8.24 -14.18 -3.03
CA LEU C 82 7.15 -13.37 -3.55
C LEU C 82 7.56 -12.71 -4.86
N ARG C 83 8.87 -12.62 -5.08
CA ARG C 83 9.39 -11.99 -6.30
C ARG C 83 9.79 -12.99 -7.38
N GLU C 84 9.98 -14.26 -7.02
CA GLU C 84 10.40 -15.24 -8.01
C GLU C 84 9.53 -16.48 -8.17
N LEU C 85 8.77 -16.86 -7.14
CA LEU C 85 7.91 -18.03 -7.27
C LEU C 85 6.98 -17.85 -8.47
N PRO C 86 6.38 -16.66 -8.61
CA PRO C 86 5.47 -16.42 -9.74
C PRO C 86 6.20 -16.52 -11.09
N LYS C 87 7.52 -16.67 -11.03
CA LYS C 87 8.34 -16.78 -12.23
C LYS C 87 8.78 -18.23 -12.44
N PHE C 88 8.64 -19.04 -11.40
CA PHE C 88 9.06 -20.44 -11.46
C PHE C 88 8.59 -21.20 -12.70
N HIS C 89 7.37 -20.95 -13.14
CA HIS C 89 6.82 -21.64 -14.31
C HIS C 89 7.52 -21.23 -15.61
N GLU C 90 8.25 -20.11 -15.56
CA GLU C 90 8.96 -19.61 -16.71
C GLU C 90 10.15 -20.50 -17.06
N HIS C 91 10.79 -21.03 -16.03
CA HIS C 91 11.96 -21.90 -16.21
C HIS C 91 11.59 -23.20 -16.91
N LEU C 92 10.30 -23.48 -17.01
CA LEU C 92 9.83 -24.70 -17.64
C LEU C 92 10.18 -24.76 -19.13
N HIS C 93 10.82 -23.72 -19.63
CA HIS C 93 11.21 -23.68 -21.04
C HIS C 93 12.72 -23.55 -21.14
N ASP C 94 13.34 -23.16 -20.03
CA ASP C 94 14.79 -23.00 -19.96
C ASP C 94 15.43 -24.26 -19.39
N THR C 95 15.83 -25.16 -20.29
CA THR C 95 16.45 -26.42 -19.91
C THR C 95 17.78 -26.29 -19.17
N THR C 96 18.31 -25.07 -19.11
CA THR C 96 19.57 -24.85 -18.42
C THR C 96 19.35 -24.38 -16.99
N TRP C 97 18.07 -24.19 -16.63
CA TRP C 97 17.73 -23.72 -15.29
C TRP C 97 17.74 -24.81 -14.23
N CYS C 98 18.12 -24.42 -13.01
CA CYS C 98 18.17 -25.32 -11.87
C CYS C 98 18.46 -24.45 -10.65
N MET C 99 18.18 -24.95 -9.45
CA MET C 99 18.42 -24.16 -8.25
C MET C 99 19.58 -24.73 -7.43
N SER C 100 20.52 -23.86 -7.09
CA SER C 100 21.72 -24.23 -6.34
C SER C 100 21.54 -24.98 -5.02
N GLY C 101 21.12 -24.28 -3.97
CA GLY C 101 20.96 -24.93 -2.68
C GLY C 101 19.68 -24.68 -1.91
N VAL C 102 18.72 -25.58 -2.07
CA VAL C 102 17.44 -25.49 -1.38
C VAL C 102 16.80 -26.87 -1.31
N GLY C 103 16.13 -27.16 -0.21
CA GLY C 103 15.50 -28.46 -0.05
C GLY C 103 16.50 -29.50 0.38
N VAL C 104 16.04 -30.51 1.10
CA VAL C 104 16.91 -31.58 1.58
C VAL C 104 16.67 -32.87 0.82
N GLY C 105 16.89 -34.01 1.49
CA GLY C 105 16.68 -35.30 0.87
C GLY C 105 16.92 -35.36 -0.62
N ARG C 106 15.97 -35.94 -1.34
CA ARG C 106 16.06 -36.06 -2.79
C ARG C 106 15.46 -34.83 -3.46
N GLU C 107 14.58 -34.13 -2.75
CA GLU C 107 13.93 -32.94 -3.27
C GLU C 107 14.97 -31.89 -3.67
N ARG C 108 16.07 -31.86 -2.94
CA ARG C 108 17.16 -30.93 -3.23
C ARG C 108 17.69 -31.29 -4.61
N GLU C 109 18.05 -32.56 -4.76
CA GLU C 109 18.56 -33.10 -6.01
C GLU C 109 17.58 -32.87 -7.15
N LEU C 110 16.32 -32.64 -6.80
CA LEU C 110 15.28 -32.41 -7.79
C LEU C 110 15.53 -31.15 -8.62
N LEU C 111 15.83 -30.04 -7.94
CA LEU C 111 16.09 -28.78 -8.63
C LEU C 111 17.52 -28.68 -9.14
N GLU C 112 18.45 -29.32 -8.44
CA GLU C 112 19.85 -29.28 -8.85
C GLU C 112 19.95 -29.89 -10.25
N ARG C 113 19.08 -30.85 -10.51
CA ARG C 113 19.04 -31.54 -11.80
C ARG C 113 17.64 -31.38 -12.38
N TYR C 114 17.01 -30.25 -12.07
CA TYR C 114 15.66 -29.94 -12.54
C TYR C 114 15.61 -29.94 -14.06
N THR C 115 16.78 -30.02 -14.69
CA THR C 115 16.89 -30.03 -16.15
C THR C 115 16.27 -31.29 -16.72
N HIS C 116 16.53 -32.44 -16.09
CA HIS C 116 15.99 -33.71 -16.55
C HIS C 116 14.48 -33.58 -16.69
N VAL C 117 13.88 -32.82 -15.79
CA VAL C 117 12.44 -32.60 -15.80
C VAL C 117 12.03 -31.73 -16.99
N THR C 118 12.55 -30.50 -17.01
CA THR C 118 12.24 -29.55 -18.06
C THR C 118 12.47 -30.09 -19.47
N ARG C 119 13.55 -30.85 -19.67
CA ARG C 119 13.82 -31.38 -20.99
C ARG C 119 12.84 -32.50 -21.34
N ALA C 120 12.31 -33.16 -20.32
CA ALA C 120 11.33 -34.23 -20.53
C ALA C 120 10.01 -33.51 -20.80
N TYR C 121 9.87 -32.37 -20.14
CA TYR C 121 8.69 -31.52 -20.26
C TYR C 121 8.53 -31.03 -21.70
N SER C 122 9.66 -30.65 -22.30
CA SER C 122 9.68 -30.14 -23.67
C SER C 122 8.97 -31.08 -24.65
N ARG C 123 9.31 -32.36 -24.58
CA ARG C 123 8.71 -33.34 -25.48
C ARG C 123 7.40 -33.94 -24.95
N LEU C 124 6.42 -33.07 -24.78
CA LEU C 124 5.09 -33.44 -24.31
C LEU C 124 4.09 -32.64 -25.11
N GLY C 125 2.92 -33.22 -25.39
CA GLY C 125 1.92 -32.50 -26.14
C GLY C 125 1.83 -31.08 -25.63
N LYS C 126 1.96 -30.10 -26.52
CA LYS C 126 1.90 -28.69 -26.12
C LYS C 126 0.73 -28.43 -25.18
N ALA C 127 -0.34 -29.20 -25.34
CA ALA C 127 -1.52 -29.06 -24.50
C ALA C 127 -1.13 -29.35 -23.05
N TYR C 128 -0.41 -30.44 -22.84
CA TYR C 128 0.02 -30.81 -21.50
C TYR C 128 0.89 -29.72 -20.89
N GLN C 129 1.83 -29.22 -21.68
CA GLN C 129 2.74 -28.17 -21.22
C GLN C 129 1.99 -26.92 -20.78
N ASP C 130 0.93 -26.56 -21.50
CA ASP C 130 0.15 -25.38 -21.17
C ASP C 130 -0.63 -25.56 -19.87
N VAL C 131 -1.10 -26.78 -19.63
CA VAL C 131 -1.86 -27.08 -18.42
C VAL C 131 -0.95 -27.01 -17.20
N ILE C 132 0.22 -27.62 -17.31
CA ILE C 132 1.18 -27.64 -16.21
C ILE C 132 1.62 -26.22 -15.85
N SER C 133 1.98 -25.44 -16.87
CA SER C 133 2.43 -24.07 -16.66
C SER C 133 1.34 -23.22 -16.03
N GLY C 134 0.12 -23.37 -16.53
CA GLY C 134 -1.00 -22.61 -15.99
C GLY C 134 -1.21 -22.87 -14.52
N ILE C 135 -1.37 -24.14 -14.15
CA ILE C 135 -1.59 -24.52 -12.76
C ILE C 135 -0.37 -24.15 -11.91
N CYS C 136 0.83 -24.44 -12.41
CA CYS C 136 2.05 -24.13 -11.69
C CYS C 136 2.09 -22.67 -11.26
N GLU C 137 1.94 -21.78 -12.22
CA GLU C 137 1.94 -20.34 -11.96
C GLU C 137 0.85 -19.94 -10.97
N ARG C 138 -0.37 -20.40 -11.23
CA ARG C 138 -1.50 -20.09 -10.37
C ARG C 138 -1.27 -20.59 -8.94
N MET C 139 -0.70 -21.78 -8.81
CA MET C 139 -0.42 -22.35 -7.50
C MET C 139 0.69 -21.55 -6.82
N ALA C 140 1.69 -21.17 -7.59
CA ALA C 140 2.82 -20.41 -7.07
C ALA C 140 2.34 -19.12 -6.42
N ASN C 141 1.57 -18.33 -7.15
CA ASN C 141 1.05 -17.07 -6.64
C ASN C 141 0.15 -17.31 -5.44
N GLY C 142 -0.41 -18.51 -5.36
CA GLY C 142 -1.28 -18.84 -4.24
C GLY C 142 -0.45 -19.04 -2.99
N MET C 143 0.78 -19.53 -3.17
CA MET C 143 1.68 -19.77 -2.06
C MET C 143 2.16 -18.43 -1.50
N CYS C 144 2.56 -17.54 -2.40
CA CYS C 144 3.03 -16.21 -2.00
C CYS C 144 1.91 -15.52 -1.24
N ASP C 145 0.70 -15.66 -1.76
CA ASP C 145 -0.48 -15.06 -1.15
C ASP C 145 -0.73 -15.59 0.26
N PHE C 146 -0.14 -16.74 0.58
CA PHE C 146 -0.31 -17.34 1.89
C PHE C 146 0.98 -17.45 2.69
N LEU C 147 2.03 -16.80 2.22
CA LEU C 147 3.30 -16.81 2.93
C LEU C 147 3.28 -15.70 3.96
N THR C 148 2.61 -14.61 3.62
CA THR C 148 2.49 -13.46 4.51
C THR C 148 1.25 -13.62 5.40
N ARG C 149 0.10 -13.80 4.78
CA ARG C 149 -1.16 -13.98 5.49
C ARG C 149 -1.28 -15.40 6.03
N LYS C 150 -2.20 -15.61 6.96
CA LYS C 150 -2.42 -16.92 7.55
C LYS C 150 -3.87 -17.35 7.40
N VAL C 151 -4.19 -18.56 7.89
CA VAL C 151 -5.54 -19.08 7.80
C VAL C 151 -6.33 -18.83 9.07
N GLU C 152 -7.21 -17.84 9.02
CA GLU C 152 -8.04 -17.49 10.17
C GLU C 152 -9.48 -17.99 9.99
N THR C 153 -10.04 -17.73 8.81
CA THR C 153 -11.41 -18.14 8.51
C THR C 153 -11.49 -19.45 7.72
N LYS C 154 -12.70 -19.96 7.60
CA LYS C 154 -12.93 -21.21 6.86
C LYS C 154 -12.86 -20.90 5.37
N ALA C 155 -12.58 -19.64 5.06
CA ALA C 155 -12.45 -19.20 3.67
C ALA C 155 -10.98 -19.36 3.32
N ASP C 156 -10.12 -18.95 4.24
CA ASP C 156 -8.67 -19.06 4.06
C ASP C 156 -8.35 -20.55 3.91
N TYR C 157 -9.06 -21.36 4.68
CA TYR C 157 -8.87 -22.81 4.66
C TYR C 157 -9.20 -23.39 3.30
N ASP C 158 -10.43 -23.16 2.84
CA ASP C 158 -10.86 -23.66 1.54
C ASP C 158 -10.03 -23.05 0.42
N LEU C 159 -9.65 -21.80 0.58
CA LEU C 159 -8.85 -21.11 -0.42
C LEU C 159 -7.43 -21.66 -0.46
N TYR C 160 -6.87 -21.92 0.71
CA TYR C 160 -5.53 -22.48 0.79
C TYR C 160 -5.49 -23.86 0.17
N CYS C 161 -6.40 -24.73 0.62
CA CYS C 161 -6.48 -26.08 0.09
C CYS C 161 -6.68 -26.03 -1.41
N HIS C 162 -7.36 -24.97 -1.86
CA HIS C 162 -7.61 -24.77 -3.28
C HIS C 162 -6.29 -24.59 -4.03
N TYR C 163 -5.49 -23.63 -3.57
CA TYR C 163 -4.21 -23.32 -4.19
C TYR C 163 -3.25 -24.51 -4.28
N VAL C 164 -3.07 -25.22 -3.17
CA VAL C 164 -2.15 -26.35 -3.12
C VAL C 164 -2.74 -27.73 -3.44
N ALA C 165 -4.05 -27.83 -3.57
CA ALA C 165 -4.67 -29.12 -3.85
C ALA C 165 -5.75 -29.05 -4.92
N GLY C 166 -6.71 -28.15 -4.72
CA GLY C 166 -7.79 -28.00 -5.68
C GLY C 166 -7.28 -27.80 -7.09
N LEU C 167 -6.25 -26.96 -7.23
CA LEU C 167 -5.67 -26.69 -8.53
C LEU C 167 -5.07 -27.95 -9.15
N VAL C 168 -4.61 -28.87 -8.29
CA VAL C 168 -4.04 -30.11 -8.78
C VAL C 168 -5.18 -30.91 -9.42
N GLY C 169 -6.35 -30.83 -8.80
CA GLY C 169 -7.52 -31.51 -9.32
C GLY C 169 -7.90 -30.88 -10.65
N HIS C 170 -7.61 -29.59 -10.78
CA HIS C 170 -7.90 -28.87 -12.02
C HIS C 170 -6.96 -29.35 -13.12
N GLY C 171 -5.66 -29.31 -12.83
CA GLY C 171 -4.67 -29.74 -13.79
C GLY C 171 -4.92 -31.15 -14.32
N LEU C 172 -5.01 -32.11 -13.40
CA LEU C 172 -5.25 -33.50 -13.78
C LEU C 172 -6.48 -33.61 -14.67
N THR C 173 -7.57 -32.97 -14.25
CA THR C 173 -8.81 -33.01 -15.02
C THR C 173 -8.55 -32.46 -16.42
N LEU C 174 -7.77 -31.39 -16.49
CA LEU C 174 -7.44 -30.78 -17.77
C LEU C 174 -6.57 -31.72 -18.58
N LEU C 175 -5.64 -32.40 -17.90
CA LEU C 175 -4.76 -33.33 -18.57
C LEU C 175 -5.56 -34.51 -19.11
N TYR C 176 -6.59 -34.93 -18.38
CA TYR C 176 -7.43 -36.04 -18.83
C TYR C 176 -8.04 -35.71 -20.18
N VAL C 177 -8.74 -34.57 -20.25
CA VAL C 177 -9.37 -34.13 -21.49
C VAL C 177 -8.31 -33.96 -22.58
N SER C 178 -7.20 -33.35 -22.21
CA SER C 178 -6.10 -33.11 -23.13
C SER C 178 -5.63 -34.39 -23.80
N SER C 179 -5.71 -35.50 -23.06
CA SER C 179 -5.29 -36.79 -23.58
C SER C 179 -6.37 -37.45 -24.43
N GLY C 180 -7.61 -37.03 -24.22
CA GLY C 180 -8.72 -37.58 -24.98
C GLY C 180 -9.30 -38.81 -24.30
N LEU C 181 -8.67 -39.25 -23.23
CA LEU C 181 -9.14 -40.42 -22.49
C LEU C 181 -10.51 -40.13 -21.87
N GLU C 182 -10.76 -38.86 -21.59
CA GLU C 182 -12.04 -38.44 -21.01
C GLU C 182 -12.73 -37.47 -21.95
N ASP C 183 -14.04 -37.34 -21.77
CA ASP C 183 -14.83 -36.43 -22.60
C ASP C 183 -14.49 -34.97 -22.32
N VAL C 184 -14.43 -34.18 -23.39
CA VAL C 184 -14.09 -32.76 -23.28
C VAL C 184 -14.99 -32.02 -22.29
N ARG C 185 -16.16 -32.59 -22.03
CA ARG C 185 -17.13 -31.98 -21.12
C ARG C 185 -16.72 -32.12 -19.65
N LEU C 186 -15.73 -32.97 -19.39
CA LEU C 186 -15.26 -33.18 -18.03
C LEU C 186 -14.64 -31.90 -17.47
N ALA C 187 -14.15 -31.05 -18.36
CA ALA C 187 -13.52 -29.79 -17.97
C ALA C 187 -14.55 -28.65 -17.83
N ASP C 188 -15.77 -28.87 -18.31
CA ASP C 188 -16.82 -27.86 -18.22
C ASP C 188 -16.85 -27.25 -16.82
N ASP C 189 -17.17 -28.09 -15.84
CA ASP C 189 -17.24 -27.64 -14.45
C ASP C 189 -16.06 -28.24 -13.69
N LEU C 190 -15.25 -27.38 -13.09
CA LEU C 190 -14.09 -27.85 -12.33
C LEU C 190 -14.31 -27.74 -10.83
N THR C 191 -15.57 -27.55 -10.44
CA THR C 191 -15.91 -27.42 -9.03
C THR C 191 -15.74 -28.76 -8.30
N ASN C 192 -16.25 -29.84 -8.90
CA ASN C 192 -16.13 -31.15 -8.31
C ASN C 192 -14.67 -31.57 -8.27
N ALA C 193 -13.93 -31.22 -9.32
CA ALA C 193 -12.52 -31.56 -9.39
C ALA C 193 -11.81 -30.89 -8.22
N ASN C 194 -12.26 -29.69 -7.89
CA ASN C 194 -11.69 -28.94 -6.78
C ASN C 194 -12.00 -29.68 -5.48
N HIS C 195 -13.23 -30.18 -5.38
CA HIS C 195 -13.65 -30.92 -4.19
C HIS C 195 -12.75 -32.13 -4.01
N MET C 196 -12.33 -32.72 -5.13
CA MET C 196 -11.45 -33.87 -5.12
C MET C 196 -10.18 -33.56 -4.35
N GLY C 197 -9.50 -32.49 -4.75
CA GLY C 197 -8.27 -32.09 -4.09
C GLY C 197 -8.45 -31.74 -2.63
N LEU C 198 -9.53 -31.04 -2.31
CA LEU C 198 -9.79 -30.63 -0.93
C LEU C 198 -10.04 -31.79 0.01
N PHE C 199 -10.71 -32.83 -0.46
CA PHE C 199 -10.99 -33.99 0.39
C PHE C 199 -9.68 -34.66 0.82
N LEU C 200 -8.73 -34.73 -0.10
CA LEU C 200 -7.44 -35.34 0.20
C LEU C 200 -6.62 -34.44 1.10
N GLN C 201 -6.36 -33.22 0.64
CA GLN C 201 -5.57 -32.24 1.37
C GLN C 201 -6.09 -32.00 2.79
N LYS C 202 -7.40 -31.93 2.96
CA LYS C 202 -7.97 -31.70 4.28
C LYS C 202 -7.79 -32.91 5.20
N THR C 203 -8.02 -34.10 4.66
CA THR C 203 -7.88 -35.31 5.46
C THR C 203 -6.46 -35.36 6.04
N ASN C 204 -5.48 -35.04 5.20
CA ASN C 204 -4.09 -35.04 5.64
C ASN C 204 -3.85 -34.00 6.74
N ILE C 205 -4.29 -32.77 6.47
CA ILE C 205 -4.14 -31.69 7.45
C ILE C 205 -4.72 -32.11 8.79
N ILE C 206 -5.83 -32.83 8.75
CA ILE C 206 -6.48 -33.30 9.96
C ILE C 206 -5.67 -34.43 10.60
N ARG C 207 -5.11 -35.30 9.77
CA ARG C 207 -4.32 -36.42 10.25
C ARG C 207 -2.91 -36.01 10.68
N ASP C 208 -2.31 -35.08 9.94
CA ASP C 208 -0.97 -34.63 10.25
C ASP C 208 -0.93 -33.49 11.27
N PHE C 209 -2.04 -33.30 11.98
CA PHE C 209 -2.11 -32.23 12.98
C PHE C 209 -0.88 -32.19 13.89
N TYR C 210 -0.67 -33.27 14.64
CA TYR C 210 0.47 -33.34 15.55
C TYR C 210 1.79 -33.13 14.83
N GLU C 211 2.04 -33.95 13.81
CA GLU C 211 3.27 -33.86 13.04
C GLU C 211 3.57 -32.44 12.59
N ASP C 212 2.54 -31.66 12.35
CA ASP C 212 2.70 -30.28 11.89
C ASP C 212 2.87 -29.25 13.01
N ILE C 213 2.09 -29.40 14.08
CA ILE C 213 2.17 -28.45 15.19
C ILE C 213 3.47 -28.57 15.98
N CYS C 214 4.27 -29.57 15.65
CA CYS C 214 5.55 -29.77 16.33
C CYS C 214 6.70 -29.48 15.36
N GLU C 215 6.67 -28.31 14.77
CA GLU C 215 7.70 -27.90 13.80
C GLU C 215 8.46 -26.65 14.26
N VAL C 216 9.52 -26.33 13.53
CA VAL C 216 10.34 -25.17 13.85
C VAL C 216 10.49 -24.23 12.65
N PRO C 217 9.62 -23.20 12.56
CA PRO C 217 8.55 -22.91 13.52
C PRO C 217 7.37 -23.86 13.31
N PRO C 218 6.34 -23.77 14.17
CA PRO C 218 5.18 -24.64 14.02
C PRO C 218 4.41 -24.38 12.73
N ARG C 219 3.66 -25.39 12.28
CA ARG C 219 2.86 -25.28 11.06
C ARG C 219 1.42 -25.58 11.41
N VAL C 220 0.52 -24.65 11.11
CA VAL C 220 -0.90 -24.84 11.40
C VAL C 220 -1.76 -24.55 10.19
N PHE C 221 -2.88 -25.26 10.10
CA PHE C 221 -3.81 -25.07 8.99
C PHE C 221 -5.26 -25.07 9.46
N TRP C 222 -5.49 -25.65 10.64
CA TRP C 222 -6.84 -25.69 11.21
C TRP C 222 -7.29 -24.24 11.38
N PRO C 223 -8.41 -23.86 10.75
CA PRO C 223 -8.96 -22.50 10.83
C PRO C 223 -9.36 -22.04 12.23
N ARG C 224 -8.96 -20.82 12.57
CA ARG C 224 -9.29 -20.24 13.88
C ARG C 224 -10.80 -20.20 14.08
N GLU C 225 -11.53 -19.85 13.02
CA GLU C 225 -12.98 -19.77 13.08
C GLU C 225 -13.60 -21.06 13.61
N ILE C 226 -12.79 -22.12 13.67
CA ILE C 226 -13.27 -23.41 14.16
C ILE C 226 -12.73 -23.78 15.54
N TRP C 227 -11.43 -23.66 15.74
CA TRP C 227 -10.84 -24.02 17.03
C TRP C 227 -10.94 -22.94 18.11
N GLU C 228 -11.05 -21.67 17.70
CA GLU C 228 -11.15 -20.59 18.67
C GLU C 228 -12.35 -20.88 19.57
N LYS C 229 -13.21 -21.78 19.09
CA LYS C 229 -14.41 -22.17 19.79
C LYS C 229 -14.16 -23.30 20.79
N TYR C 230 -13.06 -24.03 20.61
CA TYR C 230 -12.74 -25.14 21.49
C TYR C 230 -11.51 -24.91 22.37
N THR C 231 -10.80 -23.83 22.12
CA THR C 231 -9.60 -23.52 22.92
C THR C 231 -9.13 -22.09 22.76
N ASP C 232 -8.23 -21.69 23.64
CA ASP C 232 -7.65 -20.35 23.63
C ASP C 232 -6.32 -20.42 22.89
N ASP C 233 -5.66 -21.57 23.01
CA ASP C 233 -4.37 -21.82 22.36
C ASP C 233 -4.41 -23.22 21.76
N LEU C 234 -4.22 -23.30 20.44
CA LEU C 234 -4.26 -24.56 19.73
C LEU C 234 -3.31 -25.60 20.32
N HIS C 235 -2.14 -25.15 20.79
CA HIS C 235 -1.16 -26.05 21.38
C HIS C 235 -1.70 -26.84 22.57
N ALA C 236 -2.74 -26.30 23.20
CA ALA C 236 -3.35 -26.95 24.36
C ALA C 236 -3.99 -28.29 24.00
N PHE C 237 -3.94 -28.64 22.71
CA PHE C 237 -4.53 -29.90 22.26
C PHE C 237 -3.58 -31.09 22.33
N LYS C 238 -2.45 -30.92 23.01
CA LYS C 238 -1.47 -32.00 23.13
C LYS C 238 -1.54 -32.60 24.53
N ASP C 239 -2.21 -31.90 25.43
CA ASP C 239 -2.32 -32.34 26.82
C ASP C 239 -3.56 -33.17 27.10
N GLU C 240 -3.36 -34.31 27.76
CA GLU C 240 -4.47 -35.20 28.11
C GLU C 240 -5.52 -34.42 28.89
N LEU C 241 -5.12 -33.25 29.38
CA LEU C 241 -6.00 -32.39 30.16
C LEU C 241 -7.09 -31.80 29.27
N HIS C 242 -6.68 -31.23 28.14
CA HIS C 242 -7.61 -30.64 27.17
C HIS C 242 -8.01 -31.66 26.11
N GLU C 243 -7.94 -32.94 26.47
CA GLU C 243 -8.28 -34.02 25.55
C GLU C 243 -9.74 -34.00 25.10
N ALA C 244 -10.61 -33.47 25.95
CA ALA C 244 -12.04 -33.41 25.64
C ALA C 244 -12.34 -32.43 24.51
N LYS C 245 -11.86 -31.20 24.64
CA LYS C 245 -12.09 -30.17 23.63
C LYS C 245 -11.25 -30.40 22.38
N ALA C 246 -10.23 -31.23 22.49
CA ALA C 246 -9.37 -31.54 21.36
C ALA C 246 -10.15 -32.41 20.37
N VAL C 247 -10.75 -33.47 20.89
CA VAL C 247 -11.54 -34.38 20.06
C VAL C 247 -12.75 -33.67 19.49
N GLU C 248 -13.51 -32.99 20.36
CA GLU C 248 -14.70 -32.28 19.95
C GLU C 248 -14.39 -31.33 18.80
N CYS C 249 -13.15 -30.86 18.74
CA CYS C 249 -12.73 -29.95 17.67
C CYS C 249 -12.36 -30.78 16.44
N LEU C 250 -11.60 -31.85 16.67
CA LEU C 250 -11.18 -32.74 15.58
C LEU C 250 -12.41 -33.17 14.79
N ASN C 251 -13.52 -33.34 15.49
CA ASN C 251 -14.78 -33.75 14.88
C ASN C 251 -15.33 -32.64 14.00
N ALA C 252 -15.08 -31.40 14.41
CA ALA C 252 -15.55 -30.24 13.65
C ALA C 252 -14.84 -30.23 12.30
N MET C 253 -13.55 -30.55 12.33
CA MET C 253 -12.73 -30.60 11.13
C MET C 253 -13.19 -31.72 10.19
N VAL C 254 -13.41 -32.90 10.77
CA VAL C 254 -13.86 -34.05 9.99
C VAL C 254 -15.17 -33.72 9.27
N ALA C 255 -16.08 -33.07 9.99
CA ALA C 255 -17.37 -32.69 9.43
C ALA C 255 -17.14 -31.76 8.25
N ASP C 256 -16.27 -30.77 8.44
CA ASP C 256 -15.96 -29.82 7.38
C ASP C 256 -15.47 -30.53 6.13
N ALA C 257 -14.66 -31.57 6.32
CA ALA C 257 -14.12 -32.34 5.22
C ALA C 257 -15.19 -33.22 4.58
N LEU C 258 -16.03 -33.82 5.43
CA LEU C 258 -17.11 -34.69 4.95
C LEU C 258 -18.08 -33.99 4.02
N VAL C 259 -17.91 -32.68 3.85
CA VAL C 259 -18.76 -31.90 2.97
C VAL C 259 -18.41 -32.11 1.50
N HIS C 260 -17.15 -32.43 1.25
CA HIS C 260 -16.67 -32.63 -0.11
C HIS C 260 -16.96 -34.02 -0.69
N VAL C 261 -17.30 -34.98 0.16
CA VAL C 261 -17.56 -36.34 -0.28
C VAL C 261 -18.61 -36.49 -1.40
N PRO C 262 -19.81 -35.93 -1.21
CA PRO C 262 -20.86 -36.01 -2.22
C PRO C 262 -20.39 -35.68 -3.63
N HIS C 263 -19.56 -34.64 -3.73
CA HIS C 263 -19.03 -34.21 -5.02
C HIS C 263 -17.96 -35.18 -5.51
N VAL C 264 -17.22 -35.77 -4.58
CA VAL C 264 -16.18 -36.73 -4.93
C VAL C 264 -16.87 -37.90 -5.63
N VAL C 265 -17.99 -38.35 -5.06
CA VAL C 265 -18.75 -39.45 -5.62
C VAL C 265 -19.21 -39.10 -7.03
N GLU C 266 -19.52 -37.83 -7.24
CA GLU C 266 -19.97 -37.36 -8.55
C GLU C 266 -18.86 -37.35 -9.59
N TYR C 267 -17.72 -36.78 -9.22
CA TYR C 267 -16.59 -36.71 -10.13
C TYR C 267 -16.14 -38.10 -10.58
N LEU C 268 -16.06 -39.03 -9.64
CA LEU C 268 -15.65 -40.40 -9.96
C LEU C 268 -16.63 -41.02 -10.94
N ALA C 269 -17.92 -40.91 -10.62
CA ALA C 269 -18.98 -41.46 -11.46
C ALA C 269 -19.02 -40.83 -12.85
N SER C 270 -18.25 -39.78 -13.06
CA SER C 270 -18.23 -39.11 -14.36
C SER C 270 -17.11 -39.60 -15.26
N LEU C 271 -16.13 -40.29 -14.66
CA LEU C 271 -14.99 -40.82 -15.42
C LEU C 271 -15.38 -42.07 -16.20
N ARG C 272 -14.98 -42.12 -17.47
CA ARG C 272 -15.28 -43.25 -18.33
C ARG C 272 -14.08 -44.16 -18.60
N ASP C 273 -12.88 -43.61 -18.49
CA ASP C 273 -11.67 -44.39 -18.73
C ASP C 273 -11.21 -45.12 -17.48
N PRO C 274 -10.98 -46.44 -17.58
CA PRO C 274 -10.55 -47.29 -16.47
C PRO C 274 -9.27 -46.78 -15.79
N SER C 275 -8.27 -46.47 -16.62
CA SER C 275 -7.00 -45.97 -16.12
C SER C 275 -7.19 -44.72 -15.28
N VAL C 276 -7.99 -43.79 -15.80
CA VAL C 276 -8.25 -42.53 -15.10
C VAL C 276 -9.05 -42.75 -13.82
N PHE C 277 -10.02 -43.64 -13.85
CA PHE C 277 -10.84 -43.91 -12.68
C PHE C 277 -10.05 -44.52 -11.52
N ALA C 278 -9.25 -45.53 -11.82
CA ALA C 278 -8.45 -46.19 -10.79
C ALA C 278 -7.52 -45.17 -10.13
N PHE C 279 -6.82 -44.40 -10.96
CA PHE C 279 -5.90 -43.39 -10.47
C PHE C 279 -6.61 -42.33 -9.62
N SER C 280 -7.86 -42.05 -9.94
CA SER C 280 -8.63 -41.04 -9.22
C SER C 280 -9.36 -41.58 -7.99
N ALA C 281 -9.88 -42.79 -8.10
CA ALA C 281 -10.63 -43.42 -7.01
C ALA C 281 -9.80 -43.84 -5.80
N ILE C 282 -8.70 -44.54 -6.05
CA ILE C 282 -7.84 -45.02 -4.98
C ILE C 282 -7.47 -43.97 -3.93
N PRO C 283 -6.93 -42.82 -4.36
CA PRO C 283 -6.57 -41.78 -3.37
C PRO C 283 -7.77 -41.33 -2.56
N GLN C 284 -8.91 -41.15 -3.23
CA GLN C 284 -10.13 -40.71 -2.59
C GLN C 284 -10.59 -41.71 -1.52
N VAL C 285 -10.62 -42.98 -1.88
CA VAL C 285 -11.04 -44.03 -0.95
C VAL C 285 -10.10 -44.08 0.25
N MET C 286 -8.80 -44.04 -0.01
CA MET C 286 -7.82 -44.08 1.05
C MET C 286 -8.04 -42.94 2.04
N ALA C 287 -8.39 -41.77 1.52
CA ALA C 287 -8.63 -40.60 2.37
C ALA C 287 -9.82 -40.85 3.29
N MET C 288 -10.91 -41.34 2.72
CA MET C 288 -12.12 -41.63 3.49
C MET C 288 -11.82 -42.67 4.56
N ALA C 289 -11.00 -43.64 4.21
CA ALA C 289 -10.64 -44.70 5.15
C ALA C 289 -9.85 -44.07 6.30
N THR C 290 -8.91 -43.20 5.96
CA THR C 290 -8.09 -42.52 6.96
C THR C 290 -8.96 -41.63 7.83
N LEU C 291 -9.90 -40.93 7.19
CA LEU C 291 -10.79 -40.02 7.90
C LEU C 291 -11.67 -40.78 8.90
N SER C 292 -12.11 -41.97 8.50
CA SER C 292 -12.96 -42.78 9.36
C SER C 292 -12.19 -43.30 10.57
N LEU C 293 -10.86 -43.23 10.50
CA LEU C 293 -10.03 -43.69 11.61
C LEU C 293 -9.59 -42.56 12.53
N VAL C 294 -9.39 -41.38 11.97
CA VAL C 294 -8.98 -40.23 12.77
C VAL C 294 -10.18 -39.60 13.46
N PHE C 295 -11.36 -39.80 12.89
CA PHE C 295 -12.59 -39.25 13.45
C PHE C 295 -12.84 -39.74 14.87
N ASN C 296 -13.17 -38.80 15.74
CA ASN C 296 -13.47 -39.10 17.14
C ASN C 296 -12.33 -39.87 17.81
N ASN C 297 -11.22 -40.00 17.09
CA ASN C 297 -10.04 -40.70 17.61
C ASN C 297 -9.16 -39.61 18.23
N LYS C 298 -8.61 -39.86 19.42
CA LYS C 298 -7.78 -38.85 20.05
C LYS C 298 -6.28 -39.09 19.99
N ASP C 299 -5.86 -40.28 19.55
CA ASP C 299 -4.43 -40.56 19.46
C ASP C 299 -3.82 -39.54 18.51
N VAL C 300 -4.67 -38.99 17.64
CA VAL C 300 -4.27 -38.00 16.65
C VAL C 300 -3.42 -36.87 17.22
N PHE C 301 -3.73 -36.46 18.44
CA PHE C 301 -3.01 -35.37 19.10
C PHE C 301 -1.66 -35.74 19.69
N HIS C 302 -1.08 -36.84 19.22
CA HIS C 302 0.23 -37.26 19.71
C HIS C 302 0.89 -38.27 18.77
N THR C 303 0.08 -38.97 17.98
CA THR C 303 0.60 -39.96 17.05
C THR C 303 0.01 -39.78 15.65
N LYS C 304 0.47 -40.60 14.72
CA LYS C 304 0.01 -40.55 13.34
C LYS C 304 -0.89 -41.74 13.02
N VAL C 305 -2.19 -41.57 13.18
CA VAL C 305 -3.13 -42.64 12.91
C VAL C 305 -3.06 -43.00 11.43
N LYS C 306 -3.11 -44.29 11.12
CA LYS C 306 -3.03 -44.73 9.73
C LYS C 306 -3.88 -45.95 9.44
N THR C 307 -3.91 -46.32 8.16
CA THR C 307 -4.66 -47.48 7.71
C THR C 307 -3.63 -48.61 7.67
N THR C 308 -4.07 -49.84 7.92
CA THR C 308 -3.14 -50.97 7.89
C THR C 308 -2.73 -51.15 6.42
N ARG C 309 -1.47 -51.48 6.19
CA ARG C 309 -0.99 -51.67 4.83
C ARG C 309 -1.86 -52.67 4.08
N GLY C 310 -2.37 -53.67 4.79
CA GLY C 310 -3.22 -54.66 4.17
C GLY C 310 -4.51 -54.04 3.67
N ALA C 311 -4.91 -52.94 4.31
CA ALA C 311 -6.12 -52.24 3.93
C ALA C 311 -5.88 -51.40 2.69
N THR C 312 -4.76 -50.69 2.66
CA THR C 312 -4.42 -49.86 1.50
C THR C 312 -4.11 -50.76 0.31
N ALA C 313 -3.90 -52.05 0.58
CA ALA C 313 -3.62 -53.00 -0.47
C ALA C 313 -4.95 -53.47 -1.05
N ARG C 314 -5.94 -53.60 -0.18
CA ARG C 314 -7.27 -54.03 -0.57
C ARG C 314 -7.92 -52.93 -1.39
N ILE C 315 -7.65 -51.68 -1.01
CA ILE C 315 -8.20 -50.51 -1.71
C ILE C 315 -7.62 -50.40 -3.12
N PHE C 316 -6.29 -50.50 -3.22
CA PHE C 316 -5.63 -50.42 -4.52
C PHE C 316 -6.16 -51.49 -5.46
N HIS C 317 -6.31 -52.70 -4.94
CA HIS C 317 -6.79 -53.84 -5.72
C HIS C 317 -8.22 -53.73 -6.23
N TYR C 318 -9.11 -53.14 -5.44
CA TYR C 318 -10.51 -53.02 -5.84
C TYR C 318 -10.98 -51.70 -6.43
N SER C 319 -10.35 -50.59 -6.04
CA SER C 319 -10.76 -49.29 -6.58
C SER C 319 -10.38 -49.14 -8.05
N THR C 320 -10.99 -49.96 -8.90
CA THR C 320 -10.72 -49.92 -10.33
C THR C 320 -12.05 -49.84 -11.08
N GLU C 321 -13.13 -50.19 -10.39
CA GLU C 321 -14.47 -50.17 -10.96
C GLU C 321 -15.33 -49.30 -10.04
N LEU C 322 -16.26 -48.54 -10.62
CA LEU C 322 -17.11 -47.65 -9.85
C LEU C 322 -17.85 -48.30 -8.68
N GLN C 323 -18.62 -49.36 -8.96
CA GLN C 323 -19.37 -50.03 -7.91
C GLN C 323 -18.51 -50.48 -6.74
N ALA C 324 -17.38 -51.09 -7.03
CA ALA C 324 -16.48 -51.57 -5.99
C ALA C 324 -16.00 -50.39 -5.14
N THR C 325 -15.74 -49.27 -5.80
CA THR C 325 -15.27 -48.06 -5.13
C THR C 325 -16.35 -47.52 -4.22
N LEU C 326 -17.54 -47.27 -4.78
CA LEU C 326 -18.66 -46.75 -4.02
C LEU C 326 -18.91 -47.61 -2.80
N GLN C 327 -18.83 -48.92 -2.98
CA GLN C 327 -19.05 -49.86 -1.90
C GLN C 327 -18.05 -49.59 -0.77
N MET C 328 -16.76 -49.68 -1.08
CA MET C 328 -15.74 -49.43 -0.07
C MET C 328 -15.94 -48.07 0.58
N LEU C 329 -16.25 -47.06 -0.21
CA LEU C 329 -16.48 -45.72 0.31
C LEU C 329 -17.62 -45.71 1.31
N LYS C 330 -18.70 -46.39 0.98
CA LYS C 330 -19.86 -46.46 1.86
C LYS C 330 -19.53 -47.10 3.21
N THR C 331 -18.98 -48.30 3.18
CA THR C 331 -18.63 -49.00 4.42
C THR C 331 -17.67 -48.20 5.30
N TYR C 332 -16.84 -47.37 4.68
CA TYR C 332 -15.90 -46.55 5.45
C TYR C 332 -16.63 -45.34 6.00
N THR C 333 -17.64 -44.88 5.28
CA THR C 333 -18.43 -43.74 5.69
C THR C 333 -19.37 -44.16 6.82
N LEU C 334 -19.78 -45.43 6.79
CA LEU C 334 -20.68 -45.97 7.80
C LEU C 334 -20.02 -46.19 9.16
N ARG C 335 -18.81 -46.72 9.15
CA ARG C 335 -18.11 -46.96 10.41
C ARG C 335 -17.64 -45.66 11.03
N LEU C 336 -17.42 -44.65 10.19
CA LEU C 336 -16.99 -43.35 10.69
C LEU C 336 -18.16 -42.81 11.49
N ALA C 337 -19.37 -43.11 11.02
CA ALA C 337 -20.59 -42.68 11.69
C ALA C 337 -20.81 -43.56 12.91
N ALA C 338 -20.61 -44.86 12.72
CA ALA C 338 -20.76 -45.81 13.81
C ALA C 338 -19.54 -45.71 14.71
N ARG C 339 -19.24 -44.49 15.14
CA ARG C 339 -18.10 -44.22 16.00
C ARG C 339 -18.55 -43.24 17.08
N MET C 340 -19.41 -42.31 16.66
CA MET C 340 -19.95 -41.29 17.56
C MET C 340 -21.17 -41.84 18.28
N ASN C 341 -21.64 -41.10 19.27
CA ASN C 341 -22.82 -41.49 20.05
C ASN C 341 -23.60 -40.26 20.50
N ALA C 342 -24.83 -40.48 20.95
CA ALA C 342 -25.70 -39.41 21.40
C ALA C 342 -24.99 -38.29 22.16
N GLN C 343 -24.25 -38.65 23.20
CA GLN C 343 -23.53 -37.67 24.00
C GLN C 343 -22.46 -36.88 23.25
N ASP C 344 -22.36 -37.12 21.95
CA ASP C 344 -21.40 -36.40 21.12
C ASP C 344 -22.09 -35.18 20.49
N ALA C 345 -21.40 -34.04 20.50
CA ALA C 345 -21.94 -32.81 19.95
C ALA C 345 -22.18 -32.93 18.45
N CYS C 346 -21.12 -33.22 17.72
CA CYS C 346 -21.17 -33.35 16.26
C CYS C 346 -22.18 -34.39 15.78
N TYR C 347 -22.59 -35.28 16.67
CA TYR C 347 -23.54 -36.34 16.35
C TYR C 347 -24.54 -35.94 15.26
N ASP C 348 -25.27 -34.86 15.52
CA ASP C 348 -26.28 -34.37 14.57
C ASP C 348 -25.71 -33.94 13.22
N ARG C 349 -24.68 -33.10 13.24
CA ARG C 349 -24.09 -32.64 11.98
C ARG C 349 -23.50 -33.81 11.20
N ILE C 350 -22.83 -34.72 11.90
CA ILE C 350 -22.22 -35.88 11.27
C ILE C 350 -23.27 -36.71 10.52
N GLU C 351 -24.37 -37.03 11.21
CA GLU C 351 -25.44 -37.80 10.58
C GLU C 351 -25.79 -37.20 9.23
N HIS C 352 -26.14 -35.91 9.25
CA HIS C 352 -26.50 -35.19 8.04
C HIS C 352 -25.46 -35.36 6.95
N LEU C 353 -24.23 -34.94 7.22
CA LEU C 353 -23.14 -35.06 6.25
C LEU C 353 -22.90 -36.49 5.81
N VAL C 354 -22.91 -37.42 6.77
CA VAL C 354 -22.69 -38.83 6.47
C VAL C 354 -23.78 -39.33 5.52
N ASN C 355 -25.01 -39.35 6.01
CA ASN C 355 -26.15 -39.81 5.22
C ASN C 355 -26.23 -39.04 3.90
N ASP C 356 -25.64 -37.85 3.89
CA ASP C 356 -25.65 -37.02 2.69
C ASP C 356 -24.69 -37.65 1.68
N ALA C 357 -23.56 -38.14 2.17
CA ALA C 357 -22.56 -38.78 1.33
C ALA C 357 -23.07 -40.15 0.89
N ILE C 358 -23.69 -40.86 1.82
CA ILE C 358 -24.23 -42.19 1.56
C ILE C 358 -25.18 -42.14 0.37
N ARG C 359 -26.23 -41.32 0.50
CA ARG C 359 -27.23 -41.15 -0.53
C ARG C 359 -26.60 -40.93 -1.90
N ALA C 360 -25.55 -40.12 -1.94
CA ALA C 360 -24.85 -39.83 -3.18
C ALA C 360 -24.35 -41.12 -3.80
N MET C 361 -23.79 -41.98 -2.94
CA MET C 361 -23.25 -43.26 -3.38
C MET C 361 -24.34 -44.20 -3.86
N GLU C 362 -25.39 -44.36 -3.06
CA GLU C 362 -26.51 -45.24 -3.41
C GLU C 362 -27.20 -44.77 -4.68
N SER C 363 -26.97 -43.50 -5.02
CA SER C 363 -27.56 -42.90 -6.21
C SER C 363 -26.97 -43.46 -7.51
N HIS C 364 -25.70 -43.82 -7.47
CA HIS C 364 -25.01 -44.35 -8.66
C HIS C 364 -24.91 -45.86 -8.70
N GLN C 365 -25.62 -46.52 -7.79
CA GLN C 365 -25.61 -47.99 -7.75
C GLN C 365 -26.83 -48.55 -8.44
N ASP D 25 38.04 23.70 11.07
CA ASP D 25 36.66 23.62 11.52
C ASP D 25 35.81 22.86 10.52
N GLU D 26 36.21 22.94 9.25
CA GLU D 26 35.51 22.28 8.15
C GLU D 26 35.14 20.82 8.39
N ASP D 27 35.94 20.10 9.18
CA ASP D 27 35.67 18.70 9.44
C ASP D 27 34.66 18.41 10.54
N LEU D 28 34.79 19.08 11.68
CA LEU D 28 33.85 18.86 12.78
C LEU D 28 32.49 19.36 12.34
N ARG D 29 32.48 20.47 11.61
CA ARG D 29 31.24 21.06 11.12
C ARG D 29 30.45 19.94 10.48
N PHE D 30 31.09 19.20 9.60
CA PHE D 30 30.46 18.07 8.92
C PHE D 30 29.98 17.07 9.96
N CYS D 31 30.90 16.68 10.84
CA CYS D 31 30.59 15.73 11.91
C CYS D 31 29.38 16.15 12.73
N TYR D 32 29.18 17.46 12.86
CA TYR D 32 28.05 17.97 13.63
C TYR D 32 26.80 18.12 12.77
N ASP D 33 26.96 18.71 11.58
CA ASP D 33 25.83 18.89 10.68
C ASP D 33 25.25 17.54 10.28
N ILE D 34 26.05 16.49 10.46
CA ILE D 34 25.63 15.13 10.13
C ILE D 34 25.02 14.46 11.35
N LEU D 35 25.63 14.69 12.51
CA LEU D 35 25.14 14.13 13.77
C LEU D 35 23.73 14.63 14.02
N GLN D 36 23.58 15.94 13.86
CA GLN D 36 22.31 16.63 14.06
C GLN D 36 21.30 16.16 13.01
N ALA D 37 21.77 15.35 12.06
CA ALA D 37 20.92 14.85 10.99
C ALA D 37 20.42 13.42 11.12
N VAL D 38 20.79 12.72 12.20
CA VAL D 38 20.33 11.34 12.38
C VAL D 38 19.72 11.11 13.75
N SER D 39 20.19 11.85 14.75
CA SER D 39 19.69 11.72 16.11
C SER D 39 19.47 13.09 16.72
N ARG D 40 18.56 13.85 16.11
CA ARG D 40 18.21 15.20 16.55
C ARG D 40 18.23 15.31 18.07
N SER D 41 17.73 14.28 18.75
CA SER D 41 17.67 14.25 20.20
C SER D 41 19.06 14.25 20.83
N PHE D 42 19.82 13.20 20.57
CA PHE D 42 21.17 13.08 21.12
C PHE D 42 22.00 14.30 20.73
N ALA D 43 21.68 14.88 19.58
CA ALA D 43 22.40 16.05 19.07
C ALA D 43 22.05 17.28 19.90
N VAL D 44 21.15 17.11 20.86
CA VAL D 44 20.74 18.20 21.73
C VAL D 44 21.29 17.94 23.12
N VAL D 45 21.40 16.68 23.48
CA VAL D 45 21.92 16.26 24.78
C VAL D 45 23.44 16.42 24.77
N ILE D 46 24.07 16.01 23.68
CA ILE D 46 25.51 16.07 23.54
C ILE D 46 26.03 17.49 23.76
N MET D 47 25.16 18.48 23.60
CA MET D 47 25.55 19.86 23.79
C MET D 47 25.56 20.28 25.25
N GLU D 48 25.12 19.38 26.12
CA GLU D 48 25.11 19.65 27.55
C GLU D 48 26.57 19.57 27.99
N LEU D 49 27.32 18.73 27.28
CA LEU D 49 28.74 18.50 27.55
C LEU D 49 29.63 19.71 27.26
N ASP D 50 30.94 19.49 27.39
CA ASP D 50 31.93 20.52 27.14
C ASP D 50 32.63 20.33 25.80
N GLU D 51 33.09 21.45 25.24
CA GLU D 51 33.78 21.45 23.96
C GLU D 51 34.80 20.33 23.79
N GLU D 52 35.64 20.11 24.79
CA GLU D 52 36.65 19.06 24.71
C GLU D 52 36.04 17.66 24.60
N MET D 53 35.10 17.36 25.48
CA MET D 53 34.45 16.05 25.48
C MET D 53 33.39 15.93 24.40
N ARG D 54 32.66 17.02 24.17
CA ARG D 54 31.61 17.05 23.17
C ARG D 54 32.16 16.62 21.82
N ASP D 55 33.24 17.27 21.39
CA ASP D 55 33.88 16.95 20.12
C ASP D 55 34.24 15.47 20.09
N ALA D 56 34.65 14.94 21.25
CA ALA D 56 35.03 13.55 21.37
C ALA D 56 33.81 12.63 21.30
N VAL D 57 32.85 12.88 22.17
CA VAL D 57 31.62 12.09 22.21
C VAL D 57 30.97 12.09 20.84
N CYS D 58 31.02 13.23 20.16
CA CYS D 58 30.43 13.37 18.83
C CYS D 58 31.07 12.37 17.87
N ILE D 59 32.38 12.47 17.68
CA ILE D 59 33.10 11.58 16.79
C ILE D 59 32.86 10.14 17.21
N PHE D 60 32.81 9.92 18.52
CA PHE D 60 32.59 8.59 19.08
C PHE D 60 31.26 8.02 18.60
N TYR D 61 30.24 8.89 18.59
CA TYR D 61 28.91 8.47 18.14
C TYR D 61 28.92 8.15 16.65
N LEU D 62 29.38 9.12 15.85
CA LEU D 62 29.44 8.95 14.40
C LEU D 62 30.07 7.63 14.00
N VAL D 63 31.27 7.37 14.49
CA VAL D 63 31.97 6.13 14.18
C VAL D 63 31.07 4.92 14.42
N LEU D 64 30.44 4.88 15.58
CA LEU D 64 29.55 3.78 15.94
C LEU D 64 28.35 3.67 15.02
N ARG D 65 27.74 4.80 14.66
CA ARG D 65 26.61 4.78 13.76
C ARG D 65 27.09 4.36 12.38
N ALA D 66 28.27 4.87 12.00
CA ALA D 66 28.86 4.53 10.72
C ALA D 66 29.04 3.02 10.70
N LEU D 67 29.23 2.46 11.90
CA LEU D 67 29.43 1.03 12.07
C LEU D 67 28.09 0.31 11.95
N ASP D 68 27.12 0.72 12.77
CA ASP D 68 25.79 0.11 12.76
C ASP D 68 25.20 0.16 11.36
N THR D 69 25.53 1.22 10.62
CA THR D 69 25.02 1.38 9.26
C THR D 69 25.50 0.22 8.39
N VAL D 70 26.74 -0.21 8.63
CA VAL D 70 27.32 -1.32 7.88
C VAL D 70 26.70 -2.63 8.36
N GLU D 71 26.51 -2.73 9.67
CA GLU D 71 25.95 -3.92 10.28
C GLU D 71 24.43 -4.01 10.09
N ASP D 72 23.83 -2.99 9.49
CA ASP D 72 22.39 -3.00 9.30
C ASP D 72 21.87 -2.93 7.86
N ASP D 73 22.69 -3.28 6.88
CA ASP D 73 22.21 -3.27 5.50
C ASP D 73 21.76 -4.69 5.17
N MET D 74 20.55 -4.81 4.63
CA MET D 74 20.01 -6.13 4.31
C MET D 74 20.11 -6.47 2.82
N SER D 75 20.75 -5.59 2.07
CA SER D 75 20.95 -5.79 0.64
C SER D 75 22.47 -5.85 0.45
N ILE D 76 23.15 -6.35 1.47
CA ILE D 76 24.61 -6.46 1.48
C ILE D 76 25.04 -7.85 1.96
N PRO D 77 26.08 -8.43 1.35
CA PRO D 77 26.62 -9.75 1.68
C PRO D 77 27.14 -9.89 3.13
N VAL D 78 27.08 -11.11 3.65
CA VAL D 78 27.52 -11.41 5.01
C VAL D 78 29.04 -11.52 5.13
N GLU D 79 29.65 -12.29 4.24
CA GLU D 79 31.10 -12.47 4.25
C GLU D 79 31.81 -11.17 3.93
N PHE D 80 31.04 -10.09 3.89
CA PHE D 80 31.56 -8.76 3.63
C PHE D 80 31.69 -8.06 4.99
N LYS D 81 30.70 -8.30 5.83
CA LYS D 81 30.65 -7.71 7.17
C LYS D 81 31.92 -8.00 7.94
N LEU D 82 32.04 -9.22 8.46
CA LEU D 82 33.23 -9.61 9.24
C LEU D 82 34.51 -9.22 8.51
N ARG D 83 34.65 -9.64 7.26
CA ARG D 83 35.84 -9.31 6.48
C ARG D 83 36.12 -7.81 6.53
N GLU D 84 35.10 -7.04 6.82
CA GLU D 84 35.24 -5.58 6.89
C GLU D 84 35.01 -4.97 8.28
N LEU D 85 34.14 -5.56 9.09
CA LEU D 85 33.82 -5.04 10.43
C LEU D 85 35.01 -5.08 11.40
N PRO D 86 35.62 -6.24 11.61
CA PRO D 86 36.78 -6.34 12.52
C PRO D 86 38.01 -5.52 12.12
N LYS D 87 37.94 -4.91 10.91
CA LYS D 87 39.03 -4.08 10.44
C LYS D 87 38.47 -2.65 10.41
N PHE D 88 37.32 -2.49 11.08
CA PHE D 88 36.59 -1.24 11.18
C PHE D 88 37.35 -0.26 12.07
N HIS D 89 37.62 -0.68 13.31
CA HIS D 89 38.34 0.16 14.27
C HIS D 89 39.74 0.43 13.76
N GLU D 90 40.24 -0.43 12.88
CA GLU D 90 41.57 -0.25 12.33
C GLU D 90 41.57 0.88 11.31
N HIS D 91 40.49 0.98 10.57
CA HIS D 91 40.35 2.02 9.55
C HIS D 91 40.06 3.41 10.12
N LEU D 92 40.18 3.58 11.43
CA LEU D 92 39.88 4.89 12.02
C LEU D 92 41.00 5.91 11.95
N HIS D 93 42.03 5.61 11.15
CA HIS D 93 43.13 6.53 10.90
C HIS D 93 43.06 6.36 9.41
N ASP D 94 44.20 6.20 8.71
CA ASP D 94 44.11 6.05 7.27
C ASP D 94 43.02 7.00 6.77
N THR D 95 43.19 8.29 7.05
CA THR D 95 42.24 9.32 6.66
C THR D 95 41.85 9.27 5.20
N THR D 96 42.40 8.31 4.46
CA THR D 96 42.10 8.15 3.03
C THR D 96 40.94 7.16 2.77
N TRP D 97 40.19 6.80 3.81
CA TRP D 97 39.10 5.86 3.66
C TRP D 97 37.70 6.43 3.40
N CYS D 98 36.76 5.54 3.06
CA CYS D 98 35.36 5.88 2.78
C CYS D 98 34.69 4.75 1.99
N MET D 99 33.40 4.55 2.24
CA MET D 99 32.60 3.52 1.58
C MET D 99 31.54 4.21 0.71
N SER D 100 31.47 3.81 -0.56
CA SER D 100 30.56 4.43 -1.53
C SER D 100 29.20 3.76 -1.81
N GLY D 101 29.01 2.52 -1.37
CA GLY D 101 27.73 1.87 -1.62
C GLY D 101 27.19 1.16 -0.40
N VAL D 102 26.92 1.93 0.66
CA VAL D 102 26.43 1.36 1.91
C VAL D 102 24.98 1.67 2.27
N GLY D 103 24.80 2.52 3.27
CA GLY D 103 23.48 2.86 3.75
C GLY D 103 22.59 3.74 2.89
N VAL D 104 21.66 4.41 3.57
CA VAL D 104 20.70 5.30 2.93
C VAL D 104 20.63 6.63 3.67
N GLY D 105 20.14 7.67 2.98
CA GLY D 105 20.04 8.97 3.61
C GLY D 105 21.37 9.63 3.87
N ARG D 106 21.47 10.33 5.00
CA ARG D 106 22.71 11.01 5.37
C ARG D 106 23.78 9.99 5.77
N GLU D 107 23.35 8.87 6.32
CA GLU D 107 24.26 7.83 6.76
C GLU D 107 25.30 7.45 5.69
N ARG D 108 24.84 7.08 4.50
CA ARG D 108 25.76 6.71 3.44
C ARG D 108 26.72 7.86 3.15
N GLU D 109 26.24 9.08 3.32
CA GLU D 109 27.08 10.26 3.09
C GLU D 109 28.19 10.25 4.14
N LEU D 110 27.86 9.77 5.33
CA LEU D 110 28.81 9.68 6.43
C LEU D 110 29.90 8.68 6.07
N LEU D 111 29.52 7.63 5.36
CA LEU D 111 30.46 6.60 4.96
C LEU D 111 31.16 6.92 3.63
N GLU D 112 30.46 7.66 2.77
CA GLU D 112 31.05 8.04 1.48
C GLU D 112 31.98 9.23 1.68
N ARG D 113 31.87 9.86 2.84
CA ARG D 113 32.70 11.02 3.18
C ARG D 113 33.20 10.82 4.61
N TYR D 114 33.47 9.57 4.94
CA TYR D 114 33.96 9.18 6.26
C TYR D 114 35.25 9.89 6.66
N THR D 115 36.02 10.32 5.66
CA THR D 115 37.28 11.02 5.90
C THR D 115 37.23 12.03 7.04
N HIS D 116 36.32 12.99 6.95
CA HIS D 116 36.19 14.02 7.97
C HIS D 116 36.20 13.47 9.40
N VAL D 117 35.77 12.22 9.55
CA VAL D 117 35.71 11.61 10.88
C VAL D 117 37.07 11.16 11.39
N THR D 118 37.92 10.67 10.50
CA THR D 118 39.24 10.19 10.87
C THR D 118 40.26 11.29 11.16
N ARG D 119 40.14 12.44 10.50
CA ARG D 119 41.09 13.52 10.77
C ARG D 119 40.60 14.35 11.95
N ALA D 120 39.29 14.47 12.09
CA ALA D 120 38.72 15.20 13.22
C ALA D 120 39.03 14.31 14.42
N TYR D 121 39.30 13.05 14.11
CA TYR D 121 39.63 12.02 15.07
C TYR D 121 40.99 12.33 15.69
N SER D 122 42.04 12.31 14.87
CA SER D 122 43.39 12.60 15.33
C SER D 122 43.46 14.04 15.81
N ARG D 123 42.80 14.94 15.09
CA ARG D 123 42.76 16.36 15.44
C ARG D 123 42.43 16.44 16.93
N LEU D 124 41.51 15.58 17.34
CA LEU D 124 41.05 15.50 18.72
C LEU D 124 42.12 14.81 19.57
N GLY D 125 42.08 15.08 20.88
CA GLY D 125 43.04 14.46 21.78
C GLY D 125 43.03 12.95 21.56
N LYS D 126 44.03 12.26 22.09
CA LYS D 126 44.10 10.81 21.92
C LYS D 126 43.76 9.97 23.14
N ALA D 127 43.74 10.58 24.31
CA ALA D 127 43.40 9.85 25.53
C ALA D 127 42.05 9.17 25.28
N TYR D 128 41.23 9.83 24.46
CA TYR D 128 39.91 9.32 24.10
C TYR D 128 40.10 8.39 22.91
N GLN D 129 40.81 8.90 21.91
CA GLN D 129 41.11 8.19 20.67
C GLN D 129 41.23 6.68 20.84
N ASP D 130 41.89 6.26 21.91
CA ASP D 130 42.10 4.84 22.19
C ASP D 130 40.81 4.16 22.64
N VAL D 131 40.01 4.89 23.43
CA VAL D 131 38.74 4.36 23.92
C VAL D 131 37.82 4.08 22.73
N ILE D 132 37.76 5.03 21.81
CA ILE D 132 36.93 4.88 20.62
C ILE D 132 37.34 3.60 19.91
N SER D 133 38.64 3.47 19.68
CA SER D 133 39.22 2.31 19.01
C SER D 133 38.87 1.01 19.72
N GLY D 134 39.20 0.94 21.01
CA GLY D 134 38.92 -0.26 21.78
C GLY D 134 37.52 -0.81 21.58
N ILE D 135 36.52 -0.01 21.94
CA ILE D 135 35.13 -0.42 21.82
C ILE D 135 34.73 -0.65 20.36
N CYS D 136 35.06 0.32 19.51
CA CYS D 136 34.75 0.23 18.09
C CYS D 136 35.01 -1.19 17.60
N GLU D 137 36.13 -1.75 18.04
CA GLU D 137 36.50 -3.11 17.66
C GLU D 137 35.57 -4.10 18.37
N ARG D 138 35.65 -4.11 19.69
CA ARG D 138 34.83 -5.00 20.51
C ARG D 138 33.39 -5.05 20.02
N MET D 139 32.79 -3.87 19.83
CA MET D 139 31.42 -3.78 19.36
C MET D 139 31.24 -4.44 18.00
N ALA D 140 32.15 -4.13 17.07
CA ALA D 140 32.10 -4.69 15.72
C ALA D 140 32.00 -6.22 15.76
N ASN D 141 32.92 -6.85 16.48
CA ASN D 141 32.93 -8.31 16.59
C ASN D 141 31.65 -8.81 17.25
N GLY D 142 31.21 -8.11 18.28
CA GLY D 142 29.99 -8.50 18.96
C GLY D 142 28.86 -8.55 17.95
N MET D 143 28.96 -7.70 16.94
CA MET D 143 27.96 -7.64 15.88
C MET D 143 28.15 -8.83 14.93
N CYS D 144 29.39 -9.21 14.71
CA CYS D 144 29.71 -10.33 13.84
C CYS D 144 29.11 -11.59 14.45
N ASP D 145 29.35 -11.77 15.74
CA ASP D 145 28.86 -12.92 16.49
C ASP D 145 27.35 -13.10 16.32
N PHE D 146 26.64 -11.99 16.09
CA PHE D 146 25.19 -12.03 15.95
C PHE D 146 24.64 -11.95 14.53
N LEU D 147 25.49 -11.63 13.56
CA LEU D 147 25.03 -11.55 12.18
C LEU D 147 24.37 -12.84 11.72
N THR D 148 25.12 -13.94 11.80
CA THR D 148 24.62 -15.25 11.40
C THR D 148 23.71 -15.86 12.46
N ARG D 149 24.01 -15.60 13.73
CA ARG D 149 23.21 -16.13 14.83
C ARG D 149 22.05 -15.18 15.11
N LYS D 150 21.21 -15.53 16.08
CA LYS D 150 20.07 -14.70 16.45
C LYS D 150 19.80 -14.82 17.95
N VAL D 151 18.80 -14.09 18.43
CA VAL D 151 18.44 -14.11 19.84
C VAL D 151 17.41 -15.19 20.16
N GLU D 152 17.83 -16.17 20.97
CA GLU D 152 16.98 -17.28 21.37
C GLU D 152 16.67 -17.19 22.87
N THR D 153 17.62 -16.64 23.61
CA THR D 153 17.46 -16.52 25.07
C THR D 153 17.84 -15.14 25.59
N LYS D 154 17.47 -14.87 26.83
CA LYS D 154 17.76 -13.60 27.48
C LYS D 154 19.27 -13.39 27.56
N ALA D 155 20.01 -14.49 27.54
CA ALA D 155 21.46 -14.43 27.60
C ALA D 155 21.93 -13.78 26.30
N ASP D 156 21.31 -14.17 25.20
CA ASP D 156 21.64 -13.62 23.89
C ASP D 156 21.26 -12.14 23.91
N TYR D 157 20.17 -11.85 24.60
CA TYR D 157 19.64 -10.49 24.73
C TYR D 157 20.63 -9.58 25.45
N ASP D 158 20.78 -9.79 26.76
CA ASP D 158 21.70 -8.98 27.57
C ASP D 158 23.07 -8.89 26.92
N LEU D 159 23.46 -9.94 26.21
CA LEU D 159 24.76 -9.98 25.55
C LEU D 159 24.79 -9.03 24.35
N TYR D 160 23.79 -9.14 23.48
CA TYR D 160 23.72 -8.29 22.30
C TYR D 160 23.73 -6.82 22.71
N CYS D 161 22.80 -6.45 23.58
CA CYS D 161 22.69 -5.08 24.06
C CYS D 161 24.03 -4.60 24.60
N HIS D 162 24.82 -5.51 25.15
CA HIS D 162 26.12 -5.18 25.72
C HIS D 162 27.06 -4.62 24.65
N TYR D 163 27.13 -5.29 23.51
CA TYR D 163 27.99 -4.88 22.41
C TYR D 163 27.57 -3.55 21.81
N VAL D 164 26.28 -3.40 21.54
CA VAL D 164 25.76 -2.19 20.94
C VAL D 164 25.50 -1.03 21.91
N ALA D 165 24.96 -1.34 23.09
CA ALA D 165 24.65 -0.32 24.08
C ALA D 165 25.60 -0.34 25.27
N GLY D 166 25.62 -1.47 25.98
CA GLY D 166 26.48 -1.60 27.15
C GLY D 166 27.87 -1.01 26.98
N LEU D 167 28.54 -1.37 25.88
CA LEU D 167 29.89 -0.88 25.64
C LEU D 167 29.96 0.64 25.54
N VAL D 168 28.91 1.26 25.01
CA VAL D 168 28.89 2.71 24.90
C VAL D 168 28.99 3.25 26.33
N GLY D 169 28.47 2.47 27.27
CA GLY D 169 28.54 2.86 28.67
C GLY D 169 29.97 2.81 29.14
N HIS D 170 30.65 1.69 28.84
CA HIS D 170 32.04 1.53 29.22
C HIS D 170 32.82 2.70 28.63
N GLY D 171 32.63 2.91 27.33
CA GLY D 171 33.32 3.98 26.64
C GLY D 171 33.14 5.34 27.29
N LEU D 172 31.92 5.87 27.22
CA LEU D 172 31.63 7.18 27.81
C LEU D 172 32.24 7.27 29.21
N THR D 173 32.04 6.23 30.00
CA THR D 173 32.58 6.21 31.36
C THR D 173 34.09 6.42 31.31
N LEU D 174 34.75 5.72 30.39
CA LEU D 174 36.19 5.84 30.24
C LEU D 174 36.57 7.25 29.83
N LEU D 175 35.90 7.78 28.81
CA LEU D 175 36.18 9.13 28.35
C LEU D 175 36.00 10.12 29.50
N TYR D 176 34.98 9.90 30.34
CA TYR D 176 34.74 10.78 31.47
C TYR D 176 35.98 10.81 32.35
N VAL D 177 36.47 9.63 32.70
CA VAL D 177 37.65 9.50 33.55
C VAL D 177 38.88 10.22 33.01
N SER D 178 39.32 9.80 31.82
CA SER D 178 40.51 10.38 31.18
C SER D 178 40.47 11.89 31.02
N SER D 179 39.30 12.50 31.21
CA SER D 179 39.19 13.94 31.06
C SER D 179 39.31 14.67 32.40
N GLY D 180 39.57 13.92 33.45
CA GLY D 180 39.72 14.51 34.77
C GLY D 180 38.45 15.07 35.37
N LEU D 181 37.39 15.18 34.58
CA LEU D 181 36.13 15.68 35.07
C LEU D 181 35.55 14.74 36.12
N GLU D 182 35.65 13.44 35.86
CA GLU D 182 35.15 12.44 36.79
C GLU D 182 36.31 11.69 37.44
N ASP D 183 36.04 11.02 38.55
CA ASP D 183 37.05 10.28 39.29
C ASP D 183 37.57 9.06 38.52
N VAL D 184 38.87 8.82 38.63
CA VAL D 184 39.49 7.68 37.96
C VAL D 184 39.00 6.41 38.64
N ARG D 185 38.58 6.55 39.89
CA ARG D 185 38.07 5.44 40.69
C ARG D 185 36.63 5.13 40.30
N LEU D 186 36.31 5.28 39.02
CA LEU D 186 34.97 5.02 38.52
C LEU D 186 35.01 4.07 37.34
N ALA D 187 36.18 3.97 36.72
CA ALA D 187 36.35 3.09 35.57
C ALA D 187 36.87 1.73 36.00
N ASP D 188 36.92 1.49 37.31
CA ASP D 188 37.38 0.22 37.85
C ASP D 188 36.32 -0.83 37.55
N ASP D 189 35.13 -0.63 38.08
CA ASP D 189 34.01 -1.55 37.85
C ASP D 189 33.13 -0.94 36.77
N LEU D 190 32.74 -1.73 35.79
CA LEU D 190 31.91 -1.23 34.69
C LEU D 190 30.52 -1.84 34.62
N THR D 191 30.15 -2.63 35.62
CA THR D 191 28.84 -3.26 35.64
C THR D 191 27.72 -2.25 35.39
N ASN D 192 27.58 -1.28 36.29
CA ASN D 192 26.54 -0.27 36.16
C ASN D 192 26.65 0.51 34.86
N ALA D 193 27.89 0.74 34.40
CA ALA D 193 28.11 1.46 33.16
C ALA D 193 27.43 0.71 32.03
N ASN D 194 27.30 -0.61 32.20
CA ASN D 194 26.66 -1.45 31.20
C ASN D 194 25.15 -1.36 31.35
N HIS D 195 24.69 -1.21 32.59
CA HIS D 195 23.26 -1.11 32.88
C HIS D 195 22.65 0.13 32.25
N MET D 196 23.41 1.22 32.22
CA MET D 196 22.95 2.46 31.62
C MET D 196 22.65 2.19 30.16
N GLY D 197 23.58 1.49 29.50
CA GLY D 197 23.42 1.18 28.09
C GLY D 197 22.28 0.22 27.78
N LEU D 198 22.20 -0.88 28.53
CA LEU D 198 21.15 -1.86 28.31
C LEU D 198 19.77 -1.25 28.51
N PHE D 199 19.61 -0.48 29.59
CA PHE D 199 18.34 0.16 29.89
C PHE D 199 17.89 1.01 28.69
N LEU D 200 18.76 1.88 28.22
CA LEU D 200 18.45 2.73 27.09
C LEU D 200 18.08 1.93 25.85
N GLN D 201 18.92 0.95 25.52
CA GLN D 201 18.70 0.10 24.36
C GLN D 201 17.43 -0.73 24.47
N LYS D 202 17.31 -1.51 25.54
CA LYS D 202 16.15 -2.36 25.75
C LYS D 202 14.84 -1.58 25.70
N THR D 203 14.84 -0.36 26.21
CA THR D 203 13.65 0.47 26.20
C THR D 203 13.28 0.82 24.77
N ASN D 204 14.29 1.02 23.92
CA ASN D 204 14.05 1.34 22.52
C ASN D 204 13.56 0.12 21.75
N ILE D 205 14.06 -1.05 22.11
CA ILE D 205 13.67 -2.29 21.45
C ILE D 205 12.18 -2.55 21.66
N ILE D 206 11.70 -2.22 22.86
CA ILE D 206 10.29 -2.41 23.20
C ILE D 206 9.41 -1.39 22.48
N ARG D 207 9.78 -0.12 22.58
CA ARG D 207 9.02 0.95 21.95
C ARG D 207 9.07 0.87 20.43
N ASP D 208 10.26 0.67 19.88
CA ASP D 208 10.45 0.61 18.43
C ASP D 208 10.23 -0.80 17.87
N PHE D 209 9.24 -1.52 18.38
CA PHE D 209 8.97 -2.87 17.91
C PHE D 209 8.29 -2.86 16.53
N TYR D 210 7.07 -2.36 16.48
CA TYR D 210 6.31 -2.31 15.22
C TYR D 210 7.18 -1.74 14.11
N GLU D 211 7.97 -0.72 14.45
CA GLU D 211 8.85 -0.08 13.47
C GLU D 211 9.86 -1.11 12.94
N ASP D 212 10.36 -1.95 13.83
CA ASP D 212 11.33 -2.98 13.45
C ASP D 212 10.67 -4.19 12.80
N ILE D 213 9.57 -4.65 13.38
CA ILE D 213 8.86 -5.82 12.85
C ILE D 213 8.44 -5.57 11.40
N CYS D 214 8.20 -4.30 11.06
CA CYS D 214 7.79 -3.92 9.72
C CYS D 214 8.97 -3.70 8.80
N GLU D 215 10.18 -3.76 9.37
CA GLU D 215 11.39 -3.58 8.57
C GLU D 215 11.37 -4.65 7.49
N VAL D 216 11.83 -4.29 6.29
CA VAL D 216 11.86 -5.23 5.19
C VAL D 216 13.26 -5.32 4.59
N PRO D 217 13.97 -6.43 4.86
CA PRO D 217 13.53 -7.56 5.68
C PRO D 217 13.31 -7.24 7.16
N PRO D 218 12.48 -8.05 7.85
CA PRO D 218 12.13 -7.92 9.27
C PRO D 218 13.33 -7.81 10.22
N ARG D 219 13.09 -7.15 11.35
CA ARG D 219 14.12 -6.96 12.37
C ARG D 219 13.56 -7.39 13.73
N VAL D 220 14.16 -8.43 14.31
CA VAL D 220 13.73 -8.95 15.60
C VAL D 220 14.83 -8.90 16.66
N PHE D 221 14.47 -8.49 17.86
CA PHE D 221 15.42 -8.40 18.96
C PHE D 221 14.84 -8.95 20.25
N TRP D 222 13.57 -9.36 20.20
CA TRP D 222 12.89 -9.90 21.37
C TRP D 222 13.29 -11.37 21.62
N PRO D 223 13.76 -11.67 22.84
CA PRO D 223 14.20 -13.01 23.27
C PRO D 223 13.20 -14.13 22.97
N ARG D 224 13.59 -15.05 22.11
CA ARG D 224 12.74 -16.19 21.77
C ARG D 224 12.29 -16.88 23.05
N GLU D 225 13.14 -16.78 24.07
CA GLU D 225 12.87 -17.38 25.37
C GLU D 225 11.68 -16.73 26.08
N ILE D 226 11.32 -15.53 25.61
CA ILE D 226 10.21 -14.80 26.22
C ILE D 226 8.87 -14.98 25.51
N TRP D 227 8.83 -14.66 24.22
CA TRP D 227 7.59 -14.79 23.46
C TRP D 227 7.20 -16.24 23.16
N GLU D 228 8.09 -17.17 23.47
CA GLU D 228 7.80 -18.59 23.23
C GLU D 228 6.77 -18.99 24.29
N LYS D 229 6.60 -18.11 25.27
CA LYS D 229 5.68 -18.34 26.38
C LYS D 229 4.32 -17.67 26.23
N TYR D 230 4.24 -16.66 25.36
CA TYR D 230 2.99 -15.94 25.16
C TYR D 230 2.43 -16.18 23.75
N THR D 231 3.15 -16.96 22.97
CA THR D 231 2.75 -17.28 21.60
C THR D 231 3.74 -18.28 21.01
N ASP D 232 3.86 -18.28 19.68
CA ASP D 232 4.78 -19.16 18.96
C ASP D 232 5.19 -18.50 17.66
N ASP D 233 4.77 -17.26 17.49
CA ASP D 233 5.08 -16.48 16.30
C ASP D 233 5.16 -15.02 16.70
N LEU D 234 6.33 -14.43 16.57
CA LEU D 234 6.53 -13.04 16.94
C LEU D 234 5.80 -12.07 16.01
N HIS D 235 5.96 -12.27 14.70
CA HIS D 235 5.31 -11.41 13.72
C HIS D 235 3.80 -11.37 13.93
N ALA D 236 3.29 -12.33 14.70
CA ALA D 236 1.87 -12.41 14.98
C ALA D 236 1.36 -11.15 15.67
N PHE D 237 2.15 -10.60 16.58
CA PHE D 237 1.77 -9.40 17.33
C PHE D 237 1.06 -8.32 16.51
N LYS D 238 1.40 -8.19 15.24
CA LYS D 238 0.76 -7.19 14.39
C LYS D 238 -0.76 -7.34 14.50
N ASP D 239 -1.18 -8.57 14.73
CA ASP D 239 -2.60 -8.89 14.85
C ASP D 239 -3.26 -8.11 15.97
N GLU D 240 -4.58 -8.01 15.89
CA GLU D 240 -5.35 -7.32 16.90
C GLU D 240 -6.07 -8.40 17.70
N LEU D 241 -5.94 -9.63 17.23
CA LEU D 241 -6.57 -10.78 17.85
C LEU D 241 -5.64 -11.58 18.77
N HIS D 242 -4.49 -11.00 19.08
CA HIS D 242 -3.55 -11.65 20.01
C HIS D 242 -3.24 -10.70 21.15
N GLU D 243 -3.72 -9.46 21.04
CA GLU D 243 -3.50 -8.43 22.07
C GLU D 243 -3.24 -8.97 23.50
N ALA D 244 -4.30 -9.27 24.23
CA ALA D 244 -4.21 -9.81 25.58
C ALA D 244 -2.85 -10.47 25.87
N LYS D 245 -2.47 -11.49 25.10
CA LYS D 245 -1.18 -12.15 25.32
C LYS D 245 0.01 -11.34 24.83
N ALA D 246 -0.24 -10.46 23.88
CA ALA D 246 0.79 -9.59 23.32
C ALA D 246 1.22 -8.55 24.34
N VAL D 247 0.24 -7.98 25.04
CA VAL D 247 0.53 -6.97 26.05
C VAL D 247 1.29 -7.55 27.24
N GLU D 248 0.83 -8.70 27.74
CA GLU D 248 1.51 -9.32 28.87
C GLU D 248 2.89 -9.79 28.46
N CYS D 249 3.10 -9.98 27.17
CA CYS D 249 4.41 -10.38 26.67
C CYS D 249 5.25 -9.12 26.71
N LEU D 250 4.55 -7.99 26.57
CA LEU D 250 5.17 -6.67 26.60
C LEU D 250 5.57 -6.40 28.05
N ASN D 251 4.62 -6.62 28.95
CA ASN D 251 4.86 -6.43 30.38
C ASN D 251 6.12 -7.15 30.81
N ALA D 252 6.31 -8.36 30.27
CA ALA D 252 7.49 -9.16 30.58
C ALA D 252 8.74 -8.42 30.10
N MET D 253 8.67 -7.91 28.87
CA MET D 253 9.79 -7.16 28.30
C MET D 253 10.13 -5.97 29.18
N VAL D 254 9.10 -5.25 29.61
CA VAL D 254 9.27 -4.09 30.48
C VAL D 254 9.85 -4.58 31.80
N ALA D 255 9.34 -5.71 32.27
CA ALA D 255 9.79 -6.29 33.53
C ALA D 255 11.29 -6.54 33.47
N ASP D 256 11.73 -7.15 32.37
CA ASP D 256 13.14 -7.43 32.17
C ASP D 256 13.95 -6.15 32.25
N ALA D 257 13.43 -5.09 31.63
CA ALA D 257 14.09 -3.80 31.61
C ALA D 257 14.26 -3.18 33.00
N LEU D 258 13.18 -3.18 33.77
CA LEU D 258 13.19 -2.59 35.11
C LEU D 258 14.25 -3.17 36.05
N VAL D 259 14.97 -4.20 35.58
CA VAL D 259 16.01 -4.82 36.39
C VAL D 259 17.28 -3.97 36.43
N HIS D 260 17.46 -3.14 35.41
CA HIS D 260 18.64 -2.29 35.32
C HIS D 260 18.48 -0.97 36.08
N VAL D 261 17.23 -0.57 36.29
CA VAL D 261 16.92 0.68 36.98
C VAL D 261 17.76 0.99 38.22
N PRO D 262 17.74 0.10 39.23
CA PRO D 262 18.52 0.34 40.44
C PRO D 262 19.98 0.66 40.16
N HIS D 263 20.55 -0.04 39.19
CA HIS D 263 21.94 0.17 38.80
C HIS D 263 22.11 1.48 38.03
N VAL D 264 21.01 1.97 37.46
CA VAL D 264 21.04 3.22 36.72
C VAL D 264 21.15 4.37 37.71
N VAL D 265 20.34 4.29 38.76
CA VAL D 265 20.35 5.31 39.80
C VAL D 265 21.73 5.39 40.43
N GLU D 266 22.25 4.23 40.83
CA GLU D 266 23.57 4.14 41.45
C GLU D 266 24.64 4.88 40.66
N TYR D 267 24.71 4.61 39.36
CA TYR D 267 25.69 5.24 38.50
C TYR D 267 25.53 6.76 38.49
N LEU D 268 24.33 7.23 38.19
CA LEU D 268 24.05 8.67 38.15
C LEU D 268 24.45 9.36 39.46
N ALA D 269 24.27 8.65 40.57
CA ALA D 269 24.60 9.19 41.89
C ALA D 269 26.10 9.37 42.10
N SER D 270 26.90 8.53 41.44
CA SER D 270 28.35 8.61 41.58
C SER D 270 28.96 9.81 40.86
N LEU D 271 28.35 10.19 39.74
CA LEU D 271 28.83 11.32 38.94
C LEU D 271 28.88 12.58 39.79
N ARG D 272 29.97 13.35 39.65
CA ARG D 272 30.10 14.57 40.43
C ARG D 272 30.25 15.84 39.59
N ASP D 273 30.43 15.67 38.28
CA ASP D 273 30.56 16.81 37.37
C ASP D 273 29.18 17.18 36.84
N PRO D 274 28.75 18.43 37.06
CA PRO D 274 27.43 18.89 36.60
C PRO D 274 27.17 18.60 35.12
N SER D 275 28.17 18.87 34.29
CA SER D 275 28.04 18.67 32.85
C SER D 275 27.89 17.21 32.45
N VAL D 276 28.70 16.34 33.04
CA VAL D 276 28.66 14.92 32.72
C VAL D 276 27.39 14.24 33.23
N PHE D 277 26.84 14.76 34.32
CA PHE D 277 25.62 14.19 34.91
C PHE D 277 24.40 14.38 34.01
N ALA D 278 24.19 15.61 33.56
CA ALA D 278 23.06 15.92 32.70
C ALA D 278 23.04 15.00 31.47
N PHE D 279 24.16 14.98 30.76
CA PHE D 279 24.30 14.17 29.56
C PHE D 279 24.04 12.69 29.82
N SER D 280 24.23 12.27 31.07
CA SER D 280 24.02 10.86 31.43
C SER D 280 22.70 10.61 32.15
N ALA D 281 22.04 11.68 32.59
CA ALA D 281 20.78 11.55 33.31
C ALA D 281 19.55 11.69 32.41
N ILE D 282 19.60 12.63 31.47
CA ILE D 282 18.48 12.87 30.58
C ILE D 282 18.06 11.62 29.80
N PRO D 283 19.00 10.99 29.07
CA PRO D 283 18.63 9.79 28.30
C PRO D 283 17.92 8.76 29.18
N GLN D 284 18.45 8.56 30.39
CA GLN D 284 17.88 7.61 31.32
C GLN D 284 16.47 8.00 31.72
N VAL D 285 16.29 9.27 32.11
CA VAL D 285 14.98 9.76 32.50
C VAL D 285 14.02 9.66 31.33
N MET D 286 14.50 10.03 30.15
CA MET D 286 13.69 9.96 28.93
C MET D 286 13.24 8.53 28.71
N ALA D 287 14.14 7.59 29.00
CA ALA D 287 13.84 6.17 28.85
C ALA D 287 12.78 5.73 29.84
N MET D 288 13.01 6.03 31.12
CA MET D 288 12.06 5.66 32.16
C MET D 288 10.68 6.22 31.86
N ALA D 289 10.64 7.42 31.27
CA ALA D 289 9.38 8.06 30.94
C ALA D 289 8.69 7.27 29.82
N THR D 290 9.47 6.93 28.80
CA THR D 290 8.95 6.17 27.66
C THR D 290 8.50 4.79 28.12
N LEU D 291 9.35 4.13 28.89
CA LEU D 291 9.05 2.79 29.40
C LEU D 291 7.78 2.82 30.24
N SER D 292 7.56 3.90 30.98
CA SER D 292 6.39 4.03 31.83
C SER D 292 5.15 4.35 30.99
N LEU D 293 5.33 4.44 29.68
CA LEU D 293 4.23 4.75 28.78
C LEU D 293 3.88 3.54 27.91
N VAL D 294 4.91 2.84 27.43
CA VAL D 294 4.70 1.66 26.60
C VAL D 294 4.18 0.49 27.43
N PHE D 295 4.49 0.51 28.72
CA PHE D 295 4.06 -0.55 29.62
C PHE D 295 2.56 -0.76 29.57
N ASN D 296 2.15 -2.01 29.39
CA ASN D 296 0.74 -2.38 29.35
C ASN D 296 -0.02 -1.55 28.32
N ASN D 297 0.64 -1.26 27.20
CA ASN D 297 0.03 -0.48 26.13
C ASN D 297 0.04 -1.28 24.83
N LYS D 298 -1.12 -1.39 24.19
CA LYS D 298 -1.25 -2.14 22.95
C LYS D 298 -0.80 -1.29 21.76
N ASP D 299 -0.99 0.02 21.89
CA ASP D 299 -0.64 0.98 20.85
C ASP D 299 0.77 0.74 20.31
N VAL D 300 1.58 0.05 21.08
CA VAL D 300 2.97 -0.24 20.70
C VAL D 300 3.06 -1.17 19.47
N PHE D 301 1.95 -1.79 19.11
CA PHE D 301 1.94 -2.71 17.97
C PHE D 301 1.38 -2.15 16.67
N HIS D 302 1.18 -0.83 16.61
CA HIS D 302 0.67 -0.21 15.40
C HIS D 302 1.03 1.26 15.26
N THR D 303 2.06 1.67 15.99
CA THR D 303 2.56 3.05 15.97
C THR D 303 3.58 3.27 17.09
N LYS D 304 4.47 4.23 16.87
CA LYS D 304 5.49 4.55 17.86
C LYS D 304 4.91 5.32 19.03
N VAL D 305 5.23 4.90 20.25
CA VAL D 305 4.76 5.57 21.45
C VAL D 305 5.89 6.44 21.97
N LYS D 306 5.64 7.75 22.08
CA LYS D 306 6.65 8.68 22.56
C LYS D 306 6.07 9.72 23.51
N THR D 307 6.94 10.32 24.31
CA THR D 307 6.55 11.34 25.27
C THR D 307 6.11 12.60 24.56
N THR D 308 5.16 13.32 25.14
CA THR D 308 4.67 14.56 24.56
C THR D 308 5.80 15.58 24.59
N ARG D 309 5.73 16.60 23.74
CA ARG D 309 6.78 17.61 23.69
C ARG D 309 6.96 18.30 25.03
N GLY D 310 5.85 18.56 25.71
CA GLY D 310 5.91 19.23 27.00
C GLY D 310 6.59 18.37 28.05
N ALA D 311 6.36 17.06 27.99
CA ALA D 311 6.95 16.14 28.95
C ALA D 311 8.46 16.07 28.78
N THR D 312 8.90 15.89 27.53
CA THR D 312 10.32 15.81 27.25
C THR D 312 11.01 17.15 27.48
N ALA D 313 10.23 18.23 27.41
CA ALA D 313 10.76 19.56 27.65
C ALA D 313 11.14 19.71 29.12
N ARG D 314 10.33 19.10 29.99
CA ARG D 314 10.59 19.17 31.43
C ARG D 314 11.75 18.26 31.80
N ILE D 315 11.92 17.18 31.04
CA ILE D 315 13.00 16.24 31.31
C ILE D 315 14.36 16.90 31.12
N PHE D 316 14.56 17.57 29.99
CA PHE D 316 15.83 18.25 29.73
C PHE D 316 16.06 19.36 30.74
N HIS D 317 14.98 20.02 31.12
CA HIS D 317 15.04 21.14 32.06
C HIS D 317 15.40 20.79 33.51
N TYR D 318 14.83 19.71 34.03
CA TYR D 318 15.08 19.32 35.42
C TYR D 318 16.16 18.30 35.67
N SER D 319 16.47 17.47 34.67
CA SER D 319 17.49 16.44 34.84
C SER D 319 18.91 17.00 34.83
N THR D 320 19.14 18.08 35.57
CA THR D 320 20.45 18.70 35.64
C THR D 320 21.21 18.27 36.89
N GLU D 321 20.49 18.12 38.00
CA GLU D 321 21.11 17.69 39.25
C GLU D 321 20.47 16.39 39.72
N LEU D 322 21.13 15.71 40.65
CA LEU D 322 20.65 14.43 41.17
C LEU D 322 19.23 14.40 41.74
N GLN D 323 18.99 15.17 42.79
CA GLN D 323 17.68 15.20 43.42
C GLN D 323 16.51 15.34 42.47
N ALA D 324 16.55 16.35 41.60
CA ALA D 324 15.48 16.56 40.63
C ALA D 324 15.31 15.33 39.75
N THR D 325 16.44 14.76 39.33
CA THR D 325 16.44 13.58 38.48
C THR D 325 15.75 12.40 39.16
N LEU D 326 16.21 12.07 40.37
CA LEU D 326 15.67 10.96 41.13
C LEU D 326 14.17 11.09 41.36
N GLN D 327 13.68 12.32 41.39
CA GLN D 327 12.26 12.56 41.61
C GLN D 327 11.41 12.30 40.37
N MET D 328 11.92 12.69 39.21
CA MET D 328 11.19 12.45 37.97
C MET D 328 11.19 10.95 37.71
N LEU D 329 12.35 10.32 37.85
CA LEU D 329 12.45 8.88 37.65
C LEU D 329 11.37 8.22 38.49
N LYS D 330 11.37 8.54 39.78
CA LYS D 330 10.39 7.99 40.70
C LYS D 330 8.98 8.21 40.19
N THR D 331 8.66 9.46 39.85
CA THR D 331 7.33 9.79 39.33
C THR D 331 6.95 8.86 38.18
N TYR D 332 7.85 8.73 37.21
CA TYR D 332 7.60 7.88 36.06
C TYR D 332 7.51 6.41 36.46
N THR D 333 8.30 6.01 37.46
CA THR D 333 8.27 4.63 37.92
C THR D 333 6.96 4.35 38.64
N LEU D 334 6.30 5.42 39.10
CA LEU D 334 5.03 5.30 39.80
C LEU D 334 3.84 5.47 38.87
N ARG D 335 4.10 5.55 37.57
CA ARG D 335 3.05 5.68 36.57
C ARG D 335 2.98 4.34 35.86
N LEU D 336 4.09 3.62 35.90
CA LEU D 336 4.19 2.31 35.27
C LEU D 336 3.52 1.29 36.17
N ALA D 337 3.43 1.62 37.46
CA ALA D 337 2.81 0.73 38.44
C ALA D 337 1.32 1.04 38.55
N ALA D 338 0.92 2.19 38.01
CA ALA D 338 -0.47 2.62 38.06
C ALA D 338 -1.31 2.00 36.94
N ARG D 339 -0.65 1.48 35.91
CA ARG D 339 -1.34 0.89 34.77
C ARG D 339 -1.81 -0.54 35.03
N MET D 340 -1.13 -1.24 35.92
CA MET D 340 -1.46 -2.62 36.25
C MET D 340 -2.39 -2.78 37.44
N ASN D 341 -3.02 -3.95 37.52
CA ASN D 341 -3.93 -4.27 38.62
C ASN D 341 -3.67 -5.71 39.06
N ALA D 342 -4.44 -6.18 40.04
CA ALA D 342 -4.28 -7.54 40.56
C ALA D 342 -4.40 -8.62 39.49
N GLN D 343 -5.32 -8.43 38.55
CA GLN D 343 -5.55 -9.39 37.47
C GLN D 343 -4.36 -9.65 36.57
N ASP D 344 -3.35 -8.77 36.61
CA ASP D 344 -2.18 -8.93 35.76
C ASP D 344 -1.26 -10.08 36.16
N ALA D 345 -0.65 -10.71 35.16
CA ALA D 345 0.26 -11.84 35.37
C ALA D 345 1.62 -11.43 35.92
N CYS D 346 1.99 -10.17 35.76
CA CYS D 346 3.27 -9.68 36.26
C CYS D 346 3.07 -8.62 37.34
N TYR D 347 1.83 -8.47 37.78
CA TYR D 347 1.49 -7.50 38.81
C TYR D 347 2.33 -7.66 40.08
N ASP D 348 1.96 -8.64 40.90
CA ASP D 348 2.67 -8.88 42.15
C ASP D 348 4.18 -8.94 41.93
N ARG D 349 4.58 -9.23 40.70
CA ARG D 349 5.98 -9.29 40.35
C ARG D 349 6.56 -7.89 40.22
N ILE D 350 6.01 -7.12 39.29
CA ILE D 350 6.47 -5.76 39.05
C ILE D 350 6.49 -4.92 40.31
N GLU D 351 5.54 -5.12 41.21
CA GLU D 351 5.52 -4.35 42.45
C GLU D 351 6.86 -4.59 43.13
N HIS D 352 7.43 -5.76 42.88
CA HIS D 352 8.72 -6.13 43.45
C HIS D 352 9.81 -5.34 42.74
N LEU D 353 9.80 -5.40 41.41
CA LEU D 353 10.78 -4.68 40.60
C LEU D 353 10.66 -3.18 40.80
N VAL D 354 9.42 -2.69 40.89
CA VAL D 354 9.18 -1.27 41.10
C VAL D 354 9.79 -0.82 42.43
N ASN D 355 9.77 -1.71 43.41
CA ASN D 355 10.33 -1.41 44.72
C ASN D 355 11.85 -1.26 44.63
N ASP D 356 12.52 -2.33 44.21
CA ASP D 356 13.97 -2.32 44.06
C ASP D 356 14.42 -1.02 43.42
N ALA D 357 13.59 -0.48 42.54
CA ALA D 357 13.89 0.77 41.85
C ALA D 357 13.77 1.96 42.80
N ILE D 358 12.57 2.16 43.33
CA ILE D 358 12.31 3.26 44.26
C ILE D 358 13.31 3.22 45.42
N ARG D 359 13.50 2.04 45.99
CA ARG D 359 14.42 1.85 47.10
C ARG D 359 15.74 2.56 46.81
N ALA D 360 16.32 2.24 45.66
CA ALA D 360 17.59 2.83 45.24
C ALA D 360 17.48 4.33 45.16
N MET D 361 16.45 4.82 44.48
CA MET D 361 16.23 6.24 44.33
C MET D 361 16.05 6.89 45.70
N GLU D 362 15.33 6.19 46.57
CA GLU D 362 15.06 6.67 47.92
C GLU D 362 16.25 6.62 48.87
N SER D 363 17.28 5.87 48.49
CA SER D 363 18.48 5.75 49.33
C SER D 363 19.53 6.78 48.98
N HIS D 364 19.14 7.77 48.17
CA HIS D 364 20.05 8.83 47.77
C HIS D 364 19.42 10.19 48.01
N GLN D 365 18.29 10.17 48.73
CA GLN D 365 17.55 11.38 49.05
C GLN D 365 17.68 11.72 50.54
#